data_8DIT
#
_entry.id   8DIT
#
loop_
_entity.id
_entity.type
_entity.pdbx_description
1 polymer 'Vacuolar protein sorting-associated protein 33'
2 polymer 'Vacuolar protein sorting-associated protein 16'
3 polymer 'Vacuolar protein sorting-associated protein 18'
#
loop_
_entity_poly.entity_id
_entity_poly.type
_entity_poly.pdbx_seq_one_letter_code
_entity_poly.pdbx_strand_id
1 'polypeptide(L)'
;MKHHHHHHHGAAGTSLYKKAGENLYFQGSMAPRAGFDAEQVRDKARKDLLHLLEGVRGKKNLVIEKDLAGPLGVIVKAST
LRDYGVDNFFFLENKNTGTSQRNIVFIARGESVRNAHAIAAQIKRIQRESQTSHDFHIFWVPRRTLFSDKVLEEAGVLGD
ANISELPLYFFPLERDVLSLELNDSFRDLYLAKDPTPVFLLSRALMGIQKKHGLFPRIIGKGENAKRVADLLSRMRQELL
AGEEAGESDRAGLSPSTTIESVIIIDREVDFVTPLLTQLTYEGLIDEYFGIQNNQTDVDAVIVGAPAQSAASTSTAVPTN
SSQSRKRKIQLDGSDSLYSQLRDANFAIVGSLLNTVARRLKSDYESRHNTKTTAELKEFVKKLPGYQAEQQSLKIHSNIA
EEIINYTRTEIFNKLLEVQQNLAAGADPSSQFDSIEELVARDTPLPQVLRLLCLYSCISGGIKTKELDHFRRLVLQGYGH
QHLLTLHNLERLQMFLSKSSPLASMITMSGSSGGPDQKTNYTYLRKQLRLIVDEVNEQDPNDIAYVYSGYAPLSIRLVQC
VLQKQYLLSITKGSGTVIAAGPVAGGGAQGWKGFEEIVKHARGPTFDEIQKGEDKAVKARALLSGSSGDKKTVFVVFVGG
ITFTEIAALRFIAKQEEARRNIVICTTSIINGNRMMNAAIETATFEKTTVTTAAAQ
;
A
2 'polypeptide(L)'
;MDTAHPTASWEQLGERFYRKIQLYTQVFDQDFDLDNYIVTGAPYGGAIALYRDDEKLVAYQPSRSSRPTIDICSLSGKLL
RRISWDQGPIKGVGWSEDEKLLIVMVDGTVRCYFDLQSEFTQFSLGHGAEEHGVKSCRFYSHGLVALLGNNALVSVSSYD
EPRPKLLASPPEGRVYSWNIIPPAYSLSRSVEVLLSVNQTIYVCDASECEDRFLDIGPFSHIAVSPNGRFCALYTTTGKV
HVITSDFQSRLSEHDTKSKIAPNYFEWCGNDAVVIAWDDEVHLVGPSGSLARFFYDSGRIHLIPDFDGVRILANDRCDFL
QKVPDVIEEVFGLGADSPASILLDAVEQLEMKSPKADDNIQLIRPHLVEAVDTCVSAAGQEFSIHWQKQLLKAASFGKSV
LDIYNSDDFVDMCETLRVLNAVRFYEVGLPLSYEQYQRLSPSGLISRLLNRHEYLLAIRIADHLRLPTDKIHVHWASAKV
RLGSEDDDTICRKIVEKLSGKPGISFEVIARTAYEEGRTRLATELLNHEPRAGRQVPLLLSMEEDELALDKAIESGDTDL
IYFVIHQLRRKLPLASFFRVVSSRPTASAMVEALARNSDGDGNEDTALLKDLYYQDDRRLDGASVFIREALQQPETRTAS
DKLDLAANLLQGNQKEHVFELGALKEAKMLLRMQETFERDLTDSFVGLSVNQTMFKLIKLGYHGRAKKIQSEFKVPERVA
WWIRLQALVAKRDWNEIEEISRQRKSPIGWEPFFNQVLQAGNPRLAATFIPKCTNLEPGQTITMYEKCGMRVKAAEEAVR
LKDTEAWNRLLEAAGRNTAEGREIERLGATVFKK
;
B
3 'polypeptide(L)'
;MALDLSSGFAAADAIANLQLADATLPIFEVLPVQLQFSVAADFVAGQAANNVLVIALSNGRILRIDLNKPEDIDDIDLPK
KPSEVGVIRRMFLDPTASHLIICTSLGENYYLHSQSRQPRPLARLRGVVIESIAWSPALPTQSTREILIGAADGNIYEAY
IETSTEFYRREDKYLKLVQKLPDGPITGLWADSLPGHKDTRRVLVATSSRLFHWVGKIGRGHDSGGGASIYDKLFEAEQP
TVHALSGASAAAMSMLVVSPDAEQPSPRFREDEVPERAFAWLSSHGVYHGKLLLKGPLSELGAKVFAEAKLLPRAQLANP
EGASRRQLSTEYVDAVALTQWHIVSLVAGRVVIANRLTGSIIYDQTILNPGQKAVGLCVDQQKSTFWLFTPQEIFEIVPR
DEDRDIWKIMLQLQQFDAALQYAHTPAEKDAVAIASGDHLVSKGQFLEAAAVYGKSSKPFEEVALTFIDNEQPDALRKYL
LTKLGTYKKSAVMQRVMIATWLIEVFMAKLNSLDDTIITGAELSETLNPNQTKEQLEAVRAEFQDFINKHKGDLDRKTVY
DVIGSHGREEELLYYANAINDYNYVLSYWVQRERWTEALKVLKKQTDPEVFYRYSSVLMTHAATELVEILMRQSNLNPRN
LIPAMLEYDRNYKGPLAQNQAVRYLLYVVNQLGSTDSAVHNTLVSIYASHPSKDESALLEYLESQGEEPNYDPDFALRLC
IQHRRVLSCAHIYTSMGQYGAAVDLALAHDEVELASIIADRPISNPQLRKKLWLKVAKKVISQQSDGIKTAIDFLRRCDL
LKIEDLIPFFPDFVVIDDFKEEICAALEDYSRNIDALRREMDEASQTAANIKVDIAALDKRYAIVEPGEKCYACGLPLLS
RQFFVFPCQHAFHSDCLARRVLEQAPPAKARRIKECQVQISKGLVNGEKREAMIAELDALIASACDYAIRRINEPFIKDD
DDKDEWAL
;
C
#
# COMPACT_ATOMS: atom_id res chain seq x y z
N ALA A 38 16.71 -8.37 7.19
CA ALA A 38 15.94 -7.86 6.05
C ALA A 38 14.51 -7.48 6.44
N GLU A 39 13.95 -8.12 7.47
CA GLU A 39 12.56 -7.96 7.87
C GLU A 39 12.27 -6.56 8.41
N GLN A 40 13.33 -5.84 8.79
CA GLN A 40 13.20 -4.51 9.36
C GLN A 40 12.70 -3.49 8.34
N VAL A 41 12.76 -3.83 7.05
CA VAL A 41 12.33 -2.89 6.02
C VAL A 41 10.85 -3.06 5.73
N ARG A 42 10.26 -4.12 6.28
CA ARG A 42 8.85 -4.41 6.04
C ARG A 42 7.99 -3.29 6.59
N ASP A 43 8.37 -2.73 7.72
CA ASP A 43 7.61 -1.66 8.34
C ASP A 43 7.67 -0.41 7.48
N LYS A 44 8.82 -0.16 6.89
CA LYS A 44 9.00 1.01 6.03
C LYS A 44 8.18 0.88 4.76
N ALA A 45 8.22 -0.30 4.15
CA ALA A 45 7.46 -0.54 2.94
C ALA A 45 5.97 -0.43 3.21
N ARG A 46 5.53 -0.97 4.35
CA ARG A 46 4.14 -0.88 4.74
C ARG A 46 3.77 0.56 5.07
N LYS A 47 4.66 1.26 5.75
CA LYS A 47 4.43 2.65 6.16
C LYS A 47 4.01 3.52 4.99
N ASP A 48 4.75 3.46 3.90
CA ASP A 48 4.47 4.34 2.77
C ASP A 48 3.26 3.88 1.96
N LEU A 49 3.12 2.56 1.80
CA LEU A 49 1.99 2.01 1.06
C LEU A 49 0.67 2.33 1.75
N LEU A 50 0.63 2.10 3.06
CA LEU A 50 -0.57 2.27 3.82
C LEU A 50 -0.86 3.74 4.12
N HIS A 51 0.19 4.54 4.25
CA HIS A 51 0.04 5.97 4.46
C HIS A 51 -0.74 6.63 3.32
N LEU A 52 -0.32 6.36 2.09
CA LEU A 52 -0.98 6.97 0.94
C LEU A 52 -2.42 6.53 0.83
N LEU A 53 -2.69 5.26 1.15
CA LEU A 53 -4.05 4.74 1.11
C LEU A 53 -4.93 5.42 2.15
N GLU A 54 -4.36 5.67 3.33
CA GLU A 54 -5.09 6.35 4.40
C GLU A 54 -5.46 7.78 4.00
N GLY A 55 -4.64 8.37 3.13
CA GLY A 55 -4.88 9.72 2.65
C GLY A 55 -6.12 9.82 1.75
N VAL A 56 -6.64 8.67 1.32
CA VAL A 56 -7.82 8.63 0.47
C VAL A 56 -9.08 8.49 1.32
N ARG A 57 -9.96 9.48 1.23
CA ARG A 57 -11.15 9.51 2.10
C ARG A 57 -12.30 8.71 1.52
N GLY A 58 -13.02 8.02 2.40
CA GLY A 58 -14.15 7.20 2.00
C GLY A 58 -13.69 5.83 1.53
N LYS A 59 -14.61 5.07 0.94
CA LYS A 59 -14.28 3.74 0.46
C LYS A 59 -13.66 3.82 -0.94
N LYS A 60 -12.74 2.91 -1.23
CA LYS A 60 -12.02 2.96 -2.49
C LYS A 60 -11.80 1.58 -3.10
N ASN A 61 -11.65 1.57 -4.41
CA ASN A 61 -11.25 0.36 -5.13
C ASN A 61 -9.78 0.45 -5.46
N LEU A 62 -9.06 -0.65 -5.33
CA LEU A 62 -7.61 -0.62 -5.50
C LEU A 62 -7.18 -1.41 -6.73
N VAL A 63 -6.42 -0.76 -7.61
CA VAL A 63 -5.94 -1.39 -8.83
C VAL A 63 -4.44 -1.65 -8.73
N ILE A 64 -4.05 -2.92 -8.81
CA ILE A 64 -2.64 -3.27 -8.61
C ILE A 64 -2.03 -3.94 -9.83
N GLU A 65 -0.87 -3.44 -10.25
CA GLU A 65 -0.10 -4.06 -11.32
C GLU A 65 0.27 -5.50 -10.94
N LYS A 66 0.03 -6.45 -11.85
CA LYS A 66 0.23 -7.86 -11.52
C LYS A 66 1.69 -8.19 -11.25
N ASP A 67 2.58 -7.42 -11.88
CA ASP A 67 4.01 -7.66 -11.75
C ASP A 67 4.58 -6.95 -10.54
N LEU A 68 3.72 -6.24 -9.83
CA LEU A 68 4.09 -5.54 -8.60
C LEU A 68 3.31 -6.10 -7.43
N ALA A 69 2.16 -6.69 -7.73
CA ALA A 69 1.26 -7.22 -6.71
C ALA A 69 1.96 -8.26 -5.85
N GLY A 70 2.82 -9.07 -6.45
CA GLY A 70 3.55 -10.09 -5.72
C GLY A 70 4.34 -9.49 -4.56
N PRO A 71 5.34 -8.65 -4.87
CA PRO A 71 6.16 -7.88 -3.96
C PRO A 71 5.32 -7.12 -2.92
N LEU A 72 4.17 -6.60 -3.36
CA LEU A 72 3.28 -5.93 -2.42
C LEU A 72 2.65 -6.92 -1.45
N GLY A 73 2.28 -8.10 -1.96
CA GLY A 73 1.69 -9.16 -1.14
C GLY A 73 2.67 -9.65 -0.07
N VAL A 74 3.96 -9.47 -0.33
CA VAL A 74 5.00 -9.81 0.62
C VAL A 74 4.94 -8.93 1.86
N ILE A 75 4.62 -7.65 1.66
CA ILE A 75 4.63 -6.70 2.77
C ILE A 75 3.25 -6.54 3.42
N VAL A 76 2.18 -6.54 2.63
CA VAL A 76 0.82 -6.41 3.15
C VAL A 76 -0.09 -7.51 2.63
N LYS A 77 -1.14 -7.80 3.39
CA LYS A 77 -2.17 -8.73 2.95
C LYS A 77 -3.38 -7.96 2.44
N ALA A 78 -4.24 -8.64 1.69
CA ALA A 78 -5.45 -7.99 1.21
C ALA A 78 -6.25 -7.45 2.39
N SER A 79 -6.21 -8.16 3.52
CA SER A 79 -6.93 -7.72 4.70
C SER A 79 -6.31 -6.48 5.30
N THR A 80 -5.01 -6.31 5.10
CA THR A 80 -4.30 -5.14 5.57
C THR A 80 -4.80 -3.93 4.81
N LEU A 81 -5.06 -4.14 3.52
CA LEU A 81 -5.53 -3.08 2.64
C LEU A 81 -7.02 -2.82 2.82
N ARG A 82 -7.80 -3.88 3.09
CA ARG A 82 -9.23 -3.74 3.33
C ARG A 82 -9.50 -2.96 4.61
N ASP A 83 -8.57 -3.04 5.55
CA ASP A 83 -8.68 -2.33 6.82
C ASP A 83 -8.54 -0.83 6.63
N TYR A 84 -8.07 -0.42 5.44
CA TYR A 84 -7.90 0.98 5.12
C TYR A 84 -9.01 1.47 4.21
N GLY A 85 -10.04 0.66 4.04
CA GLY A 85 -11.19 1.07 3.24
C GLY A 85 -11.16 0.56 1.80
N VAL A 86 -10.23 -0.33 1.48
CA VAL A 86 -10.20 -0.91 0.14
C VAL A 86 -11.27 -1.97 0.00
N ASP A 87 -12.06 -1.87 -1.07
CA ASP A 87 -13.16 -2.80 -1.28
C ASP A 87 -12.80 -3.86 -2.32
N ASN A 88 -12.85 -3.51 -3.59
CA ASN A 88 -12.51 -4.45 -4.64
C ASN A 88 -11.05 -4.34 -5.04
N PHE A 89 -10.51 -5.43 -5.56
CA PHE A 89 -9.14 -5.46 -6.03
C PHE A 89 -9.10 -5.76 -7.52
N PHE A 90 -8.55 -4.82 -8.27
CA PHE A 90 -8.51 -4.89 -9.73
C PHE A 90 -7.09 -4.96 -10.24
N PHE A 91 -6.93 -5.37 -11.50
CA PHE A 91 -5.62 -5.41 -12.14
C PHE A 91 -5.62 -4.62 -13.44
N LEU A 92 -4.46 -4.06 -13.79
CA LEU A 92 -4.31 -3.22 -14.96
C LEU A 92 -4.24 -4.04 -16.26
N GLU A 93 -3.55 -5.17 -16.21
CA GLU A 93 -3.25 -5.93 -17.41
C GLU A 93 -4.50 -6.47 -18.09
N ASN A 94 -5.49 -6.86 -17.31
CA ASN A 94 -6.71 -7.41 -17.86
C ASN A 94 -7.82 -6.37 -17.94
N LYS A 95 -7.46 -5.10 -17.77
CA LYS A 95 -8.41 -4.00 -17.86
C LYS A 95 -9.63 -4.22 -16.96
N ASN A 96 -9.38 -4.64 -15.73
CA ASN A 96 -10.48 -4.89 -14.80
C ASN A 96 -10.86 -3.60 -14.09
N THR A 97 -12.10 -3.15 -14.33
CA THR A 97 -12.59 -1.87 -13.84
C THR A 97 -13.94 -2.00 -13.15
N GLY A 98 -14.35 -0.94 -12.47
CA GLY A 98 -15.68 -0.88 -11.88
C GLY A 98 -16.02 0.52 -11.39
N THR A 99 -17.29 0.74 -11.06
CA THR A 99 -17.78 2.04 -10.64
C THR A 99 -18.36 1.99 -9.23
N SER A 100 -18.06 0.93 -8.50
CA SER A 100 -18.67 0.66 -7.20
C SER A 100 -18.22 1.59 -6.08
N GLN A 101 -17.10 2.28 -6.26
CA GLN A 101 -16.58 3.14 -5.20
C GLN A 101 -16.25 4.54 -5.69
N ARG A 102 -16.36 5.51 -4.78
CA ARG A 102 -16.09 6.91 -5.07
C ARG A 102 -14.61 7.17 -5.38
N ASN A 103 -13.73 6.46 -4.70
CA ASN A 103 -12.30 6.67 -4.88
C ASN A 103 -11.64 5.47 -5.56
N ILE A 104 -10.88 5.73 -6.61
CA ILE A 104 -10.16 4.68 -7.31
C ILE A 104 -8.65 4.90 -7.20
N VAL A 105 -7.95 3.90 -6.67
CA VAL A 105 -6.52 4.04 -6.38
C VAL A 105 -5.68 3.08 -7.19
N PHE A 106 -4.65 3.59 -7.87
CA PHE A 106 -3.77 2.77 -8.69
C PHE A 106 -2.37 2.65 -8.10
N ILE A 107 -1.83 1.43 -8.09
CA ILE A 107 -0.44 1.21 -7.69
C ILE A 107 0.33 0.49 -8.80
N ALA A 108 1.40 1.13 -9.30
CA ALA A 108 2.15 0.54 -10.40
C ALA A 108 3.56 1.12 -10.50
N ARG A 109 4.44 0.39 -11.20
CA ARG A 109 5.79 0.87 -11.51
C ARG A 109 5.77 1.92 -12.62
N GLY A 110 6.54 2.99 -12.45
CA GLY A 110 6.55 4.10 -13.39
C GLY A 110 7.73 4.03 -14.34
N GLU A 111 8.40 2.88 -14.39
CA GLU A 111 9.57 2.70 -15.22
C GLU A 111 9.18 2.22 -16.62
N SER A 112 7.88 2.11 -16.85
CA SER A 112 7.34 1.66 -18.13
C SER A 112 6.02 2.36 -18.43
N VAL A 113 5.78 2.63 -19.72
CA VAL A 113 4.55 3.30 -20.14
C VAL A 113 3.34 2.39 -20.00
N ARG A 114 3.57 1.09 -19.94
CA ARG A 114 2.48 0.12 -19.89
C ARG A 114 1.48 0.50 -18.82
N ASN A 115 1.98 0.91 -17.66
CA ASN A 115 1.13 1.19 -16.53
C ASN A 115 0.44 2.55 -16.67
N ALA A 116 1.14 3.52 -17.24
CA ALA A 116 0.54 4.83 -17.45
C ALA A 116 -0.62 4.72 -18.41
N HIS A 117 -0.46 3.87 -19.43
CA HIS A 117 -1.51 3.66 -20.42
C HIS A 117 -2.68 2.88 -19.84
N ALA A 118 -2.38 1.79 -19.13
CA ALA A 118 -3.41 0.96 -18.54
C ALA A 118 -4.22 1.75 -17.52
N ILE A 119 -3.54 2.58 -16.73
CA ILE A 119 -4.22 3.40 -15.74
C ILE A 119 -5.13 4.41 -16.41
N ALA A 120 -4.62 5.11 -17.41
CA ALA A 120 -5.41 6.08 -18.13
C ALA A 120 -6.60 5.41 -18.81
N ALA A 121 -6.39 4.22 -19.34
CA ALA A 121 -7.45 3.48 -20.02
C ALA A 121 -8.58 3.14 -19.04
N GLN A 122 -8.23 2.70 -17.84
CA GLN A 122 -9.23 2.36 -16.85
C GLN A 122 -9.96 3.61 -16.37
N ILE A 123 -9.22 4.71 -16.24
CA ILE A 123 -9.82 5.96 -15.81
C ILE A 123 -10.86 6.44 -16.80
N LYS A 124 -10.53 6.38 -18.09
CA LYS A 124 -11.47 6.83 -19.11
C LYS A 124 -12.75 5.99 -19.09
N ARG A 125 -12.59 4.67 -18.91
CA ARG A 125 -13.75 3.79 -18.87
C ARG A 125 -14.60 3.98 -17.61
N ILE A 126 -13.93 4.21 -16.48
CA ILE A 126 -14.63 4.39 -15.23
C ILE A 126 -15.42 5.69 -15.23
N GLN A 127 -14.84 6.76 -15.77
CA GLN A 127 -15.52 8.04 -15.81
C GLN A 127 -16.75 7.98 -16.71
N ARG A 128 -16.65 7.22 -17.80
CA ARG A 128 -17.76 7.10 -18.74
C ARG A 128 -18.97 6.38 -18.13
N GLU A 129 -18.70 5.38 -17.29
CA GLU A 129 -19.77 4.59 -16.70
C GLU A 129 -20.18 5.07 -15.30
N SER A 130 -19.24 5.69 -14.57
CA SER A 130 -19.49 6.07 -13.19
C SER A 130 -20.56 7.14 -13.05
N GLN A 131 -21.37 7.00 -12.00
CA GLN A 131 -22.40 7.96 -11.69
C GLN A 131 -22.00 8.84 -10.51
N THR A 132 -20.76 8.71 -10.07
CA THR A 132 -20.25 9.45 -8.91
C THR A 132 -19.01 10.24 -9.26
N SER A 133 -18.44 10.92 -8.27
CA SER A 133 -17.33 11.84 -8.49
C SER A 133 -16.06 11.13 -9.00
N HIS A 134 -15.95 9.85 -8.71
CA HIS A 134 -14.87 9.01 -9.24
C HIS A 134 -13.48 9.65 -9.10
N ASP A 135 -13.14 10.09 -7.90
CA ASP A 135 -11.81 10.65 -7.68
C ASP A 135 -10.75 9.58 -7.91
N PHE A 136 -9.67 9.95 -8.58
CA PHE A 136 -8.61 8.99 -8.90
C PHE A 136 -7.31 9.34 -8.21
N HIS A 137 -6.61 8.32 -7.72
CA HIS A 137 -5.34 8.49 -7.03
C HIS A 137 -4.30 7.52 -7.60
N ILE A 138 -3.12 8.02 -7.95
CA ILE A 138 -2.09 7.18 -8.56
C ILE A 138 -0.79 7.20 -7.77
N PHE A 139 -0.33 6.02 -7.37
CA PHE A 139 0.87 5.88 -6.56
C PHE A 139 2.02 5.29 -7.39
N TRP A 140 3.09 6.07 -7.56
CA TRP A 140 4.22 5.65 -8.39
C TRP A 140 5.49 5.34 -7.58
N VAL A 141 6.53 4.94 -8.31
CA VAL A 141 7.85 4.64 -7.77
C VAL A 141 8.39 5.81 -6.94
N PRO A 142 9.47 5.65 -6.17
CA PRO A 142 10.02 6.61 -5.22
C PRO A 142 10.16 7.99 -5.85
N ARG A 143 10.46 8.01 -7.14
CA ARG A 143 10.52 9.27 -7.87
C ARG A 143 9.66 9.18 -9.12
N ARG A 144 8.41 9.61 -8.99
CA ARG A 144 7.49 9.55 -10.12
C ARG A 144 8.11 10.28 -11.28
N THR A 145 8.05 9.67 -12.47
CA THR A 145 8.73 10.24 -13.62
C THR A 145 7.86 11.26 -14.33
N LEU A 146 8.50 12.19 -15.02
CA LEU A 146 7.82 13.18 -15.83
C LEU A 146 7.15 12.51 -17.02
N PHE A 147 7.79 11.46 -17.52
CA PHE A 147 7.24 10.68 -18.62
C PHE A 147 5.90 10.07 -18.23
N SER A 148 5.86 9.41 -17.09
CA SER A 148 4.63 8.77 -16.63
C SER A 148 3.53 9.81 -16.45
N ASP A 149 3.85 10.91 -15.78
CA ASP A 149 2.86 11.96 -15.56
C ASP A 149 2.42 12.59 -16.87
N LYS A 150 3.37 12.79 -17.78
CA LYS A 150 3.06 13.38 -19.08
C LYS A 150 2.09 12.49 -19.84
N VAL A 151 2.37 11.20 -19.86
CA VAL A 151 1.51 10.24 -20.55
C VAL A 151 0.12 10.22 -19.94
N LEU A 152 0.05 10.25 -18.62
CA LEU A 152 -1.23 10.30 -17.93
C LEU A 152 -2.01 11.56 -18.31
N GLU A 153 -1.33 12.70 -18.29
CA GLU A 153 -1.96 13.98 -18.61
C GLU A 153 -2.48 14.03 -20.04
N GLU A 154 -1.75 13.39 -20.95
CA GLU A 154 -2.10 13.38 -22.36
C GLU A 154 -3.43 12.67 -22.60
N ALA A 155 -3.85 11.83 -21.65
CA ALA A 155 -5.09 11.10 -21.77
C ALA A 155 -6.28 12.05 -21.81
N GLY A 156 -6.15 13.18 -21.13
CA GLY A 156 -7.20 14.20 -21.12
C GLY A 156 -8.22 13.97 -20.00
N VAL A 157 -8.10 12.83 -19.32
CA VAL A 157 -9.04 12.48 -18.26
C VAL A 157 -8.35 12.40 -16.90
N LEU A 158 -7.07 12.78 -16.87
CA LEU A 158 -6.24 12.72 -15.66
C LEU A 158 -6.02 14.10 -15.05
N GLY A 159 -6.74 15.10 -15.54
CA GLY A 159 -6.50 16.47 -15.13
C GLY A 159 -6.71 16.72 -13.64
N ASP A 160 -7.63 15.98 -13.03
CA ASP A 160 -7.92 16.13 -11.61
C ASP A 160 -7.31 15.01 -10.78
N ALA A 161 -6.43 14.22 -11.39
CA ALA A 161 -5.87 13.05 -10.72
C ALA A 161 -4.91 13.44 -9.61
N ASN A 162 -4.95 12.68 -8.52
CA ASN A 162 -4.04 12.85 -7.40
C ASN A 162 -2.85 11.93 -7.54
N ILE A 163 -1.72 12.46 -8.00
CA ILE A 163 -0.55 11.65 -8.27
C ILE A 163 0.54 11.89 -7.24
N SER A 164 1.02 10.81 -6.63
CA SER A 164 2.03 10.92 -5.56
C SER A 164 3.06 9.79 -5.62
N GLU A 165 4.20 10.03 -4.97
CA GLU A 165 5.28 9.05 -4.90
C GLU A 165 5.03 7.98 -3.84
N LEU A 166 5.31 6.74 -4.20
CA LEU A 166 5.22 5.60 -3.29
C LEU A 166 6.52 4.80 -3.25
N PRO A 167 7.46 5.22 -2.40
CA PRO A 167 8.84 4.78 -2.34
C PRO A 167 9.02 3.39 -1.74
N LEU A 168 8.58 2.37 -2.46
CA LEU A 168 8.77 0.99 -2.04
C LEU A 168 9.98 0.38 -2.74
N TYR A 169 10.91 -0.14 -1.96
CA TYR A 169 12.12 -0.75 -2.50
C TYR A 169 12.68 -1.79 -1.53
N PHE A 170 13.47 -2.71 -2.07
CA PHE A 170 14.06 -3.79 -1.27
C PHE A 170 13.00 -4.48 -0.43
N PHE A 171 12.15 -5.26 -1.08
CA PHE A 171 11.08 -5.96 -0.41
C PHE A 171 11.65 -7.13 0.42
N PRO A 172 11.09 -7.37 1.61
CA PRO A 172 11.48 -8.39 2.57
C PRO A 172 10.99 -9.76 2.15
N LEU A 173 11.54 -10.29 1.06
CA LEU A 173 11.13 -11.59 0.55
C LEU A 173 11.49 -12.69 1.54
N GLU A 174 12.60 -12.51 2.25
CA GLU A 174 13.03 -13.47 3.25
C GLU A 174 13.79 -12.75 4.36
N ARG A 175 13.88 -13.37 5.53
CA ARG A 175 14.52 -12.73 6.67
C ARG A 175 15.95 -12.28 6.35
N ASP A 176 16.66 -13.05 5.54
CA ASP A 176 18.03 -12.69 5.18
C ASP A 176 18.15 -12.08 3.79
N VAL A 177 17.03 -11.80 3.12
CA VAL A 177 17.09 -11.33 1.73
C VAL A 177 16.26 -10.08 1.46
N LEU A 178 16.91 -9.08 0.89
CA LEU A 178 16.25 -7.88 0.40
C LEU A 178 16.26 -7.83 -1.12
N SER A 179 15.07 -7.77 -1.71
CA SER A 179 14.94 -7.79 -3.17
C SER A 179 14.12 -6.63 -3.70
N LEU A 180 14.59 -6.02 -4.78
CA LEU A 180 13.83 -4.95 -5.42
C LEU A 180 12.70 -5.57 -6.25
N GLU A 181 12.80 -6.88 -6.45
CA GLU A 181 11.85 -7.65 -7.25
C GLU A 181 11.70 -7.13 -8.67
N LEU A 182 12.83 -6.76 -9.26
CA LEU A 182 12.85 -6.36 -10.66
C LEU A 182 13.07 -7.62 -11.50
N ASN A 183 12.02 -8.41 -11.62
CA ASN A 183 12.14 -9.77 -12.15
C ASN A 183 12.67 -9.81 -13.58
N ASP A 184 12.42 -8.76 -14.35
CA ASP A 184 12.90 -8.70 -15.72
C ASP A 184 14.26 -8.02 -15.81
N SER A 185 14.85 -7.70 -14.66
CA SER A 185 16.13 -7.01 -14.61
C SER A 185 17.21 -7.77 -15.35
N PHE A 186 17.34 -9.07 -15.05
CA PHE A 186 18.39 -9.88 -15.65
C PHE A 186 18.32 -9.82 -17.16
N ARG A 187 17.14 -10.03 -17.71
CA ARG A 187 16.99 -10.07 -19.16
C ARG A 187 17.25 -8.72 -19.79
N ASP A 188 16.66 -7.66 -19.26
CA ASP A 188 16.82 -6.35 -19.87
C ASP A 188 18.20 -5.77 -19.64
N LEU A 189 18.75 -5.99 -18.45
CA LEU A 189 20.05 -5.45 -18.09
C LEU A 189 21.18 -6.01 -18.93
N TYR A 190 21.04 -7.25 -19.40
CA TYR A 190 22.11 -7.83 -20.17
C TYR A 190 21.78 -8.05 -21.65
N LEU A 191 20.48 -8.14 -22.00
CA LEU A 191 20.15 -8.26 -23.42
C LEU A 191 20.24 -6.90 -24.11
N ALA A 192 19.71 -5.87 -23.46
CA ALA A 192 19.71 -4.52 -24.03
C ALA A 192 20.71 -3.63 -23.33
N LYS A 193 21.40 -4.19 -22.35
CA LYS A 193 22.31 -3.42 -21.50
C LYS A 193 21.55 -2.29 -20.82
N ASP A 194 20.31 -2.58 -20.40
CA ASP A 194 19.43 -1.59 -19.79
C ASP A 194 19.75 -1.38 -18.31
N PRO A 195 20.28 -0.20 -17.95
CA PRO A 195 20.79 0.16 -16.64
C PRO A 195 19.69 0.48 -15.63
N THR A 196 18.44 0.42 -16.05
CA THR A 196 17.33 0.74 -15.16
C THR A 196 17.52 0.15 -13.75
N PRO A 197 17.69 -1.17 -13.57
CA PRO A 197 17.91 -1.84 -12.29
C PRO A 197 19.21 -1.42 -11.60
N VAL A 198 20.16 -0.91 -12.36
CA VAL A 198 21.42 -0.44 -11.80
C VAL A 198 21.19 0.89 -11.11
N PHE A 199 20.41 1.75 -11.77
CA PHE A 199 20.05 3.05 -11.26
C PHE A 199 19.10 2.92 -10.07
N LEU A 200 18.16 1.99 -10.17
CA LEU A 200 17.20 1.75 -9.09
C LEU A 200 17.89 1.15 -7.88
N LEU A 201 18.89 0.31 -8.13
CA LEU A 201 19.61 -0.35 -7.04
C LEU A 201 20.44 0.63 -6.22
N SER A 202 21.17 1.51 -6.90
CA SER A 202 21.98 2.47 -6.18
C SER A 202 21.11 3.43 -5.38
N ARG A 203 19.93 3.73 -5.92
CA ARG A 203 18.97 4.59 -5.22
C ARG A 203 18.34 3.85 -4.05
N ALA A 204 18.01 2.58 -4.26
CA ALA A 204 17.42 1.75 -3.21
C ALA A 204 18.42 1.53 -2.07
N LEU A 205 19.70 1.38 -2.43
CA LEU A 205 20.74 1.23 -1.42
C LEU A 205 20.94 2.55 -0.68
N MET A 206 20.87 3.67 -1.41
CA MET A 206 20.92 4.97 -0.78
C MET A 206 19.75 5.11 0.17
N GLY A 207 18.62 4.53 -0.22
CA GLY A 207 17.39 4.55 0.57
C GLY A 207 17.51 3.80 1.89
N ILE A 208 18.60 3.04 2.07
CA ILE A 208 18.83 2.35 3.32
C ILE A 208 19.94 3.02 4.12
N GLN A 209 21.06 3.27 3.47
CA GLN A 209 22.22 3.85 4.16
C GLN A 209 21.95 5.30 4.56
N LYS A 210 21.02 5.97 3.90
CA LYS A 210 20.68 7.33 4.30
C LYS A 210 19.94 7.36 5.64
N LYS A 211 19.45 6.20 6.09
CA LYS A 211 18.75 6.11 7.36
C LYS A 211 19.58 5.40 8.42
N HIS A 212 20.40 4.43 8.00
CA HIS A 212 21.22 3.65 8.92
C HIS A 212 22.67 4.11 8.93
N GLY A 213 22.95 5.18 8.20
CA GLY A 213 24.29 5.74 8.10
C GLY A 213 24.97 5.27 6.82
N LEU A 214 25.88 6.08 6.30
CA LEU A 214 26.52 5.76 5.03
C LEU A 214 27.56 4.66 5.16
N PHE A 215 27.70 3.84 4.12
CA PHE A 215 28.73 2.81 4.11
C PHE A 215 30.09 3.50 4.12
N PRO A 216 30.96 3.17 5.09
CA PRO A 216 32.29 3.74 5.28
C PRO A 216 33.22 3.28 4.17
N ARG A 217 32.85 2.20 3.50
CA ARG A 217 33.61 1.68 2.36
C ARG A 217 32.68 1.10 1.31
N ILE A 218 32.96 1.42 0.05
CA ILE A 218 32.25 0.82 -1.05
C ILE A 218 33.21 0.07 -1.96
N ILE A 219 32.95 -1.22 -2.17
CA ILE A 219 33.76 -2.01 -3.08
C ILE A 219 32.88 -2.83 -4.01
N GLY A 220 33.44 -3.24 -5.15
CA GLY A 220 32.71 -4.11 -6.05
C GLY A 220 33.51 -4.47 -7.29
N LYS A 221 32.99 -5.44 -8.05
CA LYS A 221 33.64 -5.93 -9.26
C LYS A 221 32.64 -6.07 -10.40
N GLY A 222 32.99 -5.53 -11.56
CA GLY A 222 32.14 -5.64 -12.75
C GLY A 222 31.74 -4.26 -13.26
N GLU A 223 31.24 -4.21 -14.49
CA GLU A 223 30.86 -2.94 -15.11
C GLU A 223 29.67 -2.31 -14.40
N ASN A 224 28.66 -3.11 -14.09
CA ASN A 224 27.46 -2.56 -13.45
C ASN A 224 27.70 -2.38 -11.97
N ALA A 225 28.56 -3.22 -11.40
CA ALA A 225 28.89 -3.11 -9.99
C ALA A 225 29.60 -1.79 -9.72
N LYS A 226 30.51 -1.42 -10.60
CA LYS A 226 31.20 -0.14 -10.49
C LYS A 226 30.20 1.00 -10.62
N ARG A 227 29.29 0.87 -11.57
CA ARG A 227 28.29 1.92 -11.76
C ARG A 227 27.50 2.15 -10.49
N VAL A 228 27.10 1.08 -9.82
CA VAL A 228 26.37 1.25 -8.57
C VAL A 228 27.23 1.98 -7.56
N ALA A 229 28.50 1.58 -7.46
CA ALA A 229 29.41 2.18 -6.51
C ALA A 229 29.66 3.66 -6.82
N ASP A 230 29.69 4.01 -8.11
CA ASP A 230 29.90 5.40 -8.50
C ASP A 230 28.63 6.20 -8.29
N LEU A 231 27.48 5.57 -8.52
CA LEU A 231 26.20 6.21 -8.32
C LEU A 231 25.97 6.54 -6.85
N LEU A 232 26.41 5.64 -5.97
CA LEU A 232 26.25 5.87 -4.54
C LEU A 232 27.07 7.06 -4.10
N SER A 233 28.27 7.23 -4.67
CA SER A 233 29.11 8.36 -4.33
C SER A 233 28.48 9.67 -4.81
N ARG A 234 27.86 9.64 -5.98
CA ARG A 234 27.22 10.83 -6.53
C ARG A 234 25.93 11.17 -5.80
N MET A 235 25.19 10.14 -5.38
CA MET A 235 23.95 10.37 -4.65
C MET A 235 24.21 11.04 -3.32
N ARG A 236 25.36 10.73 -2.71
CA ARG A 236 25.73 11.39 -1.47
C ARG A 236 25.95 12.87 -1.73
N GLN A 237 26.52 13.20 -2.89
CA GLN A 237 26.75 14.59 -3.24
C GLN A 237 25.42 15.31 -3.50
N GLU A 238 24.43 14.57 -4.03
CA GLU A 238 23.12 15.15 -4.29
C GLU A 238 22.41 15.53 -2.99
N LEU A 239 22.65 14.75 -1.94
CA LEU A 239 22.03 15.01 -0.65
C LEU A 239 22.60 16.27 -0.01
N LEU A 240 23.84 16.60 -0.33
CA LEU A 240 24.42 17.86 0.15
C LEU A 240 24.08 18.98 -0.82
N ALA A 241 24.02 18.64 -2.11
CA ALA A 241 23.79 19.59 -3.18
C ALA A 241 22.40 20.20 -3.12
N GLY A 242 21.46 19.48 -2.50
CA GLY A 242 20.10 19.98 -2.41
C GLY A 242 20.07 21.34 -1.71
N GLU A 243 20.97 21.54 -0.75
CA GLU A 243 21.04 22.82 -0.07
C GLU A 243 21.65 23.87 -0.99
N GLU A 244 22.68 23.46 -1.73
CA GLU A 244 23.37 24.34 -2.67
C GLU A 244 22.52 24.59 -3.91
N ALA A 245 21.56 23.71 -4.16
CA ALA A 245 20.65 23.83 -5.29
C ALA A 245 19.45 24.69 -4.92
N GLY A 246 19.35 25.08 -3.65
CA GLY A 246 18.23 25.90 -3.18
C GLY A 246 16.95 25.08 -3.04
N GLU A 247 17.08 23.78 -2.79
CA GLU A 247 15.92 22.91 -2.70
C GLU A 247 15.74 22.38 -1.28
N SER A 248 16.00 21.08 -1.09
CA SER A 248 15.84 20.45 0.21
C SER A 248 16.99 20.78 1.16
N ASP A 249 16.76 20.59 2.45
CA ASP A 249 17.77 20.83 3.47
C ASP A 249 18.92 19.84 3.35
N ARG A 250 20.14 20.30 3.60
CA ARG A 250 21.32 19.43 3.55
C ARG A 250 21.30 18.36 4.62
N ALA A 251 21.60 17.13 4.20
CA ALA A 251 21.72 16.00 5.12
C ALA A 251 23.12 15.97 5.74
N GLY A 252 23.19 15.49 6.99
CA GLY A 252 24.49 15.35 7.65
C GLY A 252 25.36 14.29 6.98
N LEU A 253 24.72 13.24 6.47
CA LEU A 253 25.41 12.18 5.75
C LEU A 253 26.57 11.56 6.53
N SER A 254 26.37 11.32 7.82
CA SER A 254 27.40 10.66 8.61
C SER A 254 27.54 9.19 8.18
N PRO A 255 28.71 8.59 8.39
CA PRO A 255 29.00 7.17 8.27
C PRO A 255 28.27 6.36 9.33
N SER A 256 27.91 5.13 8.99
CA SER A 256 27.18 4.25 9.90
C SER A 256 28.04 3.76 11.05
N THR A 257 27.39 3.52 12.19
CA THR A 257 28.03 2.90 13.34
C THR A 257 27.62 1.44 13.45
N THR A 258 26.69 1.03 12.60
CA THR A 258 26.16 -0.33 12.63
C THR A 258 26.48 -1.13 11.36
N ILE A 259 26.80 -0.44 10.27
CA ILE A 259 27.08 -1.10 9.00
C ILE A 259 28.56 -1.00 8.63
N GLU A 260 29.19 -2.15 8.42
CA GLU A 260 30.63 -2.19 8.15
C GLU A 260 30.99 -1.83 6.70
N SER A 261 30.30 -2.40 5.73
CA SER A 261 30.64 -2.17 4.32
C SER A 261 29.55 -2.63 3.37
N VAL A 262 29.68 -2.24 2.10
CA VAL A 262 28.84 -2.80 1.04
C VAL A 262 29.69 -3.42 -0.07
N ILE A 263 29.38 -4.66 -0.43
CA ILE A 263 30.09 -5.37 -1.49
C ILE A 263 29.20 -5.55 -2.70
N ILE A 264 29.58 -4.99 -3.84
CA ILE A 264 28.75 -5.07 -5.03
C ILE A 264 29.38 -5.93 -6.12
N ILE A 265 28.69 -7.00 -6.49
CA ILE A 265 29.19 -7.89 -7.53
C ILE A 265 28.23 -7.96 -8.73
N ASP A 266 28.78 -7.84 -9.92
CA ASP A 266 27.98 -7.88 -11.15
C ASP A 266 27.75 -9.31 -11.63
N ARG A 267 26.66 -9.50 -12.34
CA ARG A 267 26.27 -10.80 -12.89
C ARG A 267 27.28 -11.28 -13.93
N GLU A 268 27.87 -10.34 -14.65
CA GLU A 268 28.80 -10.65 -15.72
C GLU A 268 30.11 -11.27 -15.19
N VAL A 269 30.38 -11.07 -13.91
CA VAL A 269 31.63 -11.54 -13.33
C VAL A 269 31.70 -13.06 -13.31
N ASP A 270 30.60 -13.69 -12.91
CA ASP A 270 30.54 -15.15 -12.87
C ASP A 270 29.42 -15.67 -13.75
N PHE A 271 29.79 -16.16 -14.93
CA PHE A 271 28.84 -16.66 -15.91
C PHE A 271 28.86 -18.19 -15.97
N VAL A 272 29.46 -18.80 -14.96
CA VAL A 272 29.52 -20.25 -14.88
C VAL A 272 28.58 -20.80 -13.80
N THR A 273 28.54 -20.14 -12.64
CA THR A 273 27.69 -20.59 -11.53
C THR A 273 26.20 -20.67 -11.89
N PRO A 274 25.64 -19.67 -12.59
CA PRO A 274 24.24 -19.59 -12.99
C PRO A 274 23.84 -20.73 -13.92
N LEU A 275 24.83 -21.43 -14.47
CA LEU A 275 24.57 -22.50 -15.41
C LEU A 275 24.68 -23.88 -14.77
N LEU A 276 24.71 -23.92 -13.44
CA LEU A 276 24.68 -25.20 -12.73
C LEU A 276 23.36 -25.38 -12.00
N THR A 277 22.89 -26.62 -11.97
CA THR A 277 21.65 -26.98 -11.30
C THR A 277 21.87 -27.08 -9.79
N GLN A 278 20.97 -26.49 -9.02
CA GLN A 278 21.08 -26.51 -7.56
C GLN A 278 20.74 -27.90 -7.01
N LEU A 279 21.55 -28.37 -6.07
CA LEU A 279 21.33 -29.69 -5.50
C LEU A 279 20.63 -29.66 -4.15
N THR A 280 20.31 -28.47 -3.66
CA THR A 280 19.66 -28.35 -2.36
C THR A 280 18.15 -28.48 -2.50
N TYR A 281 17.48 -28.71 -1.37
CA TYR A 281 16.04 -28.91 -1.36
C TYR A 281 15.29 -27.71 -1.92
N GLU A 282 15.67 -26.51 -1.50
CA GLU A 282 15.04 -25.31 -2.04
C GLU A 282 15.28 -25.26 -3.53
N GLY A 283 16.47 -25.70 -3.93
CA GLY A 283 16.83 -25.80 -5.33
C GLY A 283 15.96 -26.81 -6.07
N LEU A 284 15.58 -27.89 -5.40
CA LEU A 284 14.74 -28.88 -6.06
C LEU A 284 13.39 -28.29 -6.39
N ILE A 285 12.90 -27.45 -5.49
CA ILE A 285 11.61 -26.82 -5.70
C ILE A 285 11.69 -25.80 -6.81
N ASP A 286 12.75 -25.01 -6.82
CA ASP A 286 12.94 -23.97 -7.84
C ASP A 286 13.29 -24.56 -9.20
N GLU A 287 14.05 -25.65 -9.21
CA GLU A 287 14.48 -26.29 -10.45
C GLU A 287 13.34 -27.02 -11.15
N TYR A 288 12.39 -27.54 -10.37
CA TYR A 288 11.28 -28.29 -10.95
C TYR A 288 10.00 -27.48 -11.10
N PHE A 289 9.75 -26.57 -10.15
CA PHE A 289 8.48 -25.85 -10.14
C PHE A 289 8.69 -24.33 -10.27
N GLY A 290 9.63 -23.81 -9.49
CA GLY A 290 9.93 -22.38 -9.49
C GLY A 290 9.36 -21.68 -8.26
N ILE A 291 10.19 -20.88 -7.60
CA ILE A 291 9.76 -20.15 -6.41
C ILE A 291 9.65 -18.65 -6.64
N GLN A 292 8.44 -18.13 -6.54
CA GLN A 292 8.22 -16.68 -6.59
C GLN A 292 7.22 -16.23 -5.52
N ASN A 293 7.61 -15.24 -4.73
CA ASN A 293 6.77 -14.71 -3.65
C ASN A 293 6.52 -15.77 -2.58
N ASN A 294 7.29 -16.85 -2.63
CA ASN A 294 7.20 -17.94 -1.67
C ASN A 294 5.85 -18.68 -1.75
N GLN A 295 5.13 -18.16 -2.73
CA GLN A 295 3.82 -18.73 -3.01
C GLN A 295 4.08 -19.95 -3.87
N THR A 296 4.08 -19.89 -5.22
CA THR A 296 4.50 -21.06 -6.09
C THR A 296 3.34 -22.03 -6.42
N ASP A 297 3.44 -22.85 -7.49
CA ASP A 297 2.31 -23.70 -8.00
C ASP A 297 2.32 -25.18 -7.61
N VAL A 298 1.16 -25.76 -7.21
CA VAL A 298 1.20 -27.24 -6.97
C VAL A 298 -0.24 -27.75 -6.87
N LYS A 326 -0.26 -24.65 -2.87
CA LYS A 326 -1.66 -24.55 -3.25
C LYS A 326 -2.21 -23.17 -2.90
N ARG A 327 -1.33 -22.31 -2.41
CA ARG A 327 -1.63 -20.94 -1.99
C ARG A 327 -2.47 -20.92 -0.72
N LYS A 328 -2.48 -22.03 -0.01
CA LYS A 328 -3.08 -22.10 1.31
C LYS A 328 -1.98 -22.07 2.37
N ILE A 329 -0.80 -22.55 1.97
CA ILE A 329 0.38 -22.59 2.82
C ILE A 329 1.56 -21.91 2.15
N GLN A 330 2.22 -21.00 2.87
CA GLN A 330 3.41 -20.34 2.34
C GLN A 330 4.66 -21.04 2.85
N LEU A 331 5.64 -21.27 1.97
CA LEU A 331 6.88 -21.90 2.41
C LEU A 331 8.03 -20.91 2.49
N ASP A 332 8.47 -20.64 3.70
CA ASP A 332 9.56 -19.71 3.95
C ASP A 332 10.31 -20.13 5.21
N GLY A 333 11.31 -19.35 5.60
CA GLY A 333 12.21 -19.70 6.70
C GLY A 333 11.53 -19.77 8.06
N SER A 334 10.31 -19.25 8.17
CA SER A 334 9.59 -19.30 9.45
C SER A 334 9.05 -20.70 9.72
N ASP A 335 8.96 -21.51 8.66
CA ASP A 335 8.48 -22.88 8.77
C ASP A 335 9.51 -23.73 9.50
N SER A 336 9.04 -24.52 10.46
CA SER A 336 9.92 -25.31 11.31
C SER A 336 10.64 -26.43 10.56
N LEU A 337 10.10 -26.84 9.41
CA LEU A 337 10.74 -27.90 8.65
C LEU A 337 11.59 -27.32 7.53
N TYR A 338 11.13 -26.21 6.97
CA TYR A 338 11.81 -25.61 5.83
C TYR A 338 13.13 -25.00 6.24
N SER A 339 13.20 -24.46 7.45
CA SER A 339 14.42 -23.86 7.94
C SER A 339 15.52 -24.91 8.14
N GLN A 340 15.11 -26.16 8.28
CA GLN A 340 16.05 -27.26 8.47
C GLN A 340 16.34 -27.98 7.15
N LEU A 341 15.35 -28.02 6.26
CA LEU A 341 15.47 -28.81 5.03
C LEU A 341 15.86 -27.99 3.80
N ARG A 342 15.60 -26.67 3.81
CA ARG A 342 15.74 -25.89 2.58
C ARG A 342 17.16 -25.91 2.03
N ASP A 343 18.16 -25.96 2.90
CA ASP A 343 19.54 -25.97 2.47
C ASP A 343 20.12 -27.37 2.43
N ALA A 344 19.27 -28.37 2.66
CA ALA A 344 19.70 -29.76 2.64
C ALA A 344 19.98 -30.21 1.22
N ASN A 345 20.97 -31.08 1.07
CA ASN A 345 21.29 -31.68 -0.22
C ASN A 345 20.20 -32.68 -0.63
N PHE A 346 19.93 -32.79 -1.92
CA PHE A 346 18.88 -33.67 -2.42
C PHE A 346 19.10 -35.11 -2.03
N ALA A 347 20.36 -35.51 -1.89
CA ALA A 347 20.71 -36.88 -1.53
C ALA A 347 20.43 -37.13 -0.05
N ILE A 348 20.31 -36.05 0.71
CA ILE A 348 20.12 -36.12 2.16
C ILE A 348 18.66 -35.85 2.54
N VAL A 349 18.02 -34.90 1.85
CA VAL A 349 16.69 -34.46 2.24
C VAL A 349 15.68 -35.58 2.14
N GLY A 350 15.95 -36.56 1.28
CA GLY A 350 15.07 -37.70 1.15
C GLY A 350 15.01 -38.49 2.46
N SER A 351 16.07 -38.36 3.26
CA SER A 351 16.11 -39.02 4.57
C SER A 351 15.67 -38.08 5.68
N LEU A 352 15.74 -36.77 5.43
CA LEU A 352 15.35 -35.80 6.44
C LEU A 352 13.83 -35.71 6.56
N LEU A 353 13.12 -35.90 5.46
CA LEU A 353 11.67 -35.84 5.51
C LEU A 353 11.13 -37.07 6.22
N ASN A 354 11.85 -38.18 6.12
CA ASN A 354 11.47 -39.39 6.82
C ASN A 354 11.82 -39.26 8.30
N THR A 355 12.89 -38.51 8.58
CA THR A 355 13.26 -38.22 9.96
C THR A 355 12.20 -37.33 10.59
N VAL A 356 11.69 -36.38 9.81
CA VAL A 356 10.61 -35.52 10.27
C VAL A 356 9.35 -36.32 10.47
N ALA A 357 9.06 -37.23 9.55
CA ALA A 357 7.85 -38.03 9.67
C ALA A 357 7.89 -38.88 10.94
N ARG A 358 9.06 -39.42 11.27
CA ARG A 358 9.17 -40.25 12.46
C ARG A 358 9.02 -39.46 13.75
N ARG A 359 9.63 -38.27 13.81
CA ARG A 359 9.53 -37.46 15.01
C ARG A 359 8.16 -36.81 15.10
N LEU A 360 7.59 -36.46 13.95
CA LEU A 360 6.28 -35.83 13.93
C LEU A 360 5.19 -36.82 14.30
N LYS A 361 5.26 -38.03 13.73
CA LYS A 361 4.25 -39.03 14.02
C LYS A 361 4.30 -39.44 15.49
N SER A 362 5.50 -39.47 16.06
CA SER A 362 5.63 -39.86 17.46
C SER A 362 4.93 -38.86 18.38
N ASP A 363 4.94 -37.59 18.01
CA ASP A 363 4.27 -36.56 18.80
C ASP A 363 2.87 -36.21 18.30
N TYR A 364 2.59 -36.54 17.04
CA TYR A 364 1.32 -36.16 16.41
C TYR A 364 0.29 -37.28 16.43
N GLU A 365 0.73 -38.51 16.20
CA GLU A 365 -0.17 -39.67 16.17
C GLU A 365 -0.11 -40.47 17.46
N SER A 366 0.89 -40.18 18.28
CA SER A 366 1.18 -40.96 19.48
C SER A 366 1.67 -40.11 20.63
N ARG A 367 1.97 -40.77 21.75
CA ARG A 367 2.47 -40.13 22.98
C ARG A 367 1.37 -39.35 23.71
N HIS A 368 0.60 -38.56 22.97
CA HIS A 368 -0.45 -37.74 23.57
C HIS A 368 -1.72 -38.55 23.80
N ASN A 369 -1.78 -39.74 23.23
CA ASN A 369 -2.98 -40.57 23.33
C ASN A 369 -3.21 -41.01 24.77
N THR A 370 -4.46 -40.85 25.23
CA THR A 370 -4.91 -41.28 26.56
C THR A 370 -4.34 -40.42 27.69
N LYS A 371 -3.55 -39.41 27.34
CA LYS A 371 -2.92 -38.57 28.35
C LYS A 371 -3.90 -37.62 29.01
N THR A 372 -3.69 -37.39 30.30
CA THR A 372 -4.49 -36.43 31.07
C THR A 372 -3.93 -35.02 30.87
N THR A 373 -4.70 -34.02 31.29
CA THR A 373 -4.35 -32.63 31.01
C THR A 373 -2.94 -32.27 31.46
N ALA A 374 -2.52 -32.78 32.62
CA ALA A 374 -1.23 -32.39 33.17
C ALA A 374 -0.08 -32.70 32.21
N GLU A 375 -0.21 -33.79 31.45
CA GLU A 375 0.83 -34.15 30.48
C GLU A 375 0.41 -33.80 29.06
N LEU A 376 -0.90 -33.81 28.81
CA LEU A 376 -1.45 -33.60 27.48
C LEU A 376 -1.19 -32.18 27.00
N LYS A 377 -1.16 -31.23 27.94
CA LYS A 377 -1.00 -29.82 27.60
C LYS A 377 0.32 -29.57 26.87
N GLU A 378 1.29 -30.47 27.04
CA GLU A 378 2.57 -30.35 26.36
C GLU A 378 2.42 -30.52 24.85
N PHE A 379 1.45 -31.34 24.45
CA PHE A 379 1.20 -31.60 23.05
C PHE A 379 0.14 -30.65 22.49
N VAL A 380 -0.74 -30.18 23.36
CA VAL A 380 -1.81 -29.27 22.96
C VAL A 380 -1.27 -27.93 22.51
N LYS A 381 -0.29 -27.41 23.24
CA LYS A 381 0.30 -26.13 22.89
C LYS A 381 1.18 -26.25 21.64
N LYS A 382 1.58 -27.48 21.34
CA LYS A 382 2.43 -27.74 20.18
C LYS A 382 1.64 -28.31 19.01
N LEU A 383 0.43 -28.78 19.27
CA LEU A 383 -0.37 -29.42 18.22
C LEU A 383 -0.48 -28.58 16.94
N PRO A 384 -0.74 -27.26 17.03
CA PRO A 384 -0.85 -26.37 15.89
C PRO A 384 0.41 -26.45 15.04
N GLY A 385 1.54 -26.66 15.70
CA GLY A 385 2.81 -26.79 15.00
C GLY A 385 2.89 -28.15 14.32
N TYR A 386 2.30 -29.16 14.96
CA TYR A 386 2.34 -30.51 14.41
C TYR A 386 1.44 -30.60 13.20
N GLN A 387 0.32 -29.87 13.25
CA GLN A 387 -0.62 -29.87 12.14
C GLN A 387 -0.02 -29.14 10.95
N ALA A 388 0.67 -28.03 11.23
CA ALA A 388 1.33 -27.28 10.17
C ALA A 388 2.49 -28.08 9.58
N GLU A 389 3.19 -28.81 10.44
CA GLU A 389 4.30 -29.64 9.99
C GLU A 389 3.80 -30.80 9.15
N GLN A 390 2.67 -31.36 9.52
CA GLN A 390 2.11 -32.48 8.76
C GLN A 390 1.64 -32.02 7.39
N GLN A 391 1.11 -30.80 7.33
CA GLN A 391 0.67 -30.24 6.05
C GLN A 391 1.87 -29.90 5.18
N SER A 392 2.91 -29.35 5.80
CA SER A 392 4.13 -29.02 5.07
C SER A 392 4.90 -30.27 4.70
N LEU A 393 4.80 -31.30 5.56
CA LEU A 393 5.48 -32.56 5.32
C LEU A 393 4.93 -33.27 4.09
N LYS A 394 3.60 -33.23 3.92
CA LYS A 394 3.00 -33.84 2.74
C LYS A 394 3.44 -33.08 1.49
N ILE A 395 3.54 -31.75 1.60
CA ILE A 395 4.02 -30.95 0.49
C ILE A 395 5.47 -31.27 0.21
N HIS A 396 6.26 -31.42 1.26
CA HIS A 396 7.68 -31.72 1.10
C HIS A 396 7.85 -33.12 0.53
N SER A 397 6.95 -34.03 0.90
CA SER A 397 6.99 -35.39 0.38
C SER A 397 6.69 -35.40 -1.11
N ASN A 398 5.85 -34.47 -1.56
CA ASN A 398 5.52 -34.37 -2.97
C ASN A 398 6.71 -33.85 -3.77
N ILE A 399 7.49 -32.97 -3.14
CA ILE A 399 8.71 -32.47 -3.77
C ILE A 399 9.74 -33.58 -3.84
N ALA A 400 9.80 -34.39 -2.78
CA ALA A 400 10.72 -35.52 -2.74
C ALA A 400 10.41 -36.50 -3.85
N GLU A 401 9.13 -36.67 -4.16
CA GLU A 401 8.75 -37.56 -5.24
C GLU A 401 9.23 -37.02 -6.58
N GLU A 402 9.21 -35.70 -6.72
CA GLU A 402 9.64 -35.09 -7.97
C GLU A 402 11.12 -35.33 -8.23
N ILE A 403 11.94 -35.25 -7.19
CA ILE A 403 13.36 -35.57 -7.34
C ILE A 403 13.60 -37.07 -7.50
N ILE A 404 12.83 -37.88 -6.80
CA ILE A 404 12.98 -39.33 -6.90
C ILE A 404 12.75 -39.80 -8.33
N ASN A 405 11.85 -39.14 -9.04
CA ASN A 405 11.54 -39.51 -10.42
C ASN A 405 12.64 -39.07 -11.39
N TYR A 406 13.61 -38.31 -10.90
CA TYR A 406 14.75 -37.92 -11.73
C TYR A 406 16.03 -38.65 -11.27
N THR A 407 16.04 -39.18 -10.06
CA THR A 407 17.21 -39.90 -9.57
C THR A 407 17.11 -41.41 -9.83
N ARG A 408 15.89 -41.90 -10.00
CA ARG A 408 15.71 -43.32 -10.31
C ARG A 408 15.65 -43.52 -11.82
N THR A 409 15.68 -42.40 -12.54
CA THR A 409 15.58 -42.38 -13.99
C THR A 409 16.85 -41.86 -14.64
N GLU A 410 17.89 -41.69 -13.83
CA GLU A 410 19.18 -41.19 -14.29
C GLU A 410 19.07 -39.85 -15.03
N ILE A 411 18.28 -38.93 -14.48
CA ILE A 411 18.18 -37.60 -15.05
C ILE A 411 18.91 -36.56 -14.19
N PHE A 412 18.60 -36.54 -12.90
CA PHE A 412 19.20 -35.56 -12.00
C PHE A 412 20.65 -35.92 -11.71
N ASN A 413 20.91 -37.20 -11.54
CA ASN A 413 22.28 -37.63 -11.25
C ASN A 413 23.13 -37.50 -12.50
N LYS A 414 22.52 -37.65 -13.66
CA LYS A 414 23.24 -37.56 -14.92
C LYS A 414 23.72 -36.15 -15.20
N LEU A 415 22.88 -35.15 -14.92
CA LEU A 415 23.28 -33.77 -15.15
C LEU A 415 24.31 -33.35 -14.12
N LEU A 416 24.23 -33.91 -12.91
CA LEU A 416 25.21 -33.62 -11.87
C LEU A 416 26.58 -34.15 -12.23
N GLU A 417 26.63 -35.34 -12.83
CA GLU A 417 27.91 -35.90 -13.24
C GLU A 417 28.57 -35.00 -14.27
N VAL A 418 27.77 -34.43 -15.15
CA VAL A 418 28.28 -33.51 -16.15
C VAL A 418 28.83 -32.25 -15.50
N GLN A 419 28.10 -31.71 -14.53
CA GLN A 419 28.52 -30.49 -13.86
C GLN A 419 29.79 -30.70 -13.04
N GLN A 420 29.89 -31.84 -12.38
CA GLN A 420 31.07 -32.14 -11.57
C GLN A 420 32.30 -32.42 -12.43
N ASN A 421 32.08 -33.08 -13.57
CA ASN A 421 33.20 -33.43 -14.44
C ASN A 421 33.72 -32.20 -15.16
N LEU A 422 32.82 -31.30 -15.56
CA LEU A 422 33.23 -30.06 -16.19
C LEU A 422 33.96 -29.16 -15.20
N ALA A 423 33.45 -29.09 -13.98
CA ALA A 423 34.03 -28.24 -12.96
C ALA A 423 35.49 -28.59 -12.71
N ALA A 424 35.78 -29.89 -12.76
CA ALA A 424 37.13 -30.40 -12.50
C ALA A 424 38.06 -30.19 -13.68
N GLY A 425 37.52 -29.70 -14.80
CA GLY A 425 38.33 -29.40 -15.97
C GLY A 425 38.41 -30.56 -16.97
N ALA A 426 37.45 -31.49 -16.90
CA ALA A 426 37.44 -32.60 -17.85
C ALA A 426 37.13 -32.08 -19.25
N ASP A 427 37.68 -32.75 -20.26
CA ASP A 427 37.39 -32.35 -21.64
C ASP A 427 35.90 -32.48 -21.90
N PRO A 428 35.22 -31.38 -22.21
CA PRO A 428 33.77 -31.22 -22.26
C PRO A 428 33.12 -32.16 -23.26
N SER A 429 33.89 -32.60 -24.25
CA SER A 429 33.34 -33.49 -25.28
C SER A 429 32.96 -34.84 -24.67
N SER A 430 33.60 -35.18 -23.56
CA SER A 430 33.41 -36.48 -22.94
C SER A 430 32.07 -36.53 -22.19
N GLN A 431 31.50 -35.36 -21.94
CA GLN A 431 30.25 -35.26 -21.20
C GLN A 431 29.07 -35.13 -22.15
N PHE A 432 29.37 -35.12 -23.45
CA PHE A 432 28.35 -34.89 -24.46
C PHE A 432 27.32 -36.01 -24.48
N ASP A 433 27.78 -37.25 -24.28
CA ASP A 433 26.89 -38.40 -24.33
C ASP A 433 25.84 -38.33 -23.23
N SER A 434 26.23 -37.80 -22.06
CA SER A 434 25.33 -37.68 -20.93
C SER A 434 24.29 -36.60 -21.18
N ILE A 435 24.69 -35.56 -21.91
CA ILE A 435 23.78 -34.46 -22.22
C ILE A 435 22.76 -34.90 -23.26
N GLU A 436 23.21 -35.70 -24.23
CA GLU A 436 22.33 -36.20 -25.27
C GLU A 436 21.18 -37.02 -24.68
N GLU A 437 21.49 -37.82 -23.66
CA GLU A 437 20.46 -38.63 -23.01
C GLU A 437 19.40 -37.77 -22.34
N LEU A 438 19.81 -36.66 -21.73
CA LEU A 438 18.88 -35.78 -21.03
C LEU A 438 17.93 -35.11 -22.01
N VAL A 439 18.41 -34.77 -23.19
CA VAL A 439 17.56 -34.19 -24.22
C VAL A 439 16.58 -35.24 -24.73
N ALA A 440 17.08 -36.45 -24.92
CA ALA A 440 16.29 -37.57 -25.43
C ALA A 440 15.18 -37.97 -24.47
N ARG A 441 15.39 -37.72 -23.18
CA ARG A 441 14.42 -38.10 -22.15
C ARG A 441 13.37 -37.02 -21.95
N ASP A 442 13.44 -35.97 -22.75
CA ASP A 442 12.50 -34.86 -22.64
C ASP A 442 12.49 -34.27 -21.24
N THR A 443 13.67 -34.04 -20.70
CA THR A 443 13.80 -33.37 -19.42
C THR A 443 13.49 -31.89 -19.67
N PRO A 444 13.21 -31.10 -18.63
CA PRO A 444 12.83 -29.71 -18.72
C PRO A 444 13.87 -28.91 -19.50
N LEU A 445 13.38 -27.96 -20.29
CA LEU A 445 14.22 -27.16 -21.17
C LEU A 445 15.44 -26.53 -20.47
N PRO A 446 15.30 -25.87 -19.31
CA PRO A 446 16.39 -25.22 -18.61
C PRO A 446 17.42 -26.21 -18.08
N GLN A 447 17.04 -27.47 -17.93
CA GLN A 447 17.96 -28.45 -17.40
C GLN A 447 18.92 -28.95 -18.46
N VAL A 448 18.47 -28.95 -19.71
CA VAL A 448 19.36 -29.34 -20.79
C VAL A 448 20.18 -28.15 -21.27
N LEU A 449 19.57 -26.96 -21.31
CA LEU A 449 20.27 -25.81 -21.84
C LEU A 449 21.43 -25.39 -20.95
N ARG A 450 21.30 -25.58 -19.64
CA ARG A 450 22.38 -25.22 -18.73
C ARG A 450 23.65 -26.02 -19.03
N LEU A 451 23.48 -27.29 -19.42
CA LEU A 451 24.63 -28.15 -19.69
C LEU A 451 25.20 -27.85 -21.08
N LEU A 452 24.35 -27.30 -21.94
CA LEU A 452 24.71 -26.94 -23.30
C LEU A 452 25.30 -25.54 -23.36
N CYS A 453 25.50 -24.94 -22.19
CA CYS A 453 26.15 -23.64 -22.09
C CYS A 453 27.38 -23.72 -21.20
N LEU A 454 27.22 -24.33 -20.03
CA LEU A 454 28.28 -24.40 -19.04
C LEU A 454 29.58 -24.93 -19.61
N TYR A 455 29.49 -25.94 -20.46
CA TYR A 455 30.68 -26.59 -21.00
C TYR A 455 31.62 -25.60 -21.67
N SER A 456 31.07 -24.59 -22.34
CA SER A 456 31.88 -23.63 -23.06
C SER A 456 32.40 -22.55 -22.14
N CYS A 457 31.61 -22.23 -21.12
CA CYS A 457 31.96 -21.20 -20.16
C CYS A 457 33.11 -21.66 -19.27
N ILE A 458 33.12 -22.94 -18.94
CA ILE A 458 34.18 -23.55 -18.15
C ILE A 458 35.50 -23.59 -18.93
N SER A 459 35.42 -24.02 -20.18
CA SER A 459 36.61 -24.15 -21.02
C SER A 459 37.21 -22.79 -21.39
N GLY A 460 36.37 -21.77 -21.48
CA GLY A 460 36.85 -20.45 -21.86
C GLY A 460 36.93 -20.31 -23.37
N GLY A 461 36.01 -20.97 -24.07
CA GLY A 461 35.97 -20.95 -25.53
C GLY A 461 36.42 -22.27 -26.13
N ILE A 462 35.58 -22.82 -27.00
CA ILE A 462 35.84 -24.09 -27.65
C ILE A 462 35.74 -23.93 -29.16
N LYS A 463 36.48 -24.74 -29.91
CA LYS A 463 36.44 -24.69 -31.37
C LYS A 463 35.07 -25.08 -31.89
N THR A 464 34.68 -24.52 -33.02
CA THR A 464 33.36 -24.74 -33.60
C THR A 464 33.12 -26.20 -33.96
N LYS A 465 34.20 -26.96 -34.09
CA LYS A 465 34.13 -28.38 -34.39
C LYS A 465 33.36 -29.12 -33.31
N GLU A 466 33.45 -28.64 -32.07
CA GLU A 466 32.78 -29.27 -30.94
C GLU A 466 31.53 -28.50 -30.51
N LEU A 467 31.56 -27.18 -30.67
CA LEU A 467 30.44 -26.34 -30.25
C LEU A 467 29.19 -26.73 -31.00
N ASP A 468 29.35 -27.08 -32.27
CA ASP A 468 28.22 -27.41 -33.12
C ASP A 468 27.47 -28.63 -32.61
N HIS A 469 28.19 -29.57 -31.99
CA HIS A 469 27.56 -30.77 -31.47
C HIS A 469 26.63 -30.44 -30.31
N PHE A 470 27.04 -29.50 -29.48
CA PHE A 470 26.20 -29.04 -28.39
C PHE A 470 25.08 -28.14 -28.91
N ARG A 471 25.38 -27.36 -29.94
CA ARG A 471 24.42 -26.44 -30.53
C ARG A 471 23.26 -27.20 -31.14
N ARG A 472 23.54 -28.37 -31.69
CA ARG A 472 22.51 -29.21 -32.30
C ARG A 472 21.49 -29.63 -31.25
N LEU A 473 21.95 -29.84 -30.03
CA LEU A 473 21.03 -30.23 -28.96
C LEU A 473 20.22 -29.03 -28.48
N VAL A 474 20.76 -27.83 -28.63
CA VAL A 474 20.02 -26.63 -28.24
C VAL A 474 18.82 -26.42 -29.17
N LEU A 475 19.04 -26.58 -30.47
CA LEU A 475 17.95 -26.39 -31.41
C LEU A 475 16.97 -27.55 -31.37
N GLN A 476 17.49 -28.75 -31.11
CA GLN A 476 16.65 -29.92 -31.02
C GLN A 476 15.81 -29.92 -29.74
N GLY A 477 16.40 -29.40 -28.66
CA GLY A 477 15.70 -29.34 -27.38
C GLY A 477 14.64 -28.24 -27.33
N TYR A 478 14.86 -27.14 -28.03
CA TYR A 478 13.95 -25.99 -27.95
C TYR A 478 12.98 -25.85 -29.12
N GLY A 479 13.23 -26.53 -30.23
CA GLY A 479 12.36 -26.38 -31.40
C GLY A 479 12.64 -25.06 -32.12
N HIS A 480 11.64 -24.50 -32.77
CA HIS A 480 11.85 -23.33 -33.64
C HIS A 480 12.02 -22.07 -32.82
N GLN A 481 11.83 -22.18 -31.51
CA GLN A 481 11.99 -21.06 -30.60
C GLN A 481 13.43 -20.95 -30.13
N HIS A 482 14.27 -21.87 -30.59
CA HIS A 482 15.68 -21.90 -30.21
C HIS A 482 16.43 -20.72 -30.79
N LEU A 483 15.87 -20.11 -31.83
CA LEU A 483 16.51 -18.97 -32.47
C LEU A 483 16.60 -17.82 -31.50
N LEU A 484 15.54 -17.63 -30.71
CA LEU A 484 15.52 -16.59 -29.70
C LEU A 484 16.41 -17.00 -28.52
N THR A 485 16.46 -18.30 -28.25
CA THR A 485 17.29 -18.82 -27.16
C THR A 485 18.77 -18.58 -27.42
N LEU A 486 19.21 -18.85 -28.65
CA LEU A 486 20.62 -18.66 -28.98
C LEU A 486 20.99 -17.19 -28.98
N HIS A 487 20.07 -16.34 -29.43
CA HIS A 487 20.35 -14.92 -29.45
C HIS A 487 20.43 -14.37 -28.04
N ASN A 488 19.58 -14.87 -27.15
CA ASN A 488 19.60 -14.41 -25.77
C ASN A 488 20.85 -14.88 -25.04
N LEU A 489 21.30 -16.10 -25.33
CA LEU A 489 22.50 -16.63 -24.69
C LEU A 489 23.73 -15.83 -25.07
N GLU A 490 23.84 -15.47 -26.35
CA GLU A 490 24.97 -14.66 -26.80
C GLU A 490 24.94 -13.27 -26.18
N ARG A 491 23.76 -12.65 -26.19
CA ARG A 491 23.62 -11.30 -25.66
C ARG A 491 23.81 -11.27 -24.14
N LEU A 492 23.40 -12.33 -23.47
CA LEU A 492 23.56 -12.46 -22.03
C LEU A 492 24.96 -12.98 -21.69
N GLN A 493 25.75 -13.26 -22.72
CA GLN A 493 27.11 -13.76 -22.58
C GLN A 493 27.19 -15.00 -21.68
N MET A 494 26.28 -15.95 -21.91
CA MET A 494 26.30 -17.22 -21.18
C MET A 494 26.70 -18.37 -22.10
N PHE A 495 27.23 -18.04 -23.27
CA PHE A 495 27.70 -19.05 -24.22
C PHE A 495 28.97 -18.54 -24.89
N LEU A 496 30.03 -19.33 -24.84
CA LEU A 496 31.31 -18.91 -25.38
C LEU A 496 31.65 -19.66 -26.66
N SER A 497 32.36 -18.98 -27.57
CA SER A 497 32.81 -19.59 -28.80
C SER A 497 34.19 -19.10 -29.18
N LYS A 498 35.07 -20.02 -29.56
CA LYS A 498 36.45 -19.67 -29.88
C LYS A 498 36.55 -18.75 -31.10
N SER A 499 35.59 -18.88 -32.01
CA SER A 499 35.60 -18.10 -33.25
C SER A 499 35.29 -16.62 -33.01
N SER A 500 34.80 -16.31 -31.81
CA SER A 500 34.46 -14.93 -31.48
C SER A 500 35.70 -14.11 -31.16
N PRO A 501 35.74 -12.83 -31.57
CA PRO A 501 36.78 -11.86 -31.29
C PRO A 501 36.80 -11.50 -29.80
N LEU A 502 35.72 -11.87 -29.10
CA LEU A 502 35.62 -11.62 -27.67
C LEU A 502 36.05 -12.83 -26.88
N ALA A 503 36.51 -13.88 -27.58
CA ALA A 503 36.91 -15.11 -26.92
C ALA A 503 38.31 -14.99 -26.37
N SER A 504 38.46 -14.13 -25.37
CA SER A 504 39.75 -13.88 -24.78
C SER A 504 39.68 -13.93 -23.27
N MET A 505 40.38 -14.89 -22.70
CA MET A 505 40.41 -15.04 -21.24
C MET A 505 41.47 -14.11 -20.69
N ILE A 506 41.16 -13.44 -19.59
CA ILE A 506 42.07 -12.45 -19.04
C ILE A 506 43.39 -13.06 -18.61
N THR A 507 44.49 -12.43 -19.00
CA THR A 507 45.83 -12.88 -18.67
C THR A 507 46.43 -12.01 -17.58
N MET A 508 47.57 -12.44 -17.03
CA MET A 508 48.22 -11.70 -15.96
C MET A 508 48.63 -10.31 -16.40
N SER A 509 48.07 -9.29 -15.74
CA SER A 509 48.36 -7.89 -16.06
C SER A 509 48.14 -7.59 -17.53
N GLY A 510 47.24 -8.34 -18.18
CA GLY A 510 46.97 -8.16 -19.59
C GLY A 510 45.96 -7.05 -19.85
N SER A 511 46.22 -5.86 -19.30
CA SER A 511 45.32 -4.73 -19.45
C SER A 511 43.87 -5.15 -19.21
N SER A 512 43.63 -5.81 -18.09
CA SER A 512 42.30 -6.33 -17.79
C SER A 512 41.34 -5.23 -17.34
N GLY A 513 40.05 -5.51 -17.41
CA GLY A 513 39.02 -4.59 -16.94
C GLY A 513 38.11 -4.11 -18.05
N GLY A 514 38.30 -4.62 -19.26
CA GLY A 514 37.50 -4.22 -20.40
C GLY A 514 36.21 -5.05 -20.51
N PRO A 515 35.21 -4.50 -21.21
CA PRO A 515 33.91 -5.10 -21.50
C PRO A 515 34.01 -6.21 -22.54
N ASP A 516 35.17 -6.31 -23.18
CA ASP A 516 35.41 -7.32 -24.20
C ASP A 516 36.25 -8.48 -23.67
N GLN A 517 36.39 -8.56 -22.35
CA GLN A 517 37.19 -9.61 -21.72
C GLN A 517 36.32 -10.52 -20.86
N LYS A 518 36.73 -11.77 -20.69
CA LYS A 518 35.98 -12.69 -19.85
C LYS A 518 36.81 -13.28 -18.71
N THR A 519 36.11 -13.62 -17.63
CA THR A 519 36.72 -14.23 -16.45
C THR A 519 37.42 -15.53 -16.81
N ASN A 520 38.67 -15.65 -16.42
CA ASN A 520 39.49 -16.79 -16.79
C ASN A 520 39.32 -17.97 -15.83
N TYR A 521 38.22 -18.71 -15.98
CA TYR A 521 37.95 -19.86 -15.12
C TYR A 521 39.13 -20.83 -15.11
N THR A 522 39.72 -21.05 -16.28
CA THR A 522 40.79 -22.05 -16.43
C THR A 522 42.06 -21.63 -15.70
N TYR A 523 42.12 -20.38 -15.26
CA TYR A 523 43.23 -19.88 -14.46
C TYR A 523 42.81 -19.82 -13.00
N LEU A 524 41.57 -19.38 -12.77
CA LEU A 524 41.06 -19.19 -11.42
C LEU A 524 40.78 -20.51 -10.72
N ARG A 525 40.64 -21.59 -11.49
CA ARG A 525 40.47 -22.92 -10.92
C ARG A 525 41.72 -23.35 -10.16
N LYS A 526 42.82 -22.65 -10.38
CA LYS A 526 44.06 -22.93 -9.66
C LYS A 526 44.30 -21.87 -8.59
N GLN A 527 43.88 -20.63 -8.89
CA GLN A 527 44.06 -19.52 -7.96
C GLN A 527 43.11 -19.61 -6.77
N LEU A 528 41.92 -20.18 -7.00
CA LEU A 528 40.94 -20.34 -5.94
C LEU A 528 40.54 -21.81 -5.80
N ARG A 529 40.12 -22.19 -4.60
CA ARG A 529 39.62 -23.53 -4.39
C ARG A 529 38.21 -23.67 -4.97
N LEU A 530 38.15 -23.72 -6.30
CA LEU A 530 36.87 -23.83 -7.01
C LEU A 530 36.51 -25.30 -7.25
N ILE A 531 37.45 -26.19 -6.96
CA ILE A 531 37.21 -27.61 -7.08
C ILE A 531 37.35 -28.29 -5.72
N VAL A 532 36.23 -28.76 -5.17
CA VAL A 532 36.27 -29.34 -3.83
C VAL A 532 35.72 -30.76 -3.82
N ASP A 533 36.55 -31.70 -3.40
CA ASP A 533 36.14 -33.10 -3.29
C ASP A 533 35.89 -33.48 -1.83
N GLU A 534 35.94 -32.48 -0.96
CA GLU A 534 35.85 -32.69 0.48
C GLU A 534 34.46 -32.34 1.01
N VAL A 535 33.52 -32.11 0.12
CA VAL A 535 32.19 -31.67 0.52
C VAL A 535 31.42 -32.77 1.25
N ASN A 536 30.80 -32.39 2.36
CA ASN A 536 29.94 -33.28 3.13
C ASN A 536 28.49 -32.85 2.95
N GLU A 537 27.73 -33.67 2.23
CA GLU A 537 26.36 -33.32 1.87
C GLU A 537 25.45 -33.15 3.10
N GLN A 538 25.72 -33.92 4.15
CA GLN A 538 24.87 -33.89 5.33
C GLN A 538 25.32 -32.84 6.34
N ASP A 539 26.63 -32.60 6.40
CA ASP A 539 27.19 -31.65 7.36
C ASP A 539 28.39 -30.93 6.76
N PRO A 540 28.16 -30.03 5.79
CA PRO A 540 29.14 -29.38 4.94
C PRO A 540 30.02 -28.41 5.71
N ASN A 541 31.28 -28.30 5.30
CA ASN A 541 32.18 -27.30 5.84
C ASN A 541 32.59 -26.30 4.76
N ASP A 542 31.86 -26.33 3.65
CA ASP A 542 32.13 -25.45 2.52
C ASP A 542 30.85 -25.17 1.73
N ILE A 543 30.82 -24.03 1.04
CA ILE A 543 29.68 -23.64 0.21
C ILE A 543 29.52 -24.55 -0.99
N ALA A 544 30.60 -25.26 -1.31
CA ALA A 544 30.67 -26.07 -2.52
C ALA A 544 29.62 -27.16 -2.52
N TYR A 545 29.16 -27.55 -1.33
CA TYR A 545 28.21 -28.64 -1.17
C TYR A 545 26.91 -28.37 -1.91
N VAL A 546 26.61 -27.09 -2.14
CA VAL A 546 25.38 -26.72 -2.86
C VAL A 546 25.37 -27.33 -4.25
N TYR A 547 26.56 -27.44 -4.83
CA TYR A 547 26.75 -28.06 -6.14
C TYR A 547 27.54 -29.36 -6.03
N SER A 548 27.69 -29.87 -4.81
CA SER A 548 28.53 -31.03 -4.57
C SER A 548 29.95 -30.87 -5.10
N GLY A 549 30.61 -29.77 -4.74
CA GLY A 549 32.02 -29.57 -5.07
C GLY A 549 32.32 -28.48 -6.10
N TYR A 550 31.36 -27.62 -6.42
CA TYR A 550 31.62 -26.57 -7.41
C TYR A 550 32.25 -25.33 -6.81
N ALA A 551 32.02 -25.09 -5.53
CA ALA A 551 32.68 -23.98 -4.86
C ALA A 551 32.63 -22.71 -5.72
N PRO A 552 31.44 -22.19 -6.00
CA PRO A 552 31.14 -21.20 -7.03
C PRO A 552 31.94 -19.91 -6.84
N LEU A 553 32.46 -19.40 -7.96
CA LEU A 553 33.33 -18.22 -7.96
C LEU A 553 32.61 -16.97 -7.47
N SER A 554 31.35 -16.79 -7.84
CA SER A 554 30.59 -15.61 -7.46
C SER A 554 30.54 -15.44 -5.95
N ILE A 555 30.73 -16.53 -5.22
CA ILE A 555 30.70 -16.48 -3.77
C ILE A 555 32.11 -16.29 -3.25
N ARG A 556 33.08 -16.98 -3.85
CA ARG A 556 34.47 -16.85 -3.45
C ARG A 556 34.95 -15.41 -3.60
N LEU A 557 34.44 -14.71 -4.61
CA LEU A 557 34.81 -13.32 -4.86
C LEU A 557 34.21 -12.39 -3.83
N VAL A 558 33.25 -12.91 -3.05
CA VAL A 558 32.62 -12.14 -1.99
C VAL A 558 33.22 -12.54 -0.65
N GLN A 559 33.44 -13.84 -0.46
CA GLN A 559 34.02 -14.34 0.79
C GLN A 559 35.39 -13.74 1.03
N CYS A 560 36.15 -13.58 -0.04
CA CYS A 560 37.51 -13.06 0.04
C CYS A 560 37.54 -11.58 0.36
N VAL A 561 36.37 -10.96 0.37
CA VAL A 561 36.23 -9.56 0.73
C VAL A 561 35.66 -9.45 2.15
N LEU A 562 34.70 -10.33 2.45
CA LEU A 562 34.04 -10.32 3.74
C LEU A 562 34.98 -10.61 4.90
N GLN A 563 35.89 -11.56 4.72
CA GLN A 563 36.80 -11.90 5.81
C GLN A 563 38.20 -12.25 5.30
N LYS A 564 39.22 -11.91 6.09
CA LYS A 564 40.60 -12.19 5.71
C LYS A 564 40.91 -13.67 5.85
N GLN A 565 40.21 -14.35 6.75
CA GLN A 565 40.37 -15.79 6.94
C GLN A 565 39.85 -16.54 5.72
N TYR A 566 38.80 -16.02 5.10
CA TYR A 566 38.27 -16.64 3.89
C TYR A 566 39.25 -16.48 2.75
N LEU A 567 39.83 -15.29 2.65
CA LEU A 567 40.82 -15.01 1.62
C LEU A 567 42.03 -15.94 1.75
N LEU A 568 42.47 -16.18 2.99
CA LEU A 568 43.61 -17.05 3.24
C LEU A 568 43.33 -18.50 2.85
N SER A 569 42.15 -19.01 3.18
CA SER A 569 41.81 -20.40 2.90
C SER A 569 41.33 -20.62 1.46
N ILE A 570 40.72 -19.61 0.87
CA ILE A 570 40.19 -19.73 -0.49
C ILE A 570 41.27 -19.75 -1.55
N THR A 571 42.31 -18.91 -1.37
CA THR A 571 43.36 -18.82 -2.37
C THR A 571 44.41 -19.91 -2.21
N LYS A 572 44.25 -20.74 -1.20
CA LYS A 572 45.18 -21.83 -0.96
C LYS A 572 44.85 -23.00 -1.87
N GLY A 573 45.14 -22.83 -3.16
CA GLY A 573 44.80 -23.79 -4.20
C GLY A 573 46.04 -24.55 -4.69
N SER A 574 46.44 -24.28 -5.93
CA SER A 574 47.57 -25.01 -6.53
C SER A 574 48.90 -24.61 -5.90
N GLY A 575 49.92 -25.44 -6.14
CA GLY A 575 51.22 -25.28 -5.50
C GLY A 575 51.94 -23.99 -5.89
N THR A 576 51.51 -23.38 -6.98
CA THR A 576 52.12 -22.13 -7.44
C THR A 576 51.37 -20.93 -6.92
N VAL A 577 50.31 -21.19 -6.15
CA VAL A 577 49.45 -20.15 -5.62
C VAL A 577 49.56 -20.07 -4.10
N ILE A 578 49.68 -21.23 -3.45
CA ILE A 578 49.68 -21.29 -1.99
C ILE A 578 50.83 -20.51 -1.38
N ALA A 579 51.85 -20.23 -2.19
CA ALA A 579 53.00 -19.46 -1.74
C ALA A 579 52.58 -18.04 -1.38
N ALA A 580 51.45 -17.60 -1.93
CA ALA A 580 50.93 -16.26 -1.67
C ALA A 580 50.04 -16.26 -0.43
N GLY A 581 49.88 -17.42 0.19
CA GLY A 581 49.03 -17.56 1.37
C GLY A 581 49.22 -16.44 2.38
N PRO A 582 50.45 -16.20 2.84
CA PRO A 582 50.84 -15.21 3.84
C PRO A 582 50.49 -13.79 3.38
N VAL A 583 50.32 -13.60 2.08
CA VAL A 583 49.93 -12.31 1.53
C VAL A 583 48.41 -12.21 1.55
N ALA A 584 47.76 -13.28 1.16
CA ALA A 584 46.30 -13.37 1.15
C ALA A 584 45.74 -13.17 2.56
N GLY A 585 46.46 -13.66 3.56
CA GLY A 585 46.01 -13.59 4.94
C GLY A 585 46.11 -12.18 5.51
N GLY A 586 46.74 -11.27 4.76
CA GLY A 586 46.90 -9.90 5.21
C GLY A 586 45.78 -9.00 4.68
N GLY A 587 44.81 -9.60 3.98
CA GLY A 587 43.73 -8.85 3.36
C GLY A 587 42.66 -8.44 4.36
N ALA A 588 43.05 -7.63 5.33
CA ALA A 588 42.14 -7.16 6.36
C ALA A 588 41.11 -6.18 5.80
N GLN A 589 41.50 -5.45 4.74
CA GLN A 589 40.61 -4.45 4.15
C GLN A 589 40.61 -4.47 2.63
N GLY A 590 39.46 -4.11 2.06
CA GLY A 590 39.31 -3.92 0.62
C GLY A 590 39.61 -5.18 -0.17
N TRP A 591 40.42 -5.02 -1.22
CA TRP A 591 40.80 -6.15 -2.08
C TRP A 591 42.22 -6.63 -1.78
N LYS A 592 42.84 -6.09 -0.74
CA LYS A 592 44.24 -6.37 -0.46
C LYS A 592 44.50 -7.87 -0.34
N GLY A 593 45.49 -8.35 -1.09
CA GLY A 593 45.89 -9.76 -1.04
C GLY A 593 45.11 -10.60 -2.04
N PHE A 594 44.09 -9.99 -2.64
CA PHE A 594 43.24 -10.68 -3.60
C PHE A 594 43.41 -10.12 -5.01
N GLU A 595 44.34 -9.17 -5.16
CA GLU A 595 44.54 -8.48 -6.44
C GLU A 595 44.82 -9.46 -7.58
N GLU A 596 45.56 -10.52 -7.30
CA GLU A 596 45.90 -11.51 -8.31
C GLU A 596 44.66 -12.08 -8.97
N ILE A 597 43.60 -12.23 -8.18
CA ILE A 597 42.36 -12.81 -8.66
C ILE A 597 41.40 -11.77 -9.21
N VAL A 598 41.31 -10.64 -8.53
CA VAL A 598 40.40 -9.58 -8.96
C VAL A 598 40.73 -9.14 -10.38
N LYS A 599 42.02 -9.05 -10.68
CA LYS A 599 42.49 -8.60 -11.99
C LYS A 599 42.20 -9.60 -13.11
N HIS A 600 41.85 -10.84 -12.75
CA HIS A 600 41.58 -11.87 -13.76
C HIS A 600 40.08 -12.09 -13.99
N ALA A 601 39.26 -11.26 -13.34
CA ALA A 601 37.82 -11.35 -13.50
C ALA A 601 37.31 -10.24 -14.43
N ARG A 602 36.16 -10.48 -15.05
CA ARG A 602 35.59 -9.53 -16.01
C ARG A 602 35.16 -8.20 -15.39
N GLY A 603 35.50 -7.12 -16.08
CA GLY A 603 35.09 -5.77 -15.67
C GLY A 603 36.12 -5.10 -14.77
N PRO A 604 35.92 -3.81 -14.49
CA PRO A 604 36.74 -2.94 -13.65
C PRO A 604 36.57 -3.23 -12.16
N THR A 605 37.49 -2.73 -11.36
CA THR A 605 37.44 -2.89 -9.91
C THR A 605 37.21 -1.56 -9.21
N PHE A 606 36.28 -1.53 -8.27
CA PHE A 606 35.99 -0.32 -7.52
C PHE A 606 36.37 -0.45 -6.06
N ASP A 607 37.01 0.59 -5.51
CA ASP A 607 37.35 0.64 -4.10
C ASP A 607 37.48 2.08 -3.62
N GLU A 608 36.49 2.55 -2.87
CA GLU A 608 36.45 3.93 -2.37
C GLU A 608 35.92 3.98 -0.94
N ILE A 609 36.29 5.03 -0.22
CA ILE A 609 35.84 5.17 1.17
C ILE A 609 35.11 6.48 1.43
N GLN A 610 34.37 6.51 2.53
CA GLN A 610 33.60 7.69 2.93
C GLN A 610 34.52 8.79 3.43
N LYS A 611 34.29 10.00 2.94
CA LYS A 611 35.06 11.16 3.36
C LYS A 611 34.44 11.83 4.60
N GLY A 612 35.28 12.49 5.39
CA GLY A 612 34.82 13.22 6.56
C GLY A 612 35.76 13.03 7.74
N GLU A 613 35.69 13.94 8.70
CA GLU A 613 36.57 13.94 9.86
C GLU A 613 36.36 12.73 10.76
N ASP A 614 35.13 12.24 10.84
CA ASP A 614 34.81 11.14 11.74
C ASP A 614 34.83 9.77 11.06
N LYS A 615 35.32 9.73 9.83
CA LYS A 615 35.35 8.47 9.09
C LYS A 615 36.21 7.43 9.80
N ALA A 616 37.29 7.88 10.42
CA ALA A 616 38.20 6.98 11.12
C ALA A 616 37.57 6.47 12.41
N VAL A 617 36.71 7.29 13.01
CA VAL A 617 36.09 6.93 14.28
C VAL A 617 35.09 5.82 14.08
N LYS A 618 34.30 5.93 13.02
CA LYS A 618 33.31 4.92 12.70
C LYS A 618 33.99 3.63 12.25
N ALA A 619 35.08 3.76 11.50
CA ALA A 619 35.79 2.58 11.01
C ALA A 619 36.36 1.77 12.17
N ARG A 620 36.84 2.45 13.20
CA ARG A 620 37.39 1.74 14.35
C ARG A 620 36.29 1.02 15.14
N ALA A 621 35.13 1.67 15.26
CA ALA A 621 34.00 1.08 15.97
C ALA A 621 33.47 -0.15 15.24
N LEU A 622 33.52 -0.13 13.92
CA LEU A 622 32.99 -1.20 13.10
C LEU A 622 33.94 -2.40 13.01
N LEU A 623 35.23 -2.13 13.16
CA LEU A 623 36.24 -3.19 13.13
C LEU A 623 36.45 -3.75 14.53
N SER A 624 35.71 -3.21 15.48
CA SER A 624 35.76 -3.63 16.88
C SER A 624 34.50 -4.43 17.23
N GLY A 625 33.77 -4.85 16.21
CA GLY A 625 32.51 -5.55 16.39
C GLY A 625 32.70 -6.89 17.11
N SER A 626 31.69 -7.29 17.86
CA SER A 626 31.74 -8.50 18.68
C SER A 626 30.37 -9.15 18.78
N SER A 627 30.29 -10.32 19.40
CA SER A 627 29.04 -11.07 19.45
C SER A 627 27.95 -10.32 20.24
N GLY A 628 28.37 -9.46 21.17
CA GLY A 628 27.41 -8.68 21.94
C GLY A 628 27.06 -7.38 21.22
N ASP A 629 27.74 -7.13 20.11
CA ASP A 629 27.53 -5.95 19.28
C ASP A 629 27.87 -6.27 17.83
N LYS A 630 26.98 -7.03 17.19
CA LYS A 630 27.24 -7.50 15.82
C LYS A 630 27.03 -6.37 14.83
N LYS A 631 27.89 -6.32 13.81
CA LYS A 631 27.77 -5.28 12.78
C LYS A 631 27.19 -5.85 11.49
N THR A 632 26.45 -5.01 10.77
CA THR A 632 25.78 -5.42 9.55
C THR A 632 26.65 -5.27 8.31
N VAL A 633 26.61 -6.26 7.43
CA VAL A 633 27.33 -6.23 6.17
C VAL A 633 26.37 -6.42 5.00
N PHE A 634 26.47 -5.54 4.00
CA PHE A 634 25.61 -5.64 2.83
C PHE A 634 26.30 -6.30 1.65
N VAL A 635 25.73 -7.39 1.17
CA VAL A 635 26.23 -8.07 -0.01
C VAL A 635 25.24 -7.88 -1.14
N VAL A 636 25.69 -7.22 -2.21
CA VAL A 636 24.80 -6.78 -3.27
C VAL A 636 25.08 -7.47 -4.60
N PHE A 637 24.05 -8.09 -5.16
CA PHE A 637 24.14 -8.71 -6.47
C PHE A 637 23.36 -7.92 -7.52
N VAL A 638 24.07 -7.49 -8.55
CA VAL A 638 23.49 -6.66 -9.60
C VAL A 638 23.02 -7.54 -10.75
N GLY A 639 21.79 -7.35 -11.18
CA GLY A 639 21.23 -8.13 -12.27
C GLY A 639 20.45 -9.34 -11.77
N GLY A 640 20.45 -9.53 -10.46
CA GLY A 640 19.71 -10.63 -9.84
C GLY A 640 20.64 -11.70 -9.28
N ILE A 641 20.16 -12.37 -8.23
CA ILE A 641 20.93 -13.42 -7.54
C ILE A 641 20.22 -14.76 -7.64
N THR A 642 20.96 -15.82 -7.90
CA THR A 642 20.34 -17.14 -8.01
C THR A 642 20.13 -17.76 -6.64
N PHE A 643 19.31 -18.80 -6.58
CA PHE A 643 19.04 -19.49 -5.32
C PHE A 643 20.26 -20.22 -4.80
N THR A 644 21.11 -20.68 -5.72
CA THR A 644 22.34 -21.36 -5.33
C THR A 644 23.26 -20.39 -4.61
N GLU A 645 23.28 -19.16 -5.08
CA GLU A 645 24.11 -18.13 -4.49
C GLU A 645 23.56 -17.70 -3.14
N ILE A 646 22.23 -17.66 -3.02
CA ILE A 646 21.62 -17.30 -1.75
C ILE A 646 21.93 -18.33 -0.69
N ALA A 647 21.83 -19.61 -1.05
CA ALA A 647 22.13 -20.68 -0.09
C ALA A 647 23.61 -20.65 0.29
N ALA A 648 24.46 -20.35 -0.68
CA ALA A 648 25.90 -20.28 -0.41
C ALA A 648 26.22 -19.11 0.50
N LEU A 649 25.49 -18.01 0.35
CA LEU A 649 25.71 -16.83 1.19
C LEU A 649 25.19 -17.07 2.60
N ARG A 650 24.12 -17.85 2.74
CA ARG A 650 23.63 -18.20 4.06
C ARG A 650 24.65 -19.04 4.82
N PHE A 651 25.34 -19.92 4.09
CA PHE A 651 26.32 -20.79 4.72
C PHE A 651 27.46 -19.98 5.34
N ILE A 652 27.98 -19.03 4.57
CA ILE A 652 29.08 -18.21 5.06
C ILE A 652 28.59 -17.20 6.08
N ALA A 653 27.36 -16.73 5.90
CA ALA A 653 26.77 -15.78 6.83
C ALA A 653 26.61 -16.43 8.21
N LYS A 654 26.33 -17.73 8.23
CA LYS A 654 26.20 -18.44 9.49
C LYS A 654 27.56 -18.56 10.19
N GLN A 655 28.60 -18.83 9.41
CA GLN A 655 29.93 -18.99 9.97
C GLN A 655 30.45 -17.67 10.57
N GLU A 656 30.08 -16.56 9.94
CA GLU A 656 30.51 -15.25 10.40
C GLU A 656 29.50 -14.61 11.36
N GLU A 657 28.42 -15.34 11.64
CA GLU A 657 27.30 -14.83 12.43
C GLU A 657 27.74 -14.36 13.82
N ALA A 658 28.76 -15.01 14.36
CA ALA A 658 29.23 -14.69 15.70
C ALA A 658 29.70 -13.24 15.80
N ARG A 659 30.16 -12.67 14.70
CA ARG A 659 30.70 -11.30 14.74
C ARG A 659 29.87 -10.30 13.93
N ARG A 660 29.25 -10.76 12.85
CA ARG A 660 28.56 -9.85 11.95
C ARG A 660 27.26 -10.41 11.39
N ASN A 661 26.34 -9.50 11.07
CA ASN A 661 25.08 -9.86 10.42
C ASN A 661 25.15 -9.57 8.93
N ILE A 662 25.29 -10.63 8.13
CA ILE A 662 25.43 -10.45 6.68
C ILE A 662 24.08 -10.63 6.00
N VAL A 663 23.67 -9.59 5.25
CA VAL A 663 22.37 -9.58 4.59
C VAL A 663 22.52 -9.61 3.08
N ILE A 664 21.70 -10.42 2.43
CA ILE A 664 21.73 -10.57 0.98
C ILE A 664 20.84 -9.54 0.32
N CYS A 665 21.41 -8.73 -0.56
CA CYS A 665 20.66 -7.71 -1.27
C CYS A 665 20.74 -7.92 -2.77
N THR A 666 19.61 -7.81 -3.44
CA THR A 666 19.58 -8.07 -4.88
C THR A 666 18.57 -7.21 -5.63
N THR A 667 18.84 -7.00 -6.91
CA THR A 667 17.87 -6.39 -7.81
C THR A 667 16.67 -7.31 -7.99
N SER A 668 16.92 -8.61 -7.91
CA SER A 668 15.89 -9.62 -8.05
C SER A 668 16.40 -10.97 -7.62
N ILE A 669 15.48 -11.90 -7.38
CA ILE A 669 15.88 -13.27 -7.14
C ILE A 669 15.69 -14.08 -8.42
N ILE A 670 16.79 -14.59 -8.96
CA ILE A 670 16.73 -15.31 -10.22
C ILE A 670 16.38 -16.77 -10.01
N ASN A 671 15.33 -17.20 -10.67
CA ASN A 671 14.94 -18.60 -10.63
C ASN A 671 15.89 -19.38 -11.54
N GLY A 672 16.20 -20.61 -11.17
CA GLY A 672 17.14 -21.40 -11.96
C GLY A 672 16.62 -21.59 -13.37
N ASN A 673 15.31 -21.55 -13.52
CA ASN A 673 14.66 -21.75 -14.81
C ASN A 673 14.26 -20.44 -15.48
N ARG A 674 14.68 -19.30 -14.92
CA ARG A 674 14.30 -18.01 -15.50
C ARG A 674 15.28 -17.55 -16.57
N MET A 675 16.54 -17.92 -16.42
CA MET A 675 17.59 -17.48 -17.33
C MET A 675 17.54 -18.24 -18.64
N MET A 676 17.19 -19.52 -18.55
CA MET A 676 17.23 -20.41 -19.71
C MET A 676 15.90 -20.49 -20.43
N ASN A 677 14.89 -19.84 -19.86
CA ASN A 677 13.55 -19.82 -20.46
C ASN A 677 13.18 -18.41 -20.90
N ALA A 678 14.17 -17.54 -21.05
CA ALA A 678 13.89 -16.18 -21.48
C ALA A 678 13.24 -16.19 -22.84
N ALA A 679 13.61 -17.18 -23.65
CA ALA A 679 13.06 -17.34 -24.99
C ALA A 679 11.72 -18.06 -24.96
N ILE A 680 11.29 -18.49 -23.79
CA ILE A 680 10.02 -19.19 -23.65
C ILE A 680 8.96 -18.24 -23.07
N GLU A 681 9.34 -17.51 -22.03
CA GLU A 681 8.41 -16.59 -21.36
C GLU A 681 8.14 -15.35 -22.19
N THR A 682 9.13 -14.89 -22.96
CA THR A 682 8.94 -13.72 -23.81
C THR A 682 8.35 -14.16 -25.15
N ALA A 683 8.34 -15.46 -25.37
CA ALA A 683 7.76 -16.07 -26.57
C ALA A 683 6.29 -16.45 -26.37
N THR A 684 5.75 -16.20 -25.17
CA THR A 684 4.38 -16.56 -24.82
C THR A 684 3.47 -15.32 -24.86
N MET B 1 43.07 65.82 4.25
CA MET B 1 41.72 66.30 3.95
C MET B 1 41.47 67.68 4.58
N ASP B 2 41.50 68.72 3.75
CA ASP B 2 41.33 70.11 4.19
C ASP B 2 39.87 70.56 4.09
N THR B 3 39.01 69.63 3.70
CA THR B 3 37.58 69.89 3.57
C THR B 3 36.81 69.16 4.65
N ALA B 4 37.56 68.59 5.58
CA ALA B 4 37.00 67.75 6.65
C ALA B 4 36.14 68.54 7.63
N HIS B 5 36.50 69.80 7.89
CA HIS B 5 35.73 70.62 8.85
C HIS B 5 35.67 72.11 8.50
N PRO B 6 35.08 72.47 7.35
CA PRO B 6 34.96 73.83 6.83
C PRO B 6 33.82 74.61 7.50
N THR B 7 33.99 74.90 8.79
CA THR B 7 32.95 75.57 9.57
C THR B 7 33.04 77.09 9.45
N ALA B 8 34.16 77.57 8.92
CA ALA B 8 34.43 79.00 8.83
C ALA B 8 33.44 79.72 7.90
N SER B 9 32.85 78.97 6.98
CA SER B 9 31.96 79.53 5.97
C SER B 9 30.52 79.74 6.47
N TRP B 10 30.23 79.26 7.68
CA TRP B 10 28.86 79.30 8.19
C TRP B 10 28.43 80.72 8.55
N GLU B 11 27.17 81.03 8.24
CA GLU B 11 26.62 82.36 8.53
C GLU B 11 25.17 82.28 8.99
N GLN B 12 24.73 83.31 9.71
CA GLN B 12 23.33 83.39 10.15
C GLN B 12 22.57 84.43 9.35
N LEU B 13 21.53 84.00 8.64
CA LEU B 13 20.73 84.89 7.82
C LEU B 13 19.24 84.77 8.19
N GLY B 14 18.63 85.86 8.63
CA GLY B 14 17.23 85.82 9.00
C GLY B 14 17.03 85.02 10.28
N GLU B 15 18.03 85.06 11.16
CA GLU B 15 18.04 84.28 12.39
C GLU B 15 17.96 82.78 12.13
N ARG B 16 18.62 82.34 11.06
CA ARG B 16 18.75 80.92 10.73
C ARG B 16 20.18 80.63 10.30
N PHE B 17 20.68 79.44 10.61
CA PHE B 17 22.05 79.11 10.22
C PHE B 17 22.11 78.49 8.83
N TYR B 18 23.10 78.93 8.04
CA TYR B 18 23.35 78.37 6.72
C TYR B 18 24.81 77.99 6.59
N ARG B 19 25.09 76.96 5.79
CA ARG B 19 26.46 76.53 5.62
C ARG B 19 26.82 76.30 4.16
N LYS B 20 28.05 76.66 3.81
CA LYS B 20 28.60 76.38 2.49
C LYS B 20 29.75 75.39 2.64
N ILE B 21 29.54 74.15 2.19
CA ILE B 21 30.52 73.12 2.42
C ILE B 21 31.35 72.86 1.17
N GLN B 22 32.65 73.09 1.27
CA GLN B 22 33.56 72.86 0.16
C GLN B 22 34.15 71.46 0.26
N LEU B 23 33.37 70.44 -0.12
CA LEU B 23 33.77 69.05 0.10
C LEU B 23 34.96 68.65 -0.76
N TYR B 24 34.98 69.12 -1.99
CA TYR B 24 36.00 68.72 -2.95
C TYR B 24 36.53 69.90 -3.73
N THR B 25 37.79 69.80 -4.14
CA THR B 25 38.39 70.79 -5.03
C THR B 25 38.94 70.09 -6.28
N GLN B 26 39.14 70.86 -7.34
CA GLN B 26 39.59 70.28 -8.60
C GLN B 26 41.01 70.67 -8.96
N VAL B 27 41.66 69.83 -9.76
CA VAL B 27 42.99 70.11 -10.28
C VAL B 27 42.94 70.35 -11.79
N PHE B 28 41.75 70.20 -12.36
CA PHE B 28 41.52 70.39 -13.78
C PHE B 28 40.51 71.51 -14.01
N ASP B 29 40.52 72.48 -13.12
CA ASP B 29 39.52 73.54 -13.11
C ASP B 29 39.56 74.38 -14.38
N GLN B 30 40.75 74.57 -14.92
CA GLN B 30 40.91 75.40 -16.11
C GLN B 30 40.52 74.65 -17.37
N ASP B 31 40.35 73.33 -17.25
CA ASP B 31 39.93 72.50 -18.36
C ASP B 31 38.46 72.13 -18.24
N PHE B 32 37.78 72.74 -17.27
CA PHE B 32 36.39 72.40 -16.99
C PHE B 32 35.44 73.53 -17.38
N ASP B 33 34.68 73.32 -18.44
CA ASP B 33 33.74 74.33 -18.93
C ASP B 33 32.35 74.08 -18.39
N LEU B 34 31.93 74.88 -17.42
CA LEU B 34 30.62 74.68 -16.79
C LEU B 34 29.60 75.69 -17.28
N ASP B 35 29.98 76.51 -18.25
CA ASP B 35 29.09 77.57 -18.72
C ASP B 35 28.25 77.11 -19.90
N ASN B 36 28.44 75.86 -20.32
CA ASN B 36 27.70 75.34 -21.47
C ASN B 36 26.83 74.14 -21.13
N TYR B 37 26.57 73.90 -19.85
CA TYR B 37 25.70 72.79 -19.46
C TYR B 37 24.91 73.08 -18.21
N ILE B 38 23.82 72.35 -18.02
CA ILE B 38 22.96 72.46 -16.84
C ILE B 38 23.11 71.25 -15.94
N VAL B 39 23.39 71.50 -14.67
CA VAL B 39 23.60 70.41 -13.71
C VAL B 39 22.36 70.14 -12.87
N THR B 40 22.02 68.87 -12.74
CA THR B 40 20.86 68.47 -11.94
C THR B 40 21.26 68.02 -10.54
N GLY B 41 20.27 67.71 -9.72
CA GLY B 41 20.50 67.35 -8.33
C GLY B 41 20.85 65.89 -8.18
N ALA B 42 21.16 65.49 -6.97
CA ALA B 42 21.43 64.09 -6.65
C ALA B 42 20.79 63.73 -5.32
N PRO B 43 19.46 63.75 -5.27
CA PRO B 43 18.60 63.82 -4.09
C PRO B 43 18.67 62.57 -3.24
N TYR B 44 19.30 61.51 -3.75
CA TYR B 44 19.50 60.30 -2.97
C TYR B 44 20.97 60.09 -2.66
N GLY B 45 21.78 61.12 -2.91
CA GLY B 45 23.21 61.10 -2.63
C GLY B 45 23.98 60.32 -3.69
N GLY B 46 23.41 60.23 -4.88
CA GLY B 46 24.05 59.52 -5.97
C GLY B 46 24.92 60.47 -6.79
N ALA B 47 25.22 60.07 -8.01
CA ALA B 47 26.06 60.88 -8.88
C ALA B 47 25.30 62.12 -9.34
N ILE B 48 26.04 63.15 -9.74
CA ILE B 48 25.45 64.37 -10.27
C ILE B 48 25.63 64.42 -11.79
N ALA B 49 24.52 64.52 -12.50
CA ALA B 49 24.56 64.48 -13.97
C ALA B 49 24.70 65.89 -14.55
N LEU B 50 25.64 66.02 -15.49
CA LEU B 50 25.88 67.29 -16.18
C LEU B 50 25.29 67.23 -17.60
N TYR B 51 24.18 67.93 -17.81
CA TYR B 51 23.50 67.87 -19.10
C TYR B 51 23.91 69.00 -20.03
N ARG B 52 24.57 68.66 -21.13
CA ARG B 52 25.10 69.66 -22.05
C ARG B 52 24.02 70.34 -22.86
N ASP B 53 24.09 71.66 -22.94
CA ASP B 53 23.14 72.47 -23.70
C ASP B 53 23.61 72.66 -25.13
N ASP B 54 22.87 72.10 -26.07
CA ASP B 54 23.28 72.08 -27.47
C ASP B 54 23.37 73.49 -28.04
N GLU B 55 22.65 74.44 -27.42
CA GLU B 55 22.64 75.82 -27.88
C GLU B 55 23.78 76.62 -27.28
N LYS B 56 24.50 76.03 -26.33
CA LYS B 56 25.61 76.71 -25.68
C LYS B 56 26.95 76.15 -26.17
N LEU B 57 26.93 74.91 -26.64
CA LEU B 57 28.14 74.27 -27.13
C LEU B 57 28.38 74.63 -28.58
N VAL B 58 28.67 75.92 -28.79
CA VAL B 58 28.90 76.48 -30.11
C VAL B 58 30.29 77.09 -30.21
N ALA B 59 30.61 77.99 -29.28
CA ALA B 59 31.86 78.74 -29.33
C ALA B 59 33.00 78.05 -28.61
N TYR B 60 32.69 77.30 -27.55
CA TYR B 60 33.73 76.72 -26.71
C TYR B 60 33.95 75.24 -26.96
N GLN B 61 32.86 74.52 -27.19
CA GLN B 61 32.93 73.09 -27.48
C GLN B 61 32.02 72.78 -28.66
N PRO B 62 32.46 73.14 -29.86
CA PRO B 62 31.67 73.43 -31.04
C PRO B 62 31.17 72.18 -31.76
N SER B 63 30.38 71.37 -31.05
CA SER B 63 29.73 70.23 -31.69
C SER B 63 28.65 70.73 -32.64
N ARG B 64 27.93 71.78 -32.23
CA ARG B 64 26.96 72.45 -33.07
C ARG B 64 25.99 71.49 -33.74
N SER B 65 25.46 70.54 -32.97
CA SER B 65 24.52 69.57 -33.52
C SER B 65 23.53 69.10 -32.47
N SER B 66 22.39 68.56 -32.92
CA SER B 66 21.38 68.04 -32.02
C SER B 66 21.66 66.60 -31.61
N ARG B 67 22.77 66.41 -30.91
CA ARG B 67 23.17 65.08 -30.42
C ARG B 67 23.63 65.16 -28.97
N PRO B 68 22.68 65.31 -28.03
CA PRO B 68 22.88 65.64 -26.63
C PRO B 68 23.72 64.60 -25.92
N THR B 69 24.57 65.05 -25.02
CA THR B 69 25.38 64.16 -24.19
C THR B 69 25.30 64.57 -22.73
N ILE B 70 25.30 63.57 -21.84
CA ILE B 70 25.32 63.84 -20.41
C ILE B 70 26.53 63.21 -19.75
N ASP B 71 27.26 64.02 -18.99
CA ASP B 71 28.42 63.56 -18.23
C ASP B 71 28.03 63.29 -16.79
N ILE B 72 28.06 62.04 -16.38
CA ILE B 72 27.63 61.70 -15.02
C ILE B 72 28.85 61.55 -14.12
N CYS B 73 28.93 62.39 -13.10
CA CYS B 73 30.12 62.50 -12.30
C CYS B 73 29.82 62.30 -10.82
N SER B 74 30.83 61.88 -10.06
CA SER B 74 30.70 61.80 -8.63
C SER B 74 30.72 63.20 -8.07
N LEU B 75 30.48 63.33 -6.77
CA LEU B 75 30.46 64.66 -6.16
C LEU B 75 31.87 65.25 -6.13
N SER B 76 32.86 64.41 -6.39
CA SER B 76 34.26 64.85 -6.42
C SER B 76 34.59 65.53 -7.75
N GLY B 77 33.67 65.42 -8.71
CA GLY B 77 33.88 65.99 -10.04
C GLY B 77 34.41 64.94 -11.02
N LYS B 78 34.71 63.75 -10.49
CA LYS B 78 35.22 62.68 -11.33
C LYS B 78 34.13 62.07 -12.20
N LEU B 79 34.40 61.96 -13.49
CA LEU B 79 33.45 61.36 -14.43
C LEU B 79 33.36 59.86 -14.21
N LEU B 80 32.14 59.35 -14.13
CA LEU B 80 31.92 57.91 -13.99
C LEU B 80 31.52 57.29 -15.33
N ARG B 81 30.63 57.98 -16.04
CA ARG B 81 30.16 57.52 -17.35
C ARG B 81 29.74 58.67 -18.24
N ARG B 82 29.73 58.43 -19.54
CA ARG B 82 29.23 59.40 -20.51
C ARG B 82 28.23 58.75 -21.45
N ILE B 83 27.06 59.36 -21.57
CA ILE B 83 25.99 58.82 -22.42
C ILE B 83 25.56 59.82 -23.48
N SER B 84 25.46 59.37 -24.73
CA SER B 84 25.01 60.23 -25.82
C SER B 84 23.69 59.72 -26.39
N TRP B 85 22.83 60.65 -26.80
CA TRP B 85 21.52 60.31 -27.35
C TRP B 85 21.40 60.58 -28.84
N ASP B 86 20.70 59.68 -29.53
CA ASP B 86 20.40 59.82 -30.96
C ASP B 86 18.93 60.17 -31.20
N GLN B 87 18.22 60.51 -30.14
CA GLN B 87 16.78 60.74 -30.21
C GLN B 87 16.40 62.22 -30.23
N GLY B 88 17.39 63.09 -30.31
CA GLY B 88 17.13 64.53 -30.29
C GLY B 88 17.28 65.08 -28.88
N PRO B 89 16.89 66.35 -28.67
CA PRO B 89 17.10 67.16 -27.48
C PRO B 89 16.54 66.55 -26.21
N ILE B 90 17.25 66.76 -25.10
CA ILE B 90 16.86 66.25 -23.79
C ILE B 90 16.19 67.34 -22.96
N LYS B 91 15.01 67.04 -22.43
CA LYS B 91 14.28 68.01 -21.63
C LYS B 91 14.93 68.24 -20.28
N GLY B 92 15.42 67.17 -19.66
CA GLY B 92 16.08 67.28 -18.37
C GLY B 92 16.46 65.92 -17.78
N VAL B 93 17.24 65.95 -16.71
CA VAL B 93 17.73 64.75 -16.04
C VAL B 93 17.50 64.76 -14.53
N GLY B 94 17.03 63.63 -14.00
CA GLY B 94 16.88 63.46 -12.57
C GLY B 94 17.35 62.08 -12.12
N TRP B 95 17.01 61.69 -10.90
CA TRP B 95 17.44 60.41 -10.35
C TRP B 95 16.33 59.68 -9.63
N SER B 96 16.43 58.35 -9.59
CA SER B 96 15.49 57.51 -8.85
C SER B 96 16.05 57.18 -7.47
N GLU B 97 15.22 56.54 -6.64
CA GLU B 97 15.63 56.14 -5.29
C GLU B 97 16.72 55.08 -5.31
N ASP B 98 16.94 54.45 -6.46
CA ASP B 98 17.99 53.45 -6.61
C ASP B 98 19.19 54.04 -7.34
N GLU B 99 19.22 55.37 -7.41
CA GLU B 99 20.26 56.13 -8.11
C GLU B 99 20.28 55.82 -9.60
N LYS B 100 19.11 55.60 -10.20
CA LYS B 100 19.05 55.44 -11.65
C LYS B 100 19.04 56.81 -12.31
N LEU B 101 19.65 56.91 -13.48
CA LEU B 101 19.68 58.16 -14.23
C LEU B 101 18.43 58.27 -15.10
N LEU B 102 17.58 59.22 -14.77
CA LEU B 102 16.29 59.35 -15.44
C LEU B 102 16.32 60.48 -16.46
N ILE B 103 16.29 60.13 -17.73
CA ILE B 103 16.41 61.13 -18.80
C ILE B 103 15.14 61.29 -19.60
N VAL B 104 14.62 62.51 -19.64
CA VAL B 104 13.41 62.79 -20.39
C VAL B 104 13.71 63.55 -21.67
N MET B 105 13.29 62.98 -22.79
CA MET B 105 13.44 63.60 -24.10
C MET B 105 12.28 64.56 -24.34
N VAL B 106 12.50 65.55 -25.19
CA VAL B 106 11.49 66.57 -25.45
C VAL B 106 10.22 66.00 -26.09
N ASP B 107 10.33 64.83 -26.72
CA ASP B 107 9.18 64.22 -27.36
C ASP B 107 8.47 63.21 -26.46
N GLY B 108 8.88 63.13 -25.20
CA GLY B 108 8.23 62.26 -24.23
C GLY B 108 8.90 60.91 -24.07
N THR B 109 9.93 60.63 -24.86
CA THR B 109 10.68 59.39 -24.71
C THR B 109 11.53 59.44 -23.44
N VAL B 110 11.52 58.37 -22.66
CA VAL B 110 12.34 58.36 -21.45
C VAL B 110 13.20 57.10 -21.33
N ARG B 111 14.43 57.28 -20.89
CA ARG B 111 15.32 56.16 -20.61
C ARG B 111 15.87 56.24 -19.20
N CYS B 112 15.87 55.10 -18.49
CA CYS B 112 16.35 55.06 -17.12
C CYS B 112 17.63 54.22 -17.01
N TYR B 113 18.78 54.89 -17.03
CA TYR B 113 20.07 54.21 -17.06
C TYR B 113 20.55 53.86 -15.64
N PHE B 114 20.86 52.59 -15.41
CA PHE B 114 21.16 52.14 -14.06
C PHE B 114 22.62 51.73 -13.79
N ASP B 115 23.46 51.73 -14.82
CA ASP B 115 24.85 51.32 -14.60
C ASP B 115 25.84 51.99 -15.56
N LEU B 116 27.12 51.65 -15.42
CA LEU B 116 28.18 52.24 -16.25
C LEU B 116 28.24 51.56 -17.60
N GLN B 117 27.41 50.54 -17.78
CA GLN B 117 27.33 49.81 -19.05
C GLN B 117 26.31 50.47 -19.97
N SER B 118 25.70 51.54 -19.48
CA SER B 118 24.68 52.29 -20.20
C SER B 118 23.48 51.42 -20.58
N GLU B 119 23.08 50.54 -19.66
CA GLU B 119 21.86 49.76 -19.84
C GLU B 119 20.70 50.52 -19.18
N PHE B 120 19.51 50.38 -19.75
CA PHE B 120 18.39 51.18 -19.27
C PHE B 120 17.03 50.50 -19.41
N THR B 121 16.06 50.96 -18.62
CA THR B 121 14.68 50.51 -18.75
C THR B 121 13.91 51.48 -19.63
N GLN B 122 12.72 51.04 -20.08
CA GLN B 122 11.90 51.88 -20.96
C GLN B 122 10.83 52.62 -20.17
N PHE B 123 10.61 53.88 -20.52
CA PHE B 123 9.54 54.68 -19.92
C PHE B 123 9.08 55.76 -20.90
N SER B 124 7.87 56.29 -20.69
CA SER B 124 7.36 57.33 -21.57
C SER B 124 6.39 58.29 -20.90
N LEU B 125 6.22 59.47 -21.49
CA LEU B 125 5.21 60.41 -21.04
C LEU B 125 3.96 60.33 -21.91
N GLY B 126 2.93 61.08 -21.53
CA GLY B 126 1.64 61.01 -22.23
C GLY B 126 1.75 61.49 -23.67
N HIS B 127 0.72 61.24 -24.46
CA HIS B 127 0.73 61.51 -25.90
C HIS B 127 0.90 62.99 -26.21
N GLY B 128 0.51 63.86 -25.29
CA GLY B 128 0.67 65.29 -25.51
C GLY B 128 2.14 65.65 -25.68
N ALA B 129 3.01 64.82 -25.10
CA ALA B 129 4.45 65.02 -25.20
C ALA B 129 4.90 64.93 -26.65
N GLU B 130 4.19 64.13 -27.45
CA GLU B 130 4.56 63.97 -28.85
C GLU B 130 3.83 64.97 -29.72
N GLU B 131 2.60 65.30 -29.34
CA GLU B 131 1.78 66.21 -30.14
C GLU B 131 2.16 67.68 -29.95
N HIS B 132 2.47 68.07 -28.71
CA HIS B 132 2.77 69.46 -28.41
C HIS B 132 4.21 69.64 -27.93
N GLY B 133 4.78 68.57 -27.36
CA GLY B 133 6.13 68.62 -26.82
C GLY B 133 6.10 68.80 -25.30
N VAL B 134 7.23 68.57 -24.65
CA VAL B 134 7.33 68.73 -23.21
C VAL B 134 7.97 70.07 -22.86
N LYS B 135 7.35 70.80 -21.93
CA LYS B 135 7.90 72.10 -21.52
C LYS B 135 8.88 71.93 -20.37
N SER B 136 8.52 71.10 -19.40
CA SER B 136 9.42 70.79 -18.28
C SER B 136 8.98 69.52 -17.58
N CYS B 137 9.84 68.99 -16.72
CA CYS B 137 9.52 67.79 -15.97
C CYS B 137 10.27 67.72 -14.64
N ARG B 138 9.75 66.91 -13.72
CA ARG B 138 10.38 66.66 -12.44
C ARG B 138 10.36 65.18 -12.11
N PHE B 139 11.35 64.75 -11.33
CA PHE B 139 11.57 63.33 -11.09
C PHE B 139 11.35 62.96 -9.62
N TYR B 140 10.51 61.94 -9.40
CA TYR B 140 10.20 61.51 -8.04
C TYR B 140 10.20 59.98 -7.93
N SER B 141 10.41 59.48 -6.71
CA SER B 141 10.40 58.04 -6.45
C SER B 141 9.00 57.46 -6.57
N HIS B 142 8.00 58.34 -6.60
CA HIS B 142 6.60 57.94 -6.66
C HIS B 142 6.05 58.08 -8.06
N GLY B 143 6.94 58.25 -9.04
CA GLY B 143 6.54 58.38 -10.44
C GLY B 143 6.94 59.74 -10.98
N LEU B 144 7.06 59.84 -12.30
CA LEU B 144 7.47 61.10 -12.92
C LEU B 144 6.26 61.95 -13.25
N VAL B 145 6.46 63.26 -13.22
CA VAL B 145 5.43 64.21 -13.59
C VAL B 145 5.98 65.24 -14.56
N ALA B 146 5.20 65.59 -15.57
CA ALA B 146 5.67 66.56 -16.56
C ALA B 146 4.54 67.45 -17.06
N LEU B 147 4.90 68.67 -17.45
CA LEU B 147 3.95 69.60 -18.06
C LEU B 147 4.22 69.68 -19.56
N LEU B 148 3.16 69.53 -20.33
CA LEU B 148 3.26 69.41 -21.78
C LEU B 148 2.93 70.72 -22.48
N GLY B 149 3.21 70.77 -23.79
CA GLY B 149 3.07 71.99 -24.59
C GLY B 149 1.66 72.56 -24.58
N ASN B 150 0.68 71.75 -24.20
CA ASN B 150 -0.71 72.21 -24.12
C ASN B 150 -1.04 72.71 -22.71
N ASN B 151 -0.02 72.82 -21.88
CA ASN B 151 -0.13 73.29 -20.49
C ASN B 151 -0.90 72.30 -19.63
N ALA B 152 -1.08 71.08 -20.11
CA ALA B 152 -1.64 70.00 -19.31
C ALA B 152 -0.53 69.21 -18.65
N LEU B 153 -0.85 68.49 -17.59
CA LEU B 153 0.16 67.67 -16.94
C LEU B 153 -0.22 66.21 -16.93
N VAL B 154 0.80 65.35 -17.00
CA VAL B 154 0.62 63.91 -16.94
C VAL B 154 1.51 63.30 -15.86
N SER B 155 1.12 62.13 -15.37
CA SER B 155 1.90 61.46 -14.32
C SER B 155 1.74 59.94 -14.33
N VAL B 156 2.67 59.28 -13.65
CA VAL B 156 2.62 57.83 -13.43
C VAL B 156 2.81 57.49 -11.96
N SER B 157 2.52 56.24 -11.60
CA SER B 157 2.75 55.76 -10.25
C SER B 157 4.18 55.25 -10.06
N SER B 158 4.87 55.05 -11.17
CA SER B 158 6.26 54.57 -11.15
C SER B 158 7.01 54.98 -12.42
N TYR B 159 8.25 55.41 -12.23
CA TYR B 159 9.09 55.87 -13.33
C TYR B 159 9.52 54.74 -14.27
N ASP B 160 9.34 53.50 -13.83
CA ASP B 160 9.67 52.36 -14.67
C ASP B 160 8.42 51.72 -15.28
N GLU B 161 7.27 52.37 -15.13
CA GLU B 161 6.02 51.85 -15.67
C GLU B 161 5.39 52.82 -16.66
N PRO B 162 5.54 52.57 -17.97
CA PRO B 162 5.20 53.44 -19.08
C PRO B 162 3.70 53.48 -19.32
N ARG B 163 2.96 53.95 -18.32
CA ARG B 163 1.51 54.05 -18.41
C ARG B 163 1.00 55.39 -17.88
N PRO B 164 1.30 56.49 -18.59
CA PRO B 164 0.99 57.87 -18.23
C PRO B 164 -0.50 58.14 -18.26
N LYS B 165 -0.98 58.88 -17.27
CA LYS B 165 -2.36 59.32 -17.22
C LYS B 165 -2.44 60.81 -16.97
N LEU B 166 -3.56 61.42 -17.34
CA LEU B 166 -3.75 62.84 -17.12
C LEU B 166 -3.70 63.15 -15.63
N LEU B 167 -2.88 64.12 -15.25
CA LEU B 167 -2.79 64.57 -13.87
C LEU B 167 -3.68 65.77 -13.64
N ALA B 168 -3.62 66.73 -14.55
CA ALA B 168 -4.40 67.95 -14.41
C ALA B 168 -4.77 68.52 -15.77
N SER B 169 -6.01 68.96 -15.88
CA SER B 169 -6.49 69.64 -17.07
C SER B 169 -5.76 70.98 -17.21
N PRO B 170 -5.50 71.42 -18.44
CA PRO B 170 -4.81 72.65 -18.79
C PRO B 170 -5.65 73.86 -18.38
N PRO B 171 -5.00 74.96 -17.99
CA PRO B 171 -5.58 76.23 -17.64
C PRO B 171 -6.12 76.97 -18.86
N GLU B 172 -7.18 77.76 -18.65
CA GLU B 172 -7.76 78.56 -19.72
C GLU B 172 -7.09 79.92 -19.84
N GLY B 173 -6.24 80.25 -18.87
CA GLY B 173 -5.58 81.55 -18.88
C GLY B 173 -4.17 81.47 -19.44
N ARG B 174 -3.41 82.55 -19.28
CA ARG B 174 -2.03 82.60 -19.75
C ARG B 174 -1.09 82.05 -18.68
N VAL B 175 -0.32 81.04 -19.05
CA VAL B 175 0.58 80.39 -18.10
C VAL B 175 1.92 81.11 -18.03
N TYR B 176 2.32 81.49 -16.83
CA TYR B 176 3.61 82.13 -16.63
C TYR B 176 4.64 81.15 -16.10
N SER B 177 4.23 80.33 -15.14
CA SER B 177 5.16 79.41 -14.50
C SER B 177 4.44 78.29 -13.74
N TRP B 178 5.19 77.28 -13.33
CA TRP B 178 4.62 76.16 -12.59
C TRP B 178 5.66 75.42 -11.73
N ASN B 179 5.16 74.66 -10.76
CA ASN B 179 5.99 73.79 -9.92
C ASN B 179 5.24 72.53 -9.50
N ILE B 180 5.92 71.38 -9.53
CA ILE B 180 5.30 70.11 -9.19
C ILE B 180 5.66 69.66 -7.77
N ILE B 181 4.64 69.30 -6.99
CA ILE B 181 4.81 68.86 -5.61
C ILE B 181 4.53 67.36 -5.47
N PRO B 182 5.49 66.59 -4.93
CA PRO B 182 5.38 65.16 -4.68
C PRO B 182 4.47 64.89 -3.48
N PRO B 183 3.95 63.66 -3.37
CA PRO B 183 3.15 63.13 -2.28
C PRO B 183 3.78 63.40 -0.92
N ALA B 184 5.10 63.47 -0.88
CA ALA B 184 5.83 63.69 0.36
C ALA B 184 5.49 65.04 0.99
N TYR B 185 5.23 66.05 0.15
CA TYR B 185 5.01 67.39 0.66
C TYR B 185 3.64 67.95 0.27
N SER B 186 2.82 67.13 -0.37
CA SER B 186 1.48 67.56 -0.76
C SER B 186 0.50 67.45 0.42
N LEU B 187 -0.68 68.06 0.28
CA LEU B 187 -1.66 68.04 1.35
C LEU B 187 -2.51 66.78 1.29
N SER B 188 -2.75 66.29 0.07
CA SER B 188 -3.54 65.08 -0.13
C SER B 188 -2.64 63.84 -0.16
N ARG B 189 -1.35 64.07 0.07
CA ARG B 189 -0.35 63.01 0.01
C ARG B 189 -0.36 62.36 -1.37
N SER B 190 -0.48 63.19 -2.39
CA SER B 190 -0.45 62.77 -3.78
C SER B 190 0.24 63.85 -4.61
N VAL B 191 0.15 63.76 -5.92
CA VAL B 191 0.80 64.75 -6.76
C VAL B 191 -0.04 66.01 -6.89
N GLU B 192 0.56 67.15 -6.57
CA GLU B 192 -0.10 68.45 -6.72
C GLU B 192 0.72 69.38 -7.60
N VAL B 193 0.06 70.25 -8.33
CA VAL B 193 0.77 71.17 -9.20
C VAL B 193 0.36 72.61 -8.96
N LEU B 194 1.35 73.48 -8.82
CA LEU B 194 1.11 74.90 -8.68
C LEU B 194 1.24 75.59 -10.03
N LEU B 195 0.17 76.21 -10.49
CA LEU B 195 0.18 76.90 -11.78
C LEU B 195 -0.08 78.39 -11.61
N SER B 196 0.82 79.21 -12.14
CA SER B 196 0.63 80.65 -12.12
C SER B 196 0.02 81.11 -13.44
N VAL B 197 -1.27 81.40 -13.39
CA VAL B 197 -2.06 81.70 -14.58
C VAL B 197 -2.82 83.01 -14.43
N ASN B 198 -2.62 83.93 -15.36
CA ASN B 198 -3.28 85.24 -15.27
C ASN B 198 -3.10 85.86 -13.89
N GLN B 199 -1.88 85.74 -13.35
CA GLN B 199 -1.55 86.30 -12.03
C GLN B 199 -2.35 85.65 -10.91
N THR B 200 -2.91 84.47 -11.17
CA THR B 200 -3.66 83.70 -10.19
C THR B 200 -2.95 82.37 -9.94
N ILE B 201 -2.98 81.89 -8.70
CA ILE B 201 -2.31 80.64 -8.37
C ILE B 201 -3.30 79.49 -8.27
N TYR B 202 -3.18 78.52 -9.17
CA TYR B 202 -4.06 77.37 -9.17
C TYR B 202 -3.36 76.14 -8.61
N VAL B 203 -4.07 75.42 -7.75
CA VAL B 203 -3.51 74.22 -7.15
C VAL B 203 -4.24 72.99 -7.64
N CYS B 204 -3.57 72.20 -8.48
CA CYS B 204 -4.20 71.04 -9.10
C CYS B 204 -3.98 69.78 -8.29
N ASP B 205 -5.07 69.18 -7.82
CA ASP B 205 -5.01 67.94 -7.06
C ASP B 205 -5.41 66.78 -7.96
N ALA B 206 -5.41 65.57 -7.40
CA ALA B 206 -5.78 64.38 -8.15
C ALA B 206 -7.24 64.42 -8.59
N SER B 207 -8.10 65.00 -7.77
CA SER B 207 -9.54 65.00 -8.07
C SER B 207 -10.14 66.39 -8.28
N GLU B 208 -9.46 67.42 -7.83
CA GLU B 208 -10.01 68.78 -7.94
C GLU B 208 -8.92 69.84 -8.02
N CYS B 209 -9.28 71.02 -8.50
CA CYS B 209 -8.34 72.13 -8.56
C CYS B 209 -8.87 73.35 -7.81
N GLU B 210 -8.02 73.95 -6.97
CA GLU B 210 -8.36 75.13 -6.18
C GLU B 210 -7.93 76.42 -6.88
N ASP B 211 -8.82 77.42 -6.85
CA ASP B 211 -8.56 78.72 -7.46
C ASP B 211 -8.34 79.82 -6.40
N ARG B 212 -7.10 80.27 -6.26
CA ARG B 212 -6.77 81.29 -5.26
C ARG B 212 -5.97 82.43 -5.87
N PHE B 213 -6.34 83.67 -5.56
CA PHE B 213 -5.69 84.83 -6.14
C PHE B 213 -4.85 85.62 -5.14
N LEU B 214 -3.64 85.96 -5.56
CA LEU B 214 -2.74 86.80 -4.78
C LEU B 214 -2.43 88.07 -5.56
N ASP B 215 -2.50 89.22 -4.89
CA ASP B 215 -2.38 90.50 -5.57
C ASP B 215 -0.93 90.88 -5.90
N ILE B 216 -0.44 90.36 -7.02
CA ILE B 216 0.92 90.63 -7.49
C ILE B 216 0.98 90.57 -9.01
N GLY B 217 2.01 91.18 -9.59
CA GLY B 217 2.19 91.19 -11.05
C GLY B 217 2.55 89.81 -11.60
N PRO B 218 2.87 89.73 -12.90
CA PRO B 218 3.14 88.53 -13.67
C PRO B 218 4.23 87.68 -13.01
N PHE B 219 3.99 86.37 -12.99
CA PHE B 219 4.86 85.43 -12.28
C PHE B 219 6.08 84.97 -13.05
N SER B 220 7.07 84.51 -12.30
CA SER B 220 8.29 83.90 -12.81
C SER B 220 8.48 82.52 -12.17
N HIS B 221 9.73 82.13 -11.95
CA HIS B 221 10.03 80.79 -11.44
C HIS B 221 9.38 80.51 -10.08
N ILE B 222 9.06 79.24 -9.84
CA ILE B 222 8.41 78.79 -8.59
C ILE B 222 9.17 77.65 -7.92
N ALA B 223 9.27 77.70 -6.58
CA ALA B 223 9.91 76.63 -5.82
C ALA B 223 9.15 76.36 -4.51
N VAL B 224 8.98 75.08 -4.17
CA VAL B 224 8.21 74.68 -2.99
C VAL B 224 9.09 74.12 -1.87
N SER B 225 8.85 74.59 -0.65
CA SER B 225 9.62 74.15 0.51
C SER B 225 9.39 72.67 0.81
N PRO B 226 10.41 71.95 1.29
CA PRO B 226 10.36 70.57 1.73
C PRO B 226 9.68 70.41 3.09
N ASN B 227 8.41 70.79 3.14
CA ASN B 227 7.59 70.59 4.33
C ASN B 227 6.11 70.66 3.96
N GLY B 228 5.84 71.19 2.77
CA GLY B 228 4.48 71.26 2.26
C GLY B 228 3.63 72.32 2.97
N ARG B 229 4.27 73.33 3.55
CA ARG B 229 3.54 74.33 4.31
C ARG B 229 3.48 75.67 3.59
N PHE B 230 4.44 75.90 2.70
CA PHE B 230 4.49 77.15 1.94
C PHE B 230 5.39 77.06 0.72
N CYS B 231 5.21 78.01 -0.19
CA CYS B 231 5.95 78.08 -1.44
C CYS B 231 6.41 79.50 -1.75
N ALA B 232 7.63 79.62 -2.26
CA ALA B 232 8.15 80.92 -2.67
C ALA B 232 7.94 81.12 -4.16
N LEU B 233 7.36 82.24 -4.52
CA LEU B 233 7.11 82.55 -5.92
C LEU B 233 7.77 83.86 -6.32
N TYR B 234 8.47 83.84 -7.44
CA TYR B 234 9.13 85.01 -7.97
C TYR B 234 8.29 85.63 -9.07
N THR B 235 8.49 86.91 -9.32
CA THR B 235 7.73 87.62 -10.35
C THR B 235 8.65 88.42 -11.25
N THR B 236 8.09 88.89 -12.37
CA THR B 236 8.87 89.62 -13.37
C THR B 236 9.22 91.02 -12.90
N THR B 237 8.60 91.44 -11.80
CA THR B 237 8.85 92.77 -11.24
C THR B 237 10.01 92.74 -10.25
N GLY B 238 10.43 91.53 -9.90
CA GLY B 238 11.51 91.35 -8.93
C GLY B 238 10.95 91.19 -7.51
N LYS B 239 9.65 91.42 -7.35
CA LYS B 239 9.01 91.26 -6.05
C LYS B 239 8.80 89.78 -5.76
N VAL B 240 9.21 89.35 -4.56
CA VAL B 240 9.11 87.95 -4.18
C VAL B 240 8.24 87.77 -2.94
N HIS B 241 7.39 86.76 -2.95
CA HIS B 241 6.52 86.49 -1.82
C HIS B 241 6.43 85.00 -1.51
N VAL B 242 6.03 84.68 -0.29
CA VAL B 242 5.81 83.31 0.10
C VAL B 242 4.34 83.07 0.45
N ILE B 243 3.76 82.06 -0.19
CA ILE B 243 2.35 81.72 -0.01
C ILE B 243 2.23 80.41 0.75
N THR B 244 1.25 80.33 1.65
CA THR B 244 1.05 79.13 2.45
C THR B 244 0.27 78.07 1.70
N SER B 245 0.29 76.85 2.21
CA SER B 245 -0.51 75.76 1.65
C SER B 245 -2.00 76.04 1.83
N ASP B 246 -2.32 76.73 2.92
CA ASP B 246 -3.68 77.21 3.18
C ASP B 246 -3.66 78.74 3.13
N PHE B 247 -4.09 79.29 2.00
CA PHE B 247 -3.91 80.71 1.74
C PHE B 247 -5.06 81.59 2.19
N GLN B 248 -4.81 82.35 3.24
CA GLN B 248 -5.75 83.34 3.73
C GLN B 248 -5.10 84.72 3.56
N SER B 249 -3.77 84.71 3.63
CA SER B 249 -2.93 85.89 3.47
C SER B 249 -1.51 85.45 3.12
N ARG B 250 -0.67 86.38 2.69
CA ARG B 250 0.72 86.05 2.37
C ARG B 250 1.52 85.80 3.65
N LEU B 251 2.50 84.91 3.57
CA LEU B 251 3.33 84.57 4.72
C LEU B 251 4.48 85.55 4.89
N SER B 252 5.12 85.90 3.79
CA SER B 252 6.27 86.80 3.83
C SER B 252 6.48 87.50 2.49
N GLU B 253 7.32 88.53 2.49
CA GLU B 253 7.64 89.25 1.26
C GLU B 253 9.06 89.79 1.27
N HIS B 254 9.67 89.85 0.09
CA HIS B 254 11.03 90.36 -0.10
C HIS B 254 11.08 91.41 -1.22
N ASP B 255 11.49 92.63 -0.86
CA ASP B 255 11.58 93.71 -1.82
C ASP B 255 12.87 93.62 -2.64
N THR B 256 12.83 94.19 -3.85
CA THR B 256 14.00 94.21 -4.72
C THR B 256 14.52 95.60 -4.96
N LYS B 257 15.64 95.67 -5.67
CA LYS B 257 16.22 96.92 -6.13
C LYS B 257 16.09 97.02 -7.65
N SER B 258 15.97 95.85 -8.28
CA SER B 258 15.88 95.76 -9.74
C SER B 258 15.23 94.46 -10.18
N LYS B 259 14.86 94.39 -11.45
CA LYS B 259 14.31 93.17 -12.03
C LYS B 259 15.40 92.13 -12.25
N ILE B 260 15.10 90.88 -11.94
CA ILE B 260 16.07 89.80 -12.09
C ILE B 260 15.51 88.64 -12.91
N ALA B 261 16.38 87.72 -13.27
CA ALA B 261 15.98 86.51 -13.99
C ALA B 261 16.40 85.27 -13.20
N PRO B 262 15.59 84.86 -12.22
CA PRO B 262 15.91 83.95 -11.14
C PRO B 262 15.89 82.50 -11.60
N ASN B 263 16.79 82.17 -12.53
CA ASN B 263 16.85 80.82 -13.09
C ASN B 263 17.37 79.81 -12.08
N TYR B 264 17.00 78.55 -12.29
CA TYR B 264 17.42 77.45 -11.43
C TYR B 264 17.04 77.72 -9.98
N PHE B 265 15.81 78.19 -9.81
CA PHE B 265 15.25 78.55 -8.52
C PHE B 265 14.81 77.33 -7.73
N GLU B 266 15.41 77.14 -6.56
CA GLU B 266 15.09 76.00 -5.70
C GLU B 266 15.32 76.33 -4.22
N TRP B 267 14.64 75.60 -3.35
CA TRP B 267 14.81 75.75 -1.91
C TRP B 267 16.03 74.99 -1.41
N CYS B 268 16.72 75.57 -0.43
CA CYS B 268 17.87 74.92 0.20
C CYS B 268 17.48 74.36 1.55
N GLY B 269 16.18 74.36 1.82
CA GLY B 269 15.63 73.98 3.11
C GLY B 269 14.25 74.59 3.26
N ASN B 270 13.77 74.69 4.50
CA ASN B 270 12.44 75.26 4.71
C ASN B 270 12.48 76.74 5.08
N ASP B 271 13.68 77.30 5.21
CA ASP B 271 13.81 78.71 5.57
C ASP B 271 14.22 79.62 4.41
N ALA B 272 14.95 79.08 3.43
CA ALA B 272 15.55 79.96 2.43
C ALA B 272 15.69 79.31 1.06
N VAL B 273 15.83 80.15 0.05
CA VAL B 273 16.00 79.69 -1.32
C VAL B 273 17.29 80.20 -1.95
N VAL B 274 17.73 79.53 -3.00
CA VAL B 274 18.95 79.93 -3.70
C VAL B 274 18.66 80.23 -5.17
N ILE B 275 19.07 81.42 -5.62
CA ILE B 275 18.84 81.87 -6.99
C ILE B 275 20.14 81.97 -7.77
N ALA B 276 20.18 81.35 -8.96
CA ALA B 276 21.41 81.38 -9.77
C ALA B 276 21.70 82.77 -10.30
N TRP B 277 20.63 83.49 -10.65
CA TRP B 277 20.68 84.82 -11.25
C TRP B 277 21.94 84.99 -12.09
N ASP B 278 21.99 84.26 -13.19
CA ASP B 278 23.12 84.34 -14.12
C ASP B 278 24.45 84.07 -13.42
N ASP B 279 25.28 85.10 -13.26
CA ASP B 279 26.63 84.93 -12.73
C ASP B 279 26.79 85.25 -11.24
N GLU B 280 25.69 85.47 -10.52
CA GLU B 280 25.79 85.75 -9.08
C GLU B 280 24.72 84.98 -8.29
N VAL B 281 25.12 84.33 -7.20
CA VAL B 281 24.16 83.53 -6.43
C VAL B 281 23.57 84.29 -5.26
N HIS B 282 22.25 84.29 -5.18
CA HIS B 282 21.52 84.98 -4.12
C HIS B 282 20.81 84.03 -3.16
N LEU B 283 21.10 84.16 -1.87
CA LEU B 283 20.42 83.38 -0.84
C LEU B 283 19.44 84.25 -0.09
N VAL B 284 18.16 83.90 -0.14
CA VAL B 284 17.14 84.73 0.48
C VAL B 284 16.54 84.04 1.70
N GLY B 285 16.71 84.66 2.86
CA GLY B 285 16.24 84.10 4.12
C GLY B 285 14.76 84.38 4.33
N PRO B 286 14.17 83.84 5.40
CA PRO B 286 12.77 83.92 5.78
C PRO B 286 12.36 85.35 6.14
N SER B 287 13.35 86.18 6.46
CA SER B 287 13.11 87.56 6.84
C SER B 287 13.16 88.48 5.62
N GLY B 288 13.57 87.92 4.49
CA GLY B 288 13.75 88.69 3.27
C GLY B 288 15.20 89.14 3.12
N SER B 289 16.00 88.92 4.16
CA SER B 289 17.41 89.30 4.11
C SER B 289 18.14 88.49 3.04
N LEU B 290 19.05 89.15 2.33
CA LEU B 290 19.72 88.53 1.19
C LEU B 290 21.23 88.41 1.37
N ALA B 291 21.76 87.21 1.15
CA ALA B 291 23.21 86.99 1.14
C ALA B 291 23.68 86.70 -0.28
N ARG B 292 24.95 87.00 -0.58
CA ARG B 292 25.47 86.78 -1.91
C ARG B 292 26.74 85.95 -1.93
N PHE B 293 26.89 85.15 -2.99
CA PHE B 293 28.11 84.37 -3.22
C PHE B 293 28.66 84.68 -4.62
N PHE B 294 29.97 84.76 -4.74
CA PHE B 294 30.56 85.23 -6.00
C PHE B 294 31.50 84.20 -6.63
N TYR B 295 31.40 84.08 -7.95
CA TYR B 295 32.22 83.16 -8.74
C TYR B 295 32.69 83.85 -10.02
N ASP B 296 33.78 83.36 -10.59
CA ASP B 296 34.35 83.96 -11.79
C ASP B 296 33.91 83.29 -13.09
N SER B 297 32.95 82.38 -12.99
CA SER B 297 32.41 81.70 -14.17
C SER B 297 31.49 82.63 -14.95
N GLY B 298 31.27 82.33 -16.24
CA GLY B 298 30.36 83.13 -17.05
C GLY B 298 28.91 83.00 -16.55
N ARG B 299 28.56 81.78 -16.13
CA ARG B 299 27.24 81.52 -15.57
C ARG B 299 27.35 80.56 -14.38
N ILE B 300 26.51 80.75 -13.38
CA ILE B 300 26.50 79.82 -12.26
C ILE B 300 25.25 78.97 -12.31
N HIS B 301 25.44 77.65 -12.30
CA HIS B 301 24.32 76.74 -12.30
C HIS B 301 24.12 76.14 -10.93
N LEU B 302 22.88 76.08 -10.49
CA LEU B 302 22.57 75.52 -9.18
C LEU B 302 22.13 74.08 -9.29
N ILE B 303 22.46 73.33 -8.26
CA ILE B 303 22.16 71.91 -8.18
C ILE B 303 21.03 71.64 -7.19
N PRO B 304 19.84 71.27 -7.68
CA PRO B 304 18.61 71.08 -6.94
C PRO B 304 18.60 69.75 -6.21
N ASP B 305 19.44 69.66 -5.18
CA ASP B 305 19.57 68.45 -4.37
C ASP B 305 18.45 68.40 -3.34
N PHE B 306 18.44 67.35 -2.53
CA PHE B 306 17.40 67.20 -1.51
C PHE B 306 17.76 67.98 -0.25
N ASP B 307 16.85 68.84 0.17
CA ASP B 307 17.05 69.65 1.37
C ASP B 307 18.38 70.39 1.32
N GLY B 308 18.66 71.01 0.17
CA GLY B 308 19.86 71.81 0.00
C GLY B 308 20.16 72.07 -1.47
N VAL B 309 21.00 73.07 -1.74
CA VAL B 309 21.39 73.39 -3.11
C VAL B 309 22.90 73.49 -3.24
N ARG B 310 23.47 72.79 -4.21
CA ARG B 310 24.90 72.90 -4.42
C ARG B 310 25.18 73.90 -5.54
N ILE B 311 26.28 74.63 -5.40
CA ILE B 311 26.65 75.62 -6.40
C ILE B 311 27.80 75.12 -7.24
N LEU B 312 27.58 75.07 -8.55
CA LEU B 312 28.58 74.54 -9.48
C LEU B 312 29.71 75.53 -9.72
N ALA B 313 30.94 75.04 -9.64
CA ALA B 313 32.13 75.81 -9.99
C ALA B 313 33.22 74.86 -10.45
N ASN B 314 34.18 75.38 -11.22
CA ASN B 314 35.24 74.54 -11.78
C ASN B 314 36.34 74.21 -10.78
N ASP B 315 36.56 75.09 -9.80
CA ASP B 315 37.63 74.87 -8.84
C ASP B 315 37.18 74.08 -7.61
N ARG B 316 35.90 74.21 -7.27
CA ARG B 316 35.36 73.52 -6.11
C ARG B 316 33.86 73.34 -6.23
N CYS B 317 33.30 72.42 -5.46
CA CYS B 317 31.85 72.36 -5.32
C CYS B 317 31.44 73.02 -4.02
N ASP B 318 30.62 74.07 -4.11
CA ASP B 318 30.15 74.76 -2.92
C ASP B 318 28.74 74.33 -2.54
N PHE B 319 28.63 73.48 -1.53
CA PHE B 319 27.30 73.01 -1.15
C PHE B 319 26.64 73.96 -0.17
N LEU B 320 25.62 74.68 -0.66
CA LEU B 320 24.94 75.66 0.18
C LEU B 320 23.65 75.08 0.71
N GLN B 321 23.59 74.91 2.02
CA GLN B 321 22.48 74.22 2.64
C GLN B 321 21.94 74.97 3.84
N LYS B 322 20.63 74.93 4.04
CA LYS B 322 20.05 75.40 5.27
C LYS B 322 20.41 74.41 6.36
N VAL B 323 20.90 74.89 7.48
CA VAL B 323 21.36 73.98 8.51
C VAL B 323 20.17 73.28 9.17
N PRO B 324 20.13 71.94 9.18
CA PRO B 324 19.16 71.09 9.85
C PRO B 324 19.13 71.38 11.33
N ASP B 325 17.99 71.14 11.97
CA ASP B 325 17.82 71.47 13.37
C ASP B 325 18.79 70.69 14.25
N VAL B 326 19.03 69.43 13.89
CA VAL B 326 20.00 68.63 14.62
C VAL B 326 21.42 69.11 14.40
N ILE B 327 21.65 69.82 13.29
CA ILE B 327 22.95 70.42 13.01
C ILE B 327 23.09 71.76 13.71
N GLU B 328 22.01 72.55 13.73
CA GLU B 328 22.04 73.87 14.35
C GLU B 328 22.39 73.76 15.83
N GLU B 329 21.96 72.67 16.46
CA GLU B 329 22.20 72.50 17.89
C GLU B 329 23.58 71.93 18.22
N VAL B 330 24.34 71.54 17.19
CA VAL B 330 25.67 70.95 17.42
C VAL B 330 26.80 71.81 16.88
N PHE B 331 26.65 72.29 15.65
CA PHE B 331 27.67 73.12 15.02
C PHE B 331 27.19 74.54 14.81
N GLY B 332 26.15 74.93 15.54
CA GLY B 332 25.53 76.23 15.34
C GLY B 332 26.42 77.35 15.86
N LEU B 333 26.14 78.56 15.40
CA LEU B 333 26.97 79.71 15.74
C LEU B 333 26.52 80.33 17.05
N GLY B 334 26.98 79.75 18.16
CA GLY B 334 26.58 80.22 19.48
C GLY B 334 25.30 79.58 19.98
N ALA B 335 24.93 78.44 19.40
CA ALA B 335 23.76 77.69 19.86
C ALA B 335 23.90 77.34 21.33
N ASP B 336 22.82 77.51 22.10
CA ASP B 336 22.83 77.27 23.53
C ASP B 336 22.32 75.88 23.91
N SER B 337 22.04 75.07 22.90
CA SER B 337 21.59 73.69 23.14
C SER B 337 22.71 72.86 23.76
N PRO B 338 22.38 71.93 24.65
CA PRO B 338 23.29 71.01 25.30
C PRO B 338 24.02 70.16 24.27
N ALA B 339 23.45 70.06 23.08
CA ALA B 339 24.09 69.34 21.98
C ALA B 339 25.33 70.10 21.50
N SER B 340 25.28 71.43 21.57
CA SER B 340 26.43 72.24 21.17
C SER B 340 27.51 72.16 22.24
N ILE B 341 27.07 71.94 23.47
CA ILE B 341 27.98 71.73 24.59
C ILE B 341 28.75 70.43 24.41
N LEU B 342 28.08 69.40 23.92
CA LEU B 342 28.76 68.14 23.64
C LEU B 342 29.84 68.31 22.59
N LEU B 343 29.56 69.14 21.58
CA LEU B 343 30.55 69.37 20.53
C LEU B 343 31.69 70.23 21.05
N ASP B 344 31.38 71.12 22.00
CA ASP B 344 32.43 71.90 22.64
C ASP B 344 33.35 70.96 23.40
N ALA B 345 32.76 69.95 24.04
CA ALA B 345 33.53 68.97 24.78
C ALA B 345 34.51 68.26 23.85
N VAL B 346 34.08 68.01 22.63
CA VAL B 346 34.94 67.36 21.64
C VAL B 346 36.11 68.26 21.27
N GLU B 347 35.83 69.53 21.04
CA GLU B 347 36.91 70.48 20.74
C GLU B 347 37.86 70.59 21.92
N GLN B 348 37.30 70.56 23.13
CA GLN B 348 38.11 70.59 24.34
C GLN B 348 38.90 69.29 24.47
N LEU B 349 38.33 68.19 23.99
CA LEU B 349 39.02 66.90 24.02
C LEU B 349 40.24 66.93 23.11
N GLU B 350 40.08 67.52 21.92
CA GLU B 350 41.18 67.61 20.97
C GLU B 350 42.33 68.43 21.55
N MET B 351 41.99 69.43 22.35
CA MET B 351 42.96 70.31 22.98
C MET B 351 43.42 69.79 24.35
N LYS B 352 42.92 68.62 24.74
CA LYS B 352 43.23 68.02 26.03
C LYS B 352 42.87 68.93 27.21
N SER B 353 41.72 69.60 27.09
CA SER B 353 41.22 70.45 28.15
C SER B 353 40.25 69.68 29.05
N PRO B 354 40.29 69.93 30.37
CA PRO B 354 39.47 69.30 31.40
C PRO B 354 37.99 69.67 31.23
N LYS B 355 37.74 70.72 30.45
CA LYS B 355 36.38 71.16 30.18
C LYS B 355 35.62 70.09 29.41
N ALA B 356 36.37 69.20 28.76
CA ALA B 356 35.76 68.14 27.96
C ALA B 356 34.85 67.27 28.82
N ASP B 357 35.21 67.08 30.08
CA ASP B 357 34.41 66.24 30.97
C ASP B 357 33.35 67.07 31.70
N ASP B 358 33.72 68.30 32.08
CA ASP B 358 32.80 69.16 32.80
C ASP B 358 31.59 69.50 31.93
N ASN B 359 31.84 69.66 30.64
CA ASN B 359 30.81 70.00 29.67
C ASN B 359 29.71 68.94 29.59
N ILE B 360 30.00 67.73 30.05
CA ILE B 360 29.04 66.65 29.94
C ILE B 360 28.13 66.62 31.16
N GLN B 361 28.75 66.73 32.34
CA GLN B 361 28.00 66.67 33.59
C GLN B 361 27.08 67.88 33.75
N LEU B 362 27.52 69.03 33.23
CA LEU B 362 26.77 70.27 33.37
C LEU B 362 25.45 70.25 32.59
N ILE B 363 25.30 69.30 31.69
CA ILE B 363 24.08 69.19 30.89
C ILE B 363 23.37 67.87 31.12
N ARG B 364 23.71 67.20 32.23
CA ARG B 364 23.16 65.88 32.51
C ARG B 364 21.65 65.75 32.27
N PRO B 365 20.81 66.68 32.77
CA PRO B 365 19.35 66.62 32.72
C PRO B 365 18.81 66.54 31.28
N HIS B 366 19.60 67.01 30.32
CA HIS B 366 19.19 66.99 28.91
C HIS B 366 20.22 66.27 28.06
N LEU B 367 21.06 65.48 28.72
CA LEU B 367 22.17 64.81 28.05
C LEU B 367 21.67 63.80 27.03
N VAL B 368 20.59 63.10 27.35
CA VAL B 368 20.07 62.08 26.44
C VAL B 368 19.53 62.72 25.18
N GLU B 369 18.97 63.91 25.30
CA GLU B 369 18.44 64.64 24.17
C GLU B 369 19.59 65.16 23.31
N ALA B 370 20.65 65.63 23.98
CA ALA B 370 21.83 66.14 23.31
C ALA B 370 22.53 65.05 22.50
N VAL B 371 22.59 63.85 23.06
CA VAL B 371 23.23 62.72 22.38
C VAL B 371 22.42 62.27 21.17
N ASP B 372 21.11 62.10 21.35
CA ASP B 372 20.26 61.68 20.24
C ASP B 372 20.35 62.69 19.10
N THR B 373 20.45 63.96 19.45
CA THR B 373 20.61 65.02 18.46
C THR B 373 21.89 64.81 17.67
N CYS B 374 22.98 64.55 18.38
CA CYS B 374 24.28 64.33 17.75
C CYS B 374 24.27 63.10 16.83
N VAL B 375 23.53 62.07 17.22
CA VAL B 375 23.45 60.85 16.41
C VAL B 375 22.76 61.13 15.07
N SER B 376 21.61 61.80 15.12
CA SER B 376 20.89 62.13 13.89
C SER B 376 21.69 63.15 13.07
N ALA B 377 22.36 64.05 13.78
CA ALA B 377 23.19 65.07 13.16
C ALA B 377 24.35 64.46 12.40
N ALA B 378 24.94 63.40 12.97
CA ALA B 378 26.16 62.81 12.44
C ALA B 378 25.96 62.31 11.02
N GLY B 379 24.82 61.73 10.74
CA GLY B 379 24.57 61.16 9.42
C GLY B 379 24.31 62.22 8.37
N GLN B 380 24.08 63.46 8.82
CA GLN B 380 23.74 64.54 7.91
C GLN B 380 24.98 65.30 7.46
N GLU B 381 26.14 64.89 7.95
CA GLU B 381 27.39 65.52 7.57
C GLU B 381 28.01 64.82 6.38
N PHE B 382 28.76 65.58 5.60
CA PHE B 382 29.38 65.07 4.38
C PHE B 382 30.90 65.08 4.49
N SER B 383 31.39 65.48 5.66
CA SER B 383 32.83 65.60 5.86
C SER B 383 33.30 64.65 6.96
N ILE B 384 34.56 64.20 6.86
CA ILE B 384 35.09 63.18 7.76
C ILE B 384 35.23 63.64 9.21
N HIS B 385 35.82 64.82 9.41
CA HIS B 385 36.01 65.33 10.76
C HIS B 385 34.70 65.72 11.41
N TRP B 386 33.80 66.31 10.62
CA TRP B 386 32.50 66.66 11.16
C TRP B 386 31.74 65.43 11.64
N GLN B 387 31.80 64.35 10.86
CA GLN B 387 31.15 63.11 11.26
C GLN B 387 31.77 62.54 12.53
N LYS B 388 33.10 62.59 12.62
CA LYS B 388 33.78 62.07 13.80
C LYS B 388 33.51 62.92 15.03
N GLN B 389 33.42 64.24 14.84
CA GLN B 389 33.20 65.13 15.97
C GLN B 389 31.78 64.98 16.52
N LEU B 390 30.81 64.78 15.64
CA LEU B 390 29.45 64.53 16.08
C LEU B 390 29.34 63.17 16.75
N LEU B 391 30.08 62.20 16.23
CA LEU B 391 30.06 60.87 16.82
C LEU B 391 30.72 60.89 18.19
N LYS B 392 31.83 61.61 18.32
CA LYS B 392 32.52 61.75 19.61
C LYS B 392 31.62 62.47 20.62
N ALA B 393 30.87 63.45 20.14
CA ALA B 393 29.94 64.16 21.01
C ALA B 393 28.92 63.21 21.60
N ALA B 394 28.40 62.31 20.77
CA ALA B 394 27.47 61.29 21.22
C ALA B 394 28.15 60.32 22.18
N SER B 395 29.41 59.99 21.89
CA SER B 395 30.18 59.07 22.72
C SER B 395 30.35 59.60 24.13
N PHE B 396 30.66 60.89 24.24
CA PHE B 396 30.80 61.51 25.55
C PHE B 396 29.59 61.26 26.42
N GLY B 397 28.41 61.58 25.89
CA GLY B 397 27.18 61.40 26.65
C GLY B 397 26.89 59.93 26.91
N LYS B 398 27.19 59.08 25.92
CA LYS B 398 26.98 57.64 26.06
C LYS B 398 27.66 57.08 27.30
N SER B 399 28.85 57.59 27.60
CA SER B 399 29.64 57.11 28.74
C SER B 399 29.04 57.47 30.08
N VAL B 400 28.08 58.40 30.08
CA VAL B 400 27.45 58.89 31.30
C VAL B 400 26.01 58.41 31.42
N LEU B 401 25.29 58.43 30.30
CA LEU B 401 23.86 58.11 30.29
C LEU B 401 23.57 56.68 30.71
N ASP B 402 22.55 56.53 31.56
CA ASP B 402 22.09 55.22 31.99
C ASP B 402 20.80 54.83 31.25
N ILE B 403 20.40 55.68 30.32
CA ILE B 403 19.16 55.49 29.56
C ILE B 403 19.41 55.62 28.06
N TYR B 404 20.59 55.21 27.61
CA TYR B 404 20.97 55.37 26.22
C TYR B 404 21.30 54.03 25.56
N ASN B 405 20.86 53.89 24.31
CA ASN B 405 21.12 52.68 23.53
C ASN B 405 22.48 52.73 22.85
N SER B 406 23.43 51.97 23.39
CA SER B 406 24.80 51.98 22.90
C SER B 406 24.94 51.29 21.53
N ASP B 407 23.93 50.52 21.16
CA ASP B 407 23.93 49.82 19.87
C ASP B 407 23.51 50.78 18.78
N ASP B 408 22.67 51.74 19.12
CA ASP B 408 22.30 52.79 18.19
C ASP B 408 23.53 53.62 17.85
N PHE B 409 24.37 53.84 18.85
CA PHE B 409 25.65 54.51 18.67
C PHE B 409 26.52 53.73 17.69
N VAL B 410 26.62 52.42 17.91
CA VAL B 410 27.38 51.56 17.02
C VAL B 410 26.79 51.52 15.61
N ASP B 411 25.47 51.45 15.52
CA ASP B 411 24.82 51.50 14.23
C ASP B 411 25.18 52.79 13.50
N MET B 412 25.23 53.88 14.26
CA MET B 412 25.66 55.16 13.71
C MET B 412 27.13 55.10 13.30
N CYS B 413 27.95 54.44 14.13
CA CYS B 413 29.37 54.31 13.80
C CYS B 413 29.54 53.61 12.46
N GLU B 414 28.81 52.51 12.28
CA GLU B 414 28.89 51.75 11.03
C GLU B 414 28.33 52.57 9.87
N THR B 415 27.28 53.34 10.16
CA THR B 415 26.68 54.22 9.17
C THR B 415 27.68 55.27 8.70
N LEU B 416 28.42 55.84 9.64
CA LEU B 416 29.42 56.85 9.31
C LEU B 416 30.62 56.23 8.62
N ARG B 417 30.96 55.00 8.98
CA ARG B 417 32.08 54.31 8.34
C ARG B 417 31.82 54.09 6.85
N VAL B 418 30.58 53.71 6.51
CA VAL B 418 30.23 53.52 5.11
C VAL B 418 30.13 54.86 4.39
N LEU B 419 29.66 55.88 5.10
CA LEU B 419 29.58 57.21 4.51
C LEU B 419 30.96 57.78 4.22
N ASN B 420 31.90 57.58 5.15
CA ASN B 420 33.27 58.04 4.92
C ASN B 420 33.98 57.16 3.91
N ALA B 421 33.64 55.88 3.90
CA ALA B 421 34.22 54.94 2.95
C ALA B 421 33.90 55.35 1.52
N VAL B 422 32.73 55.96 1.33
CA VAL B 422 32.33 56.41 -0.01
C VAL B 422 32.37 57.93 -0.10
N ARG B 423 33.19 58.59 0.71
CA ARG B 423 33.27 60.04 0.64
C ARG B 423 34.67 60.50 0.24
N PHE B 424 35.58 59.55 0.07
CA PHE B 424 36.94 59.91 -0.32
C PHE B 424 36.95 60.41 -1.75
N TYR B 425 37.84 61.35 -2.05
CA TYR B 425 37.88 61.99 -3.37
C TYR B 425 38.22 61.04 -4.51
N GLU B 426 38.87 59.91 -4.19
CA GLU B 426 39.23 58.96 -5.24
C GLU B 426 38.00 58.19 -5.72
N VAL B 427 37.31 57.54 -4.77
CA VAL B 427 36.08 56.81 -5.06
C VAL B 427 35.04 57.10 -3.99
N GLY B 428 33.88 57.63 -4.38
CA GLY B 428 32.84 57.86 -3.39
C GLY B 428 31.66 58.69 -3.87
N LEU B 429 30.57 58.63 -3.09
CA LEU B 429 29.33 59.35 -3.30
C LEU B 429 28.70 59.72 -1.94
N PRO B 430 29.07 60.88 -1.38
CA PRO B 430 28.66 61.41 -0.08
C PRO B 430 27.15 61.39 0.07
N LEU B 431 26.68 61.11 1.29
CA LEU B 431 25.27 60.84 1.51
C LEU B 431 24.81 61.33 2.90
N SER B 432 23.72 62.10 2.93
CA SER B 432 23.18 62.64 4.18
C SER B 432 22.38 61.59 4.92
N TYR B 433 21.96 61.90 6.15
CA TYR B 433 21.14 60.97 6.92
C TYR B 433 19.80 60.78 6.25
N GLU B 434 19.20 61.87 5.80
CA GLU B 434 17.89 61.82 5.19
C GLU B 434 17.98 61.07 3.87
N GLN B 435 19.06 61.30 3.14
CA GLN B 435 19.30 60.62 1.87
C GLN B 435 19.63 59.16 2.12
N TYR B 436 20.40 58.92 3.18
CA TYR B 436 20.77 57.57 3.60
C TYR B 436 19.54 56.76 3.90
N GLN B 437 18.62 57.36 4.65
CA GLN B 437 17.38 56.69 5.00
C GLN B 437 16.48 56.47 3.78
N ARG B 438 16.51 57.39 2.82
CA ARG B 438 15.61 57.24 1.68
C ARG B 438 16.09 56.13 0.76
N LEU B 439 17.40 56.02 0.61
CA LEU B 439 18.01 54.94 -0.17
C LEU B 439 17.96 53.63 0.60
N SER B 440 17.43 52.59 -0.01
CA SER B 440 17.34 51.31 0.68
C SER B 440 18.73 50.87 1.13
N PRO B 441 18.85 50.22 2.29
CA PRO B 441 20.08 49.66 2.84
C PRO B 441 20.86 48.87 1.79
N SER B 442 20.15 48.10 0.97
CA SER B 442 20.78 47.33 -0.09
C SER B 442 21.24 48.27 -1.21
N GLY B 443 20.68 49.47 -1.22
CA GLY B 443 21.02 50.48 -2.22
C GLY B 443 22.39 51.06 -1.94
N LEU B 444 22.90 50.82 -0.73
CA LEU B 444 24.22 51.29 -0.34
C LEU B 444 25.28 50.34 -0.87
N ILE B 445 24.80 49.23 -1.43
CA ILE B 445 25.66 48.24 -2.04
C ILE B 445 25.57 48.36 -3.56
N SER B 446 24.33 48.41 -4.06
CA SER B 446 24.09 48.49 -5.50
C SER B 446 24.67 49.76 -6.12
N ARG B 447 24.78 50.82 -5.33
CA ARG B 447 25.39 52.05 -5.82
C ARG B 447 26.84 51.81 -6.23
N LEU B 448 27.45 50.76 -5.69
CA LEU B 448 28.81 50.42 -6.02
C LEU B 448 28.88 49.28 -7.03
N LEU B 449 27.92 48.35 -6.95
CA LEU B 449 27.90 47.22 -7.85
C LEU B 449 27.64 47.68 -9.28
N ASN B 450 26.82 48.72 -9.42
CA ASN B 450 26.51 49.29 -10.72
C ASN B 450 27.74 49.96 -11.33
N ARG B 451 28.77 50.15 -10.50
CA ARG B 451 30.03 50.74 -10.93
C ARG B 451 31.10 49.66 -11.05
N HIS B 452 30.69 48.41 -10.92
CA HIS B 452 31.58 47.26 -10.98
C HIS B 452 32.63 47.31 -9.86
N GLU B 453 32.21 47.83 -8.71
CA GLU B 453 33.07 47.90 -7.53
C GLU B 453 32.61 46.88 -6.50
N TYR B 454 33.40 45.81 -6.35
CA TYR B 454 33.01 44.72 -5.46
C TYR B 454 33.79 44.74 -4.15
N LEU B 455 35.00 45.30 -4.17
CA LEU B 455 35.82 45.29 -2.97
C LEU B 455 35.23 46.19 -1.90
N LEU B 456 34.77 47.36 -2.30
CA LEU B 456 34.15 48.29 -1.39
C LEU B 456 32.74 47.83 -1.07
N ALA B 457 32.06 47.26 -2.06
CA ALA B 457 30.69 46.78 -1.86
C ALA B 457 30.65 45.79 -0.71
N ILE B 458 31.67 44.93 -0.62
CA ILE B 458 31.73 43.97 0.47
C ILE B 458 31.93 44.70 1.79
N ARG B 459 32.89 45.62 1.82
CA ARG B 459 33.14 46.39 3.04
C ARG B 459 31.88 47.09 3.53
N ILE B 460 31.15 47.70 2.61
CA ILE B 460 29.94 48.43 2.98
C ILE B 460 28.89 47.48 3.52
N ALA B 461 28.71 46.34 2.84
CA ALA B 461 27.76 45.34 3.28
C ALA B 461 28.15 44.79 4.65
N ASP B 462 29.45 44.62 4.89
CA ASP B 462 29.89 44.11 6.18
C ASP B 462 29.54 45.07 7.32
N HIS B 463 29.77 46.37 7.09
CA HIS B 463 29.47 47.38 8.11
C HIS B 463 27.97 47.41 8.42
N LEU B 464 27.16 47.26 7.38
CA LEU B 464 25.72 47.35 7.50
C LEU B 464 25.08 46.01 7.84
N ARG B 465 25.90 44.98 8.00
CA ARG B 465 25.40 43.64 8.27
C ARG B 465 24.39 43.19 7.22
N LEU B 466 24.68 43.47 5.96
CA LEU B 466 23.83 43.08 4.85
C LEU B 466 24.44 41.87 4.14
N PRO B 467 23.62 41.08 3.43
CA PRO B 467 24.01 39.96 2.59
C PRO B 467 25.08 40.36 1.59
N THR B 468 26.06 39.47 1.39
CA THR B 468 27.14 39.72 0.44
C THR B 468 27.10 38.74 -0.72
N ASP B 469 26.06 37.92 -0.77
CA ASP B 469 25.95 36.92 -1.83
C ASP B 469 25.61 37.58 -3.15
N LYS B 470 24.86 38.68 -3.08
CA LYS B 470 24.46 39.39 -4.29
C LYS B 470 25.64 40.15 -4.88
N ILE B 471 26.61 40.47 -4.02
CA ILE B 471 27.83 41.15 -4.46
C ILE B 471 28.69 40.23 -5.29
N HIS B 472 28.87 39.01 -4.81
CA HIS B 472 29.70 38.03 -5.49
C HIS B 472 29.01 37.55 -6.77
N VAL B 473 27.68 37.51 -6.76
CA VAL B 473 26.93 37.21 -7.97
C VAL B 473 27.06 38.32 -9.00
N HIS B 474 26.88 39.57 -8.57
CA HIS B 474 27.01 40.69 -9.49
C HIS B 474 28.41 40.73 -10.08
N TRP B 475 29.41 40.58 -9.22
CA TRP B 475 30.80 40.62 -9.66
C TRP B 475 31.10 39.52 -10.67
N ALA B 476 30.63 38.31 -10.38
CA ALA B 476 30.88 37.20 -11.28
C ALA B 476 30.22 37.43 -12.63
N SER B 477 29.04 38.04 -12.62
CA SER B 477 28.35 38.35 -13.87
C SER B 477 29.08 39.46 -14.63
N ALA B 478 29.69 40.39 -13.89
CA ALA B 478 30.45 41.46 -14.50
C ALA B 478 31.68 40.90 -15.21
N LYS B 479 32.29 39.87 -14.63
CA LYS B 479 33.45 39.24 -15.24
C LYS B 479 33.05 38.52 -16.53
N VAL B 480 31.87 37.91 -16.51
CA VAL B 480 31.34 37.18 -17.64
C VAL B 480 31.05 38.09 -18.83
N ARG B 481 30.47 39.26 -18.57
CA ARG B 481 30.10 40.17 -19.65
C ARG B 481 31.21 41.14 -20.04
N LEU B 482 32.01 41.58 -19.07
CA LEU B 482 32.95 42.67 -19.32
C LEU B 482 34.39 42.20 -19.55
N GLY B 483 34.73 41.01 -19.05
CA GLY B 483 36.12 40.55 -19.09
C GLY B 483 36.57 40.21 -20.50
N SER B 484 37.86 40.43 -20.76
CA SER B 484 38.49 40.07 -22.03
C SER B 484 39.21 38.73 -21.90
N GLU B 485 39.14 38.16 -20.71
CA GLU B 485 39.78 36.90 -20.37
C GLU B 485 39.03 35.71 -20.95
N ASP B 486 39.75 34.60 -21.09
CA ASP B 486 39.17 33.35 -21.60
C ASP B 486 38.19 32.74 -20.60
N ASP B 487 37.29 31.89 -21.12
CA ASP B 487 36.24 31.30 -20.31
C ASP B 487 36.79 30.48 -19.16
N ASP B 488 37.92 29.80 -19.38
CA ASP B 488 38.49 28.95 -18.33
C ASP B 488 39.19 29.78 -17.26
N THR B 489 39.81 30.87 -17.68
CA THR B 489 40.48 31.75 -16.72
C THR B 489 39.46 32.40 -15.80
N ILE B 490 38.34 32.82 -16.37
CA ILE B 490 37.31 33.50 -15.60
C ILE B 490 36.55 32.54 -14.70
N CYS B 491 36.22 31.36 -15.23
CA CYS B 491 35.42 30.43 -14.44
C CYS B 491 36.18 29.94 -13.23
N ARG B 492 37.51 29.87 -13.33
CA ARG B 492 38.29 29.46 -12.17
C ARG B 492 38.26 30.54 -11.10
N LYS B 493 38.33 31.80 -11.52
CA LYS B 493 38.29 32.90 -10.56
C LYS B 493 36.93 33.01 -9.90
N ILE B 494 35.87 32.73 -10.66
CA ILE B 494 34.52 32.82 -10.11
C ILE B 494 34.21 31.73 -9.10
N VAL B 495 34.59 30.49 -9.40
CA VAL B 495 34.27 29.40 -8.50
C VAL B 495 35.05 29.52 -7.19
N GLU B 496 36.26 30.06 -7.26
CA GLU B 496 37.06 30.27 -6.06
C GLU B 496 36.39 31.29 -5.14
N LYS B 497 35.76 32.30 -5.71
CA LYS B 497 35.09 33.32 -4.91
C LYS B 497 33.71 32.88 -4.43
N LEU B 498 33.03 32.06 -5.22
CA LEU B 498 31.68 31.62 -4.86
C LEU B 498 31.71 30.47 -3.85
N SER B 499 32.77 29.67 -3.87
CA SER B 499 32.85 28.51 -3.00
C SER B 499 33.01 28.91 -1.54
N GLY B 500 33.45 30.14 -1.31
CA GLY B 500 33.63 30.65 0.05
C GLY B 500 32.37 31.33 0.57
N LYS B 501 31.33 31.37 -0.27
CA LYS B 501 30.06 31.99 0.06
C LYS B 501 28.91 31.09 -0.36
N PRO B 502 28.63 30.04 0.43
CA PRO B 502 27.94 28.82 0.06
C PRO B 502 26.43 29.00 -0.04
N GLY B 503 26.01 29.87 -0.94
CA GLY B 503 24.61 30.05 -1.27
C GLY B 503 24.34 29.43 -2.64
N ILE B 504 23.35 29.93 -3.35
CA ILE B 504 23.08 29.41 -4.68
C ILE B 504 23.42 30.48 -5.72
N SER B 505 24.61 30.36 -6.31
CA SER B 505 25.08 31.39 -7.22
C SER B 505 25.53 30.83 -8.57
N PHE B 506 25.78 29.53 -8.64
CA PHE B 506 26.38 28.97 -9.85
C PHE B 506 25.39 28.94 -11.00
N GLU B 507 24.14 28.60 -10.71
CA GLU B 507 23.09 28.65 -11.72
C GLU B 507 22.89 30.06 -12.27
N VAL B 508 22.95 31.04 -11.39
CA VAL B 508 22.68 32.42 -11.76
C VAL B 508 23.75 32.95 -12.70
N ILE B 509 25.01 32.62 -12.41
CA ILE B 509 26.11 33.07 -13.25
C ILE B 509 26.18 32.24 -14.51
N ALA B 510 25.94 30.93 -14.40
CA ALA B 510 25.97 30.06 -15.56
C ALA B 510 24.89 30.47 -16.55
N ARG B 511 23.76 30.94 -16.05
CA ARG B 511 22.69 31.42 -16.91
C ARG B 511 23.13 32.68 -17.65
N THR B 512 23.83 33.57 -16.93
CA THR B 512 24.36 34.79 -17.54
C THR B 512 25.42 34.44 -18.57
N ALA B 513 26.25 33.46 -18.24
CA ALA B 513 27.32 33.02 -19.11
C ALA B 513 26.76 32.46 -20.40
N TYR B 514 25.63 31.77 -20.32
CA TYR B 514 24.99 31.25 -21.51
C TYR B 514 24.47 32.39 -22.39
N GLU B 515 23.85 33.38 -21.76
CA GLU B 515 23.30 34.53 -22.46
C GLU B 515 24.38 35.34 -23.15
N GLU B 516 25.57 35.38 -22.54
CA GLU B 516 26.69 36.12 -23.09
C GLU B 516 27.52 35.29 -24.07
N GLY B 517 27.13 34.03 -24.26
CA GLY B 517 27.80 33.14 -25.21
C GLY B 517 28.93 32.33 -24.59
N ARG B 518 29.19 32.52 -23.30
CA ARG B 518 30.26 31.78 -22.65
C ARG B 518 29.75 30.44 -22.14
N THR B 519 29.52 29.52 -23.06
CA THR B 519 28.93 28.23 -22.72
C THR B 519 29.95 27.30 -22.07
N ARG B 520 31.23 27.56 -22.30
CA ARG B 520 32.27 26.80 -21.64
C ARG B 520 32.33 27.18 -20.16
N LEU B 521 32.12 28.46 -19.90
CA LEU B 521 32.13 28.97 -18.53
C LEU B 521 30.90 28.48 -17.79
N ALA B 522 29.75 28.49 -18.46
CA ALA B 522 28.52 28.03 -17.85
C ALA B 522 28.63 26.55 -17.48
N THR B 523 29.30 25.78 -18.32
CA THR B 523 29.44 24.35 -18.07
C THR B 523 30.27 24.10 -16.82
N GLU B 524 31.34 24.86 -16.64
CA GLU B 524 32.19 24.71 -15.47
C GLU B 524 31.50 25.11 -14.19
N LEU B 525 30.69 26.17 -14.26
CA LEU B 525 29.97 26.65 -13.09
C LEU B 525 28.90 25.66 -12.63
N LEU B 526 28.32 24.95 -13.58
CA LEU B 526 27.24 24.02 -13.27
C LEU B 526 27.81 22.71 -12.73
N ASN B 527 29.13 22.60 -12.66
CA ASN B 527 29.76 21.40 -12.13
C ASN B 527 29.98 21.55 -10.62
N HIS B 528 29.58 22.70 -10.07
CA HIS B 528 29.68 22.96 -8.64
C HIS B 528 28.32 22.85 -7.97
N GLU B 529 27.35 22.32 -8.72
CA GLU B 529 26.02 22.04 -8.21
C GLU B 529 25.64 20.60 -8.58
N PRO B 530 26.05 19.62 -7.76
CA PRO B 530 26.02 18.18 -8.00
C PRO B 530 24.61 17.60 -8.18
N ARG B 531 23.57 18.35 -7.82
CA ARG B 531 22.23 17.78 -7.90
C ARG B 531 21.68 17.84 -9.31
N ALA B 532 21.57 16.67 -9.94
CA ALA B 532 21.17 16.55 -11.34
C ALA B 532 19.75 17.01 -11.52
N GLY B 533 18.98 16.97 -10.44
CA GLY B 533 17.58 17.38 -10.46
C GLY B 533 17.45 18.81 -10.97
N ARG B 534 18.49 19.62 -10.76
CA ARG B 534 18.45 20.99 -11.25
C ARG B 534 19.37 21.17 -12.46
N GLN B 535 20.45 20.40 -12.54
CA GLN B 535 21.43 20.61 -13.61
C GLN B 535 20.91 20.13 -14.95
N VAL B 536 20.10 19.08 -14.94
CA VAL B 536 19.57 18.54 -16.18
C VAL B 536 18.66 19.52 -16.94
N PRO B 537 17.60 20.07 -16.31
CA PRO B 537 16.72 21.05 -16.90
C PRO B 537 17.44 22.35 -17.24
N LEU B 538 18.52 22.66 -16.53
CA LEU B 538 19.30 23.85 -16.89
C LEU B 538 20.07 23.62 -18.18
N LEU B 539 20.62 22.41 -18.34
CA LEU B 539 21.34 22.08 -19.55
C LEU B 539 20.39 21.93 -20.73
N LEU B 540 19.18 21.43 -20.45
CA LEU B 540 18.17 21.33 -21.49
C LEU B 540 17.67 22.70 -21.91
N SER B 541 17.58 23.61 -20.94
CA SER B 541 17.14 24.98 -21.21
C SER B 541 18.19 25.74 -22.01
N MET B 542 19.44 25.31 -21.87
CA MET B 542 20.56 25.89 -22.61
C MET B 542 20.75 25.19 -23.95
N GLU B 543 19.90 24.21 -24.23
CA GLU B 543 19.99 23.42 -25.44
C GLU B 543 21.36 22.78 -25.60
N GLU B 544 21.93 22.30 -24.49
CA GLU B 544 23.21 21.61 -24.52
C GLU B 544 23.02 20.11 -24.42
N ASP B 545 23.29 19.39 -25.51
CA ASP B 545 23.08 17.96 -25.52
C ASP B 545 24.27 17.25 -24.89
N GLU B 546 24.18 15.93 -24.78
CA GLU B 546 25.24 15.10 -24.20
C GLU B 546 25.39 15.33 -22.69
N LEU B 547 25.63 16.57 -22.30
CA LEU B 547 25.83 16.92 -20.90
C LEU B 547 24.59 16.64 -20.07
N ALA B 548 23.42 16.87 -20.66
CA ALA B 548 22.17 16.64 -19.94
C ALA B 548 22.02 15.16 -19.60
N LEU B 549 22.51 14.29 -20.51
CA LEU B 549 22.47 12.86 -20.26
C LEU B 549 23.47 12.48 -19.19
N ASP B 550 24.63 13.11 -19.21
CA ASP B 550 25.69 12.76 -18.27
C ASP B 550 25.29 13.08 -16.85
N LYS B 551 24.59 14.19 -16.64
CA LYS B 551 24.19 14.55 -15.28
C LYS B 551 23.15 13.58 -14.76
N ALA B 552 22.20 13.21 -15.62
CA ALA B 552 21.15 12.27 -15.24
C ALA B 552 21.72 10.87 -14.98
N ILE B 553 22.71 10.48 -15.79
CA ILE B 553 23.32 9.16 -15.68
C ILE B 553 24.20 9.05 -14.45
N GLU B 554 24.97 10.09 -14.18
CA GLU B 554 25.85 10.10 -13.02
C GLU B 554 25.06 10.07 -11.72
N SER B 555 23.90 10.74 -11.71
CA SER B 555 23.03 10.70 -10.54
C SER B 555 22.23 9.40 -10.46
N GLY B 556 21.99 8.78 -11.60
CA GLY B 556 21.25 7.52 -11.65
C GLY B 556 19.76 7.75 -11.52
N ASP B 557 19.29 8.88 -12.01
CA ASP B 557 17.88 9.21 -11.93
C ASP B 557 17.19 8.85 -13.24
N THR B 558 16.39 7.79 -13.20
CA THR B 558 15.76 7.28 -14.42
C THR B 558 14.73 8.24 -14.96
N ASP B 559 14.27 9.17 -14.12
CA ASP B 559 13.34 10.19 -14.57
C ASP B 559 14.08 11.20 -15.43
N LEU B 560 15.20 11.67 -14.92
CA LEU B 560 15.99 12.66 -15.62
C LEU B 560 16.55 12.10 -16.92
N ILE B 561 16.92 10.82 -16.91
CA ILE B 561 17.49 10.23 -18.12
C ILE B 561 16.42 10.11 -19.19
N TYR B 562 15.25 9.58 -18.81
CA TYR B 562 14.14 9.49 -19.74
C TYR B 562 13.72 10.86 -20.23
N PHE B 563 13.71 11.84 -19.32
CA PHE B 563 13.31 13.19 -19.64
C PHE B 563 14.22 13.79 -20.71
N VAL B 564 15.53 13.63 -20.54
CA VAL B 564 16.49 14.12 -21.51
C VAL B 564 16.30 13.37 -22.83
N ILE B 565 16.06 12.07 -22.75
CA ILE B 565 15.83 11.27 -23.94
C ILE B 565 14.59 11.73 -24.69
N HIS B 566 13.52 12.03 -23.96
CA HIS B 566 12.30 12.50 -24.60
C HIS B 566 12.49 13.86 -25.24
N GLN B 567 13.28 14.72 -24.60
CA GLN B 567 13.55 16.04 -25.15
C GLN B 567 14.46 15.95 -26.37
N LEU B 568 15.41 15.01 -26.34
CA LEU B 568 16.28 14.79 -27.49
C LEU B 568 15.50 14.16 -28.63
N ARG B 569 14.59 13.26 -28.29
CA ARG B 569 13.78 12.58 -29.30
C ARG B 569 12.81 13.55 -29.97
N ARG B 570 12.29 14.49 -29.19
CA ARG B 570 11.34 15.47 -29.71
C ARG B 570 12.05 16.60 -30.47
N LYS B 571 13.24 16.97 -30.01
CA LYS B 571 13.97 18.09 -30.60
C LYS B 571 14.78 17.70 -31.83
N LEU B 572 15.30 16.47 -31.85
CA LEU B 572 16.20 16.05 -32.92
C LEU B 572 15.48 15.17 -33.94
N PRO B 573 15.85 15.27 -35.22
CA PRO B 573 15.29 14.54 -36.35
C PRO B 573 15.81 13.11 -36.44
N LEU B 574 15.58 12.34 -35.39
CA LEU B 574 15.88 10.91 -35.33
C LEU B 574 17.38 10.57 -35.44
N ALA B 575 17.99 10.90 -36.57
CA ALA B 575 19.38 10.50 -36.80
C ALA B 575 20.30 11.12 -35.76
N SER B 576 20.05 12.37 -35.39
CA SER B 576 20.87 13.02 -34.39
C SER B 576 20.50 12.53 -33.00
N PHE B 577 19.26 12.11 -32.84
CA PHE B 577 18.79 11.56 -31.58
C PHE B 577 19.48 10.24 -31.26
N PHE B 578 19.54 9.36 -32.24
CA PHE B 578 20.13 8.06 -32.05
C PHE B 578 21.65 8.14 -31.91
N ARG B 579 22.26 9.07 -32.64
CA ARG B 579 23.71 9.22 -32.61
C ARG B 579 24.22 9.88 -31.33
N VAL B 580 23.40 10.69 -30.68
CA VAL B 580 23.83 11.31 -29.43
C VAL B 580 23.67 10.35 -28.24
N VAL B 581 22.61 9.56 -28.25
CA VAL B 581 22.40 8.61 -27.15
C VAL B 581 23.35 7.41 -27.26
N SER B 582 23.74 7.07 -28.48
CA SER B 582 24.66 5.94 -28.69
C SER B 582 26.05 6.23 -28.15
N SER B 583 26.35 7.52 -27.94
CA SER B 583 27.64 7.92 -27.38
C SER B 583 27.63 7.68 -25.87
N ARG B 584 26.44 7.48 -25.32
CA ARG B 584 26.22 7.25 -23.90
C ARG B 584 25.38 5.99 -23.71
N PRO B 585 26.00 4.80 -23.74
CA PRO B 585 25.39 3.50 -23.91
C PRO B 585 24.25 3.26 -22.91
N THR B 586 24.34 3.86 -21.73
CA THR B 586 23.28 3.73 -20.75
C THR B 586 22.02 4.43 -21.23
N ALA B 587 22.20 5.56 -21.92
CA ALA B 587 21.07 6.29 -22.47
C ALA B 587 20.51 5.54 -23.66
N SER B 588 21.38 4.90 -24.41
CA SER B 588 20.97 4.17 -25.61
C SER B 588 20.06 3.00 -25.25
N ALA B 589 20.42 2.29 -24.18
CA ALA B 589 19.61 1.17 -23.74
C ALA B 589 18.26 1.63 -23.21
N MET B 590 18.23 2.81 -22.59
CA MET B 590 16.96 3.35 -22.11
C MET B 590 16.09 3.88 -23.25
N VAL B 591 16.72 4.26 -24.36
CA VAL B 591 15.95 4.60 -25.55
C VAL B 591 15.27 3.34 -26.06
N GLU B 592 15.99 2.23 -26.04
CA GLU B 592 15.43 0.96 -26.44
C GLU B 592 14.30 0.57 -25.51
N ALA B 593 14.46 0.81 -24.21
CA ALA B 593 13.44 0.49 -23.22
C ALA B 593 12.13 1.20 -23.54
N LEU B 594 12.21 2.43 -24.01
CA LEU B 594 11.02 3.17 -24.40
C LEU B 594 10.45 2.58 -25.68
N ALA B 595 11.33 2.23 -26.60
CA ALA B 595 10.93 1.69 -27.89
C ALA B 595 10.36 0.28 -27.76
N ARG B 596 10.75 -0.44 -26.70
CA ARG B 596 10.22 -1.78 -26.45
C ARG B 596 8.78 -1.73 -25.94
N ASN B 597 8.33 -0.54 -25.58
CA ASN B 597 6.99 -0.39 -25.02
C ASN B 597 6.28 0.79 -25.67
N SER B 598 5.87 0.62 -26.93
CA SER B 598 5.23 1.70 -27.64
C SER B 598 3.84 1.96 -27.08
N ASP B 599 3.06 0.89 -26.97
CA ASP B 599 1.77 0.96 -26.31
C ASP B 599 1.82 0.18 -25.00
N GLY B 600 2.93 -0.52 -24.78
CA GLY B 600 3.10 -1.38 -23.63
C GLY B 600 2.55 -2.78 -23.92
N ASP B 601 2.66 -3.67 -22.94
CA ASP B 601 2.12 -5.03 -23.05
C ASP B 601 2.61 -5.76 -24.30
N GLY B 602 3.89 -5.63 -24.62
CA GLY B 602 4.47 -6.37 -25.74
C GLY B 602 4.41 -5.62 -27.07
N ASN B 603 3.81 -4.45 -27.08
CA ASN B 603 3.69 -3.69 -28.32
C ASN B 603 4.94 -2.84 -28.55
N GLU B 604 5.94 -3.47 -29.18
CA GLU B 604 7.24 -2.86 -29.46
C GLU B 604 7.18 -1.99 -30.72
N ASP B 605 7.94 -0.90 -30.74
CA ASP B 605 8.05 -0.07 -31.93
C ASP B 605 9.31 -0.39 -32.71
N THR B 606 9.15 -1.08 -33.84
CA THR B 606 10.30 -1.51 -34.62
C THR B 606 10.93 -0.34 -35.36
N ALA B 607 10.18 0.75 -35.50
CA ALA B 607 10.67 1.92 -36.21
C ALA B 607 11.82 2.58 -35.46
N LEU B 608 11.77 2.52 -34.13
CA LEU B 608 12.84 3.13 -33.33
C LEU B 608 13.88 2.09 -32.91
N LEU B 609 13.45 0.85 -32.77
CA LEU B 609 14.36 -0.20 -32.32
C LEU B 609 15.41 -0.51 -33.37
N LYS B 610 15.03 -0.49 -34.64
CA LYS B 610 15.98 -0.82 -35.70
C LYS B 610 17.11 0.19 -35.76
N ASP B 611 16.79 1.46 -35.50
CA ASP B 611 17.78 2.52 -35.60
C ASP B 611 18.68 2.53 -34.37
N LEU B 612 18.11 2.17 -33.23
CA LEU B 612 18.88 2.07 -32.00
C LEU B 612 19.88 0.93 -32.15
N TYR B 613 19.43 -0.17 -32.73
CA TYR B 613 20.27 -1.34 -32.91
C TYR B 613 21.35 -1.11 -33.95
N TYR B 614 21.06 -0.26 -34.96
CA TYR B 614 22.05 0.03 -35.97
C TYR B 614 23.23 0.79 -35.40
N GLN B 615 22.96 1.67 -34.42
CA GLN B 615 24.03 2.44 -33.80
C GLN B 615 24.96 1.57 -32.96
N ASP B 616 24.39 0.57 -32.29
CA ASP B 616 25.18 -0.31 -31.44
C ASP B 616 25.48 -1.66 -32.09
N ASP B 617 25.16 -1.77 -33.37
CA ASP B 617 25.38 -2.99 -34.16
C ASP B 617 24.76 -4.21 -33.49
N ARG B 618 23.57 -4.03 -32.93
CA ARG B 618 22.88 -5.11 -32.25
C ARG B 618 22.00 -5.90 -33.21
N ARG B 619 22.65 -6.65 -34.10
CA ARG B 619 21.96 -7.37 -35.16
C ARG B 619 21.05 -8.47 -34.60
N LEU B 620 21.49 -9.11 -33.52
CA LEU B 620 20.72 -10.20 -32.95
C LEU B 620 19.52 -9.68 -32.16
N ASP B 621 19.60 -8.45 -31.69
CA ASP B 621 18.50 -7.88 -30.95
C ASP B 621 17.41 -7.40 -31.89
N GLY B 622 17.82 -6.93 -33.07
CA GLY B 622 16.84 -6.52 -34.07
C GLY B 622 16.02 -7.72 -34.50
N ALA B 623 16.68 -8.85 -34.70
CA ALA B 623 15.99 -10.08 -35.05
C ALA B 623 15.12 -10.56 -33.89
N SER B 624 15.61 -10.35 -32.67
CA SER B 624 14.89 -10.83 -31.48
C SER B 624 13.58 -10.09 -31.29
N VAL B 625 13.50 -8.85 -31.74
CA VAL B 625 12.26 -8.11 -31.66
C VAL B 625 11.21 -8.74 -32.58
N PHE B 626 11.64 -9.07 -33.79
CA PHE B 626 10.74 -9.70 -34.76
C PHE B 626 10.42 -11.14 -34.37
N ILE B 627 11.37 -11.81 -33.74
CA ILE B 627 11.14 -13.18 -33.29
C ILE B 627 10.14 -13.21 -32.14
N ARG B 628 10.25 -12.26 -31.22
CA ARG B 628 9.28 -12.20 -30.14
C ARG B 628 7.88 -11.96 -30.70
N GLU B 629 7.78 -11.14 -31.75
CA GLU B 629 6.50 -10.96 -32.41
C GLU B 629 6.06 -12.26 -33.07
N ALA B 630 7.03 -13.00 -33.63
CA ALA B 630 6.73 -14.26 -34.30
C ALA B 630 6.11 -15.27 -33.36
N LEU B 631 6.56 -15.25 -32.11
CA LEU B 631 6.11 -16.26 -31.16
C LEU B 631 4.96 -15.78 -30.29
N GLN B 632 4.85 -14.47 -30.07
CA GLN B 632 3.74 -13.91 -29.29
C GLN B 632 2.46 -13.86 -30.13
N GLN B 633 2.63 -13.74 -31.44
CA GLN B 633 1.52 -13.78 -32.38
C GLN B 633 1.14 -15.24 -32.60
N PRO B 634 -0.04 -15.54 -33.17
CA PRO B 634 -0.57 -16.88 -33.30
C PRO B 634 0.47 -17.79 -33.94
N GLU B 635 0.64 -18.97 -33.35
CA GLU B 635 1.71 -19.88 -33.70
C GLU B 635 1.59 -20.42 -35.12
N THR B 636 2.73 -20.60 -35.77
CA THR B 636 2.85 -21.12 -37.12
C THR B 636 2.35 -20.14 -38.17
N ARG B 637 1.07 -19.78 -38.10
CA ARG B 637 0.48 -18.92 -39.12
C ARG B 637 1.17 -17.57 -39.22
N THR B 638 1.56 -16.99 -38.09
CA THR B 638 2.23 -15.70 -38.14
C THR B 638 3.73 -15.84 -37.89
N ALA B 639 4.12 -16.93 -37.24
CA ALA B 639 5.51 -17.13 -36.89
C ALA B 639 6.36 -17.25 -38.15
N SER B 640 5.82 -17.86 -39.20
CA SER B 640 6.59 -18.05 -40.42
C SER B 640 6.89 -16.72 -41.12
N ASP B 641 5.96 -15.77 -41.02
CA ASP B 641 6.13 -14.50 -41.68
C ASP B 641 7.07 -13.58 -40.90
N LYS B 642 6.96 -13.65 -39.58
CA LYS B 642 7.78 -12.81 -38.72
C LYS B 642 9.20 -13.34 -38.56
N LEU B 643 9.37 -14.66 -38.62
CA LEU B 643 10.70 -15.24 -38.55
C LEU B 643 11.48 -14.92 -39.82
N ASP B 644 10.79 -14.89 -40.95
CA ASP B 644 11.42 -14.55 -42.22
C ASP B 644 11.83 -13.08 -42.22
N LEU B 645 11.02 -12.24 -41.58
CA LEU B 645 11.35 -10.83 -41.43
C LEU B 645 12.51 -10.64 -40.47
N ALA B 646 12.54 -11.44 -39.40
CA ALA B 646 13.62 -11.37 -38.43
C ALA B 646 14.95 -11.70 -39.08
N ALA B 647 14.91 -12.59 -40.06
CA ALA B 647 16.11 -13.02 -40.77
C ALA B 647 16.76 -11.87 -41.54
N ASN B 648 15.98 -10.84 -41.84
CA ASN B 648 16.48 -9.74 -42.64
C ASN B 648 17.34 -8.80 -41.79
N LEU B 649 17.32 -9.01 -40.48
CA LEU B 649 18.13 -8.21 -39.58
C LEU B 649 19.42 -8.95 -39.25
N LEU B 650 19.55 -10.16 -39.80
CA LEU B 650 20.69 -11.01 -39.54
C LEU B 650 21.66 -11.04 -40.72
N GLN B 651 21.43 -10.15 -41.68
CA GLN B 651 22.26 -10.12 -42.88
C GLN B 651 23.53 -9.31 -42.62
N GLY B 652 24.41 -9.85 -41.80
CA GLY B 652 25.66 -9.21 -41.45
C GLY B 652 26.84 -10.15 -41.61
N ASN B 653 27.95 -9.81 -40.96
CA ASN B 653 29.16 -10.61 -41.01
C ASN B 653 28.93 -11.94 -40.31
N GLN B 654 29.52 -13.00 -40.85
CA GLN B 654 29.30 -14.35 -40.32
C GLN B 654 30.25 -14.70 -39.18
N LYS B 655 31.19 -13.79 -38.92
CA LYS B 655 32.13 -13.94 -37.82
C LYS B 655 31.43 -13.73 -36.49
N GLU B 656 31.92 -14.42 -35.45
CA GLU B 656 31.40 -14.31 -34.09
C GLU B 656 30.05 -15.00 -33.94
N HIS B 657 29.04 -14.47 -34.62
CA HIS B 657 27.69 -15.03 -34.55
C HIS B 657 27.52 -16.17 -35.54
N VAL B 658 28.33 -17.20 -35.38
CA VAL B 658 28.35 -18.32 -36.31
C VAL B 658 27.07 -19.13 -36.22
N PHE B 659 26.67 -19.47 -35.00
CA PHE B 659 25.53 -20.34 -34.79
C PHE B 659 24.24 -19.55 -34.68
N GLU B 660 24.35 -18.31 -34.24
CA GLU B 660 23.18 -17.45 -34.07
C GLU B 660 22.58 -17.07 -35.43
N LEU B 661 23.44 -16.92 -36.45
CA LEU B 661 22.97 -16.57 -37.77
C LEU B 661 22.50 -17.78 -38.56
N GLY B 662 23.14 -18.93 -38.36
CA GLY B 662 22.75 -20.14 -39.06
C GLY B 662 21.46 -20.71 -38.49
N ALA B 663 21.09 -20.21 -37.32
CA ALA B 663 19.90 -20.65 -36.61
C ALA B 663 18.64 -20.22 -37.34
N LEU B 664 18.73 -19.19 -38.17
CA LEU B 664 17.52 -18.70 -38.83
C LEU B 664 17.02 -19.70 -39.85
N LYS B 665 17.95 -20.43 -40.47
CA LYS B 665 17.59 -21.46 -41.43
C LYS B 665 16.97 -22.65 -40.70
N GLU B 666 17.51 -22.95 -39.53
CA GLU B 666 17.01 -24.06 -38.74
C GLU B 666 15.62 -23.76 -38.21
N ALA B 667 15.39 -22.52 -37.81
CA ALA B 667 14.10 -22.14 -37.25
C ALA B 667 12.98 -22.32 -38.27
N LYS B 668 13.29 -22.02 -39.53
CA LYS B 668 12.29 -22.18 -40.58
C LYS B 668 11.98 -23.65 -40.83
N MET B 669 13.01 -24.48 -40.81
CA MET B 669 12.84 -25.92 -41.04
C MET B 669 12.16 -26.59 -39.86
N LEU B 670 12.45 -26.11 -38.66
CA LEU B 670 11.88 -26.68 -37.44
C LEU B 670 10.38 -26.44 -37.38
N LEU B 671 9.96 -25.25 -37.80
CA LEU B 671 8.53 -24.92 -37.83
C LEU B 671 7.83 -25.60 -38.99
N ARG B 672 8.53 -25.70 -40.12
CA ARG B 672 7.95 -26.27 -41.34
C ARG B 672 7.55 -27.73 -41.16
N MET B 673 8.39 -28.49 -40.46
CA MET B 673 8.10 -29.90 -40.25
C MET B 673 6.92 -30.10 -39.31
N GLN B 674 6.74 -29.17 -38.37
CA GLN B 674 5.64 -29.28 -37.42
C GLN B 674 4.30 -29.03 -38.10
N GLU B 675 4.28 -28.05 -39.01
CA GLU B 675 3.07 -27.73 -39.76
C GLU B 675 2.74 -28.85 -40.72
N THR B 676 3.77 -29.44 -41.30
CA THR B 676 3.59 -30.53 -42.25
C THR B 676 2.93 -31.72 -41.58
N PHE B 677 3.38 -32.02 -40.36
CA PHE B 677 2.80 -33.14 -39.61
C PHE B 677 1.36 -32.85 -39.21
N GLU B 678 1.07 -31.62 -38.84
CA GLU B 678 -0.31 -31.30 -38.49
C GLU B 678 -1.24 -31.56 -39.66
N ARG B 679 -0.79 -31.27 -40.87
CA ARG B 679 -1.61 -31.49 -42.06
C ARG B 679 -1.79 -32.96 -42.40
N ASP B 680 -0.71 -33.75 -42.31
CA ASP B 680 -0.76 -35.14 -42.74
C ASP B 680 -1.07 -36.14 -41.62
N LEU B 681 -0.63 -35.85 -40.40
CA LEU B 681 -0.77 -36.78 -39.29
C LEU B 681 -1.97 -36.47 -38.42
N THR B 682 -2.69 -35.40 -38.77
CA THR B 682 -3.87 -34.92 -38.04
C THR B 682 -3.51 -34.32 -36.68
N ASP B 683 -2.84 -35.10 -35.84
CA ASP B 683 -2.44 -34.64 -34.52
C ASP B 683 -1.27 -33.67 -34.63
N SER B 684 -1.47 -32.44 -34.14
CA SER B 684 -0.48 -31.38 -34.30
C SER B 684 0.81 -31.64 -33.53
N PHE B 685 1.92 -31.29 -34.17
CA PHE B 685 3.25 -31.35 -33.56
C PHE B 685 3.81 -29.94 -33.33
N VAL B 686 2.94 -28.96 -33.47
CA VAL B 686 3.34 -27.56 -33.38
C VAL B 686 3.65 -27.14 -31.95
N GLY B 687 4.80 -26.49 -31.78
CA GLY B 687 5.22 -26.02 -30.46
C GLY B 687 6.07 -27.06 -29.74
N LEU B 688 6.32 -28.19 -30.39
CA LEU B 688 7.13 -29.25 -29.80
C LEU B 688 8.58 -29.15 -30.24
N SER B 689 9.48 -29.61 -29.38
CA SER B 689 10.90 -29.68 -29.70
C SER B 689 11.16 -30.87 -30.61
N VAL B 690 12.36 -30.95 -31.18
CA VAL B 690 12.67 -32.04 -32.09
C VAL B 690 12.63 -33.38 -31.36
N ASN B 691 13.14 -33.39 -30.13
CA ASN B 691 13.12 -34.61 -29.35
C ASN B 691 11.70 -34.97 -28.92
N GLN B 692 10.87 -33.95 -28.74
CA GLN B 692 9.48 -34.18 -28.36
C GLN B 692 8.65 -34.65 -29.54
N THR B 693 8.96 -34.16 -30.73
CA THR B 693 8.24 -34.62 -31.91
C THR B 693 8.61 -36.05 -32.23
N MET B 694 9.89 -36.40 -32.05
CA MET B 694 10.31 -37.76 -32.30
C MET B 694 9.69 -38.72 -31.29
N PHE B 695 9.53 -38.26 -30.05
CA PHE B 695 8.88 -39.06 -29.03
C PHE B 695 7.43 -39.33 -29.41
N LYS B 696 6.73 -38.27 -29.81
CA LYS B 696 5.33 -38.38 -30.18
C LYS B 696 5.16 -39.18 -31.46
N LEU B 697 6.08 -39.03 -32.42
CA LEU B 697 5.97 -39.76 -33.68
C LEU B 697 6.16 -41.26 -33.47
N ILE B 698 7.09 -41.63 -32.59
CA ILE B 698 7.31 -43.05 -32.30
C ILE B 698 6.14 -43.61 -31.51
N LYS B 699 5.65 -42.85 -30.54
CA LYS B 699 4.53 -43.29 -29.71
C LYS B 699 3.27 -43.52 -30.56
N LEU B 700 3.11 -42.74 -31.61
CA LEU B 700 1.95 -42.85 -32.48
C LEU B 700 2.20 -43.82 -33.65
N GLY B 701 3.39 -44.41 -33.70
CA GLY B 701 3.71 -45.40 -34.72
C GLY B 701 4.28 -44.79 -36.01
N TYR B 702 4.51 -43.48 -36.03
CA TYR B 702 5.04 -42.83 -37.21
C TYR B 702 6.57 -42.90 -37.21
N HIS B 703 7.10 -44.11 -37.34
CA HIS B 703 8.54 -44.32 -37.25
C HIS B 703 9.26 -43.74 -38.46
N GLY B 704 8.62 -43.80 -39.62
CA GLY B 704 9.22 -43.28 -40.85
C GLY B 704 9.38 -41.76 -40.75
N ARG B 705 8.47 -41.11 -40.03
CA ARG B 705 8.52 -39.67 -39.86
C ARG B 705 9.59 -39.28 -38.85
N ALA B 706 9.74 -40.11 -37.81
CA ALA B 706 10.76 -39.85 -36.80
C ALA B 706 12.15 -39.95 -37.42
N LYS B 707 12.31 -40.86 -38.37
CA LYS B 707 13.58 -41.01 -39.08
C LYS B 707 13.89 -39.79 -39.94
N LYS B 708 12.85 -39.22 -40.56
CA LYS B 708 13.03 -38.01 -41.35
C LYS B 708 13.48 -36.85 -40.47
N ILE B 709 12.92 -36.77 -39.26
CA ILE B 709 13.28 -35.74 -38.32
C ILE B 709 14.72 -35.93 -37.82
N GLN B 710 15.09 -37.18 -37.58
CA GLN B 710 16.42 -37.47 -37.09
C GLN B 710 17.50 -37.05 -38.09
N SER B 711 17.26 -37.33 -39.37
CA SER B 711 18.22 -36.97 -40.40
C SER B 711 18.14 -35.49 -40.80
N GLU B 712 16.95 -34.90 -40.68
CA GLU B 712 16.74 -33.51 -41.10
C GLU B 712 17.43 -32.51 -40.17
N PHE B 713 17.40 -32.80 -38.87
CA PHE B 713 17.93 -31.86 -37.89
C PHE B 713 19.21 -32.33 -37.23
N LYS B 714 19.89 -33.29 -37.86
CA LYS B 714 21.17 -33.79 -37.36
C LYS B 714 21.07 -34.29 -35.92
N VAL B 715 20.03 -35.08 -35.65
CA VAL B 715 19.87 -35.67 -34.33
C VAL B 715 20.86 -36.83 -34.16
N PRO B 716 21.67 -36.82 -33.11
CA PRO B 716 22.65 -37.84 -32.76
C PRO B 716 21.96 -39.19 -32.57
N GLU B 717 22.67 -40.26 -32.91
CA GLU B 717 22.11 -41.60 -32.79
C GLU B 717 21.75 -41.92 -31.35
N ARG B 718 22.58 -41.44 -30.42
CA ARG B 718 22.32 -41.67 -29.00
C ARG B 718 21.03 -41.01 -28.57
N VAL B 719 20.74 -39.85 -29.14
CA VAL B 719 19.53 -39.14 -28.81
C VAL B 719 18.32 -39.86 -29.39
N ALA B 720 18.45 -40.27 -30.64
CA ALA B 720 17.36 -40.97 -31.32
C ALA B 720 17.06 -42.30 -30.65
N TRP B 721 18.10 -42.98 -30.18
CA TRP B 721 17.91 -44.27 -29.53
C TRP B 721 17.15 -44.12 -28.21
N TRP B 722 17.54 -43.13 -27.41
CA TRP B 722 16.87 -42.92 -26.13
C TRP B 722 15.44 -42.43 -26.31
N ILE B 723 15.17 -41.69 -27.37
CA ILE B 723 13.82 -41.22 -27.65
C ILE B 723 12.94 -42.38 -28.07
N ARG B 724 13.46 -43.23 -28.95
CA ARG B 724 12.69 -44.38 -29.40
C ARG B 724 12.45 -45.34 -28.26
N LEU B 725 13.43 -45.52 -27.40
CA LEU B 725 13.27 -46.45 -26.30
C LEU B 725 12.20 -45.98 -25.33
N GLN B 726 12.17 -44.68 -25.03
CA GLN B 726 11.17 -44.18 -24.09
C GLN B 726 9.76 -44.22 -24.67
N ALA B 727 9.65 -43.90 -25.96
CA ALA B 727 8.35 -43.89 -26.62
C ALA B 727 7.81 -45.30 -26.82
N LEU B 728 8.72 -46.24 -27.08
CA LEU B 728 8.31 -47.62 -27.31
C LEU B 728 7.94 -48.30 -25.99
N VAL B 729 8.56 -47.84 -24.90
CA VAL B 729 8.18 -48.31 -23.57
C VAL B 729 6.80 -47.81 -23.19
N ALA B 730 6.50 -46.57 -23.55
CA ALA B 730 5.18 -46.00 -23.27
C ALA B 730 4.10 -46.83 -23.97
N LYS B 731 4.44 -47.35 -25.14
CA LYS B 731 3.53 -48.23 -25.88
C LYS B 731 3.76 -49.70 -25.53
N ARG B 732 4.78 -49.95 -24.72
CA ARG B 732 5.16 -51.30 -24.31
C ARG B 732 5.37 -52.22 -25.52
N ASP B 733 6.06 -51.72 -26.53
CA ASP B 733 6.36 -52.51 -27.72
C ASP B 733 7.69 -53.24 -27.55
N TRP B 734 7.60 -54.50 -27.14
CA TRP B 734 8.80 -55.26 -26.77
C TRP B 734 9.73 -55.53 -27.95
N ASN B 735 9.17 -55.75 -29.13
CA ASN B 735 9.96 -56.15 -30.27
C ASN B 735 10.78 -54.99 -30.83
N GLU B 736 10.21 -53.79 -30.78
CA GLU B 736 10.89 -52.61 -31.30
C GLU B 736 11.97 -52.13 -30.35
N ILE B 737 11.79 -52.38 -29.06
CA ILE B 737 12.80 -52.01 -28.07
C ILE B 737 14.05 -52.87 -28.24
N GLU B 738 13.84 -54.17 -28.51
CA GLU B 738 14.95 -55.09 -28.74
C GLU B 738 15.76 -54.73 -29.97
N GLU B 739 15.11 -54.15 -30.96
CA GLU B 739 15.80 -53.77 -32.20
C GLU B 739 16.91 -52.75 -31.94
N ILE B 740 16.81 -51.99 -30.84
CA ILE B 740 17.81 -50.98 -30.55
C ILE B 740 18.90 -51.51 -29.61
N SER B 741 18.50 -52.12 -28.50
CA SER B 741 19.46 -52.50 -27.48
C SER B 741 19.89 -53.97 -27.51
N ARG B 742 19.15 -54.82 -28.22
CA ARG B 742 19.50 -56.24 -28.27
C ARG B 742 20.08 -56.65 -29.62
N GLN B 743 19.51 -56.11 -30.70
CA GLN B 743 19.93 -56.50 -32.04
C GLN B 743 21.05 -55.62 -32.59
N ARG B 744 21.07 -54.36 -32.18
CA ARG B 744 22.08 -53.43 -32.67
C ARG B 744 23.14 -53.12 -31.61
N LYS B 745 22.97 -53.70 -30.42
CA LYS B 745 23.93 -53.55 -29.35
C LYS B 745 24.27 -52.08 -29.09
N SER B 746 23.24 -51.23 -29.00
CA SER B 746 23.48 -49.81 -28.82
C SER B 746 24.38 -49.55 -27.61
N PRO B 747 25.37 -48.66 -27.75
CA PRO B 747 26.38 -48.31 -26.77
C PRO B 747 25.84 -47.37 -25.70
N ILE B 748 24.90 -47.89 -24.91
CA ILE B 748 24.26 -47.11 -23.86
C ILE B 748 24.43 -47.79 -22.51
N GLY B 749 24.30 -47.03 -21.43
CA GLY B 749 24.40 -47.60 -20.10
C GLY B 749 23.21 -48.50 -19.83
N TRP B 750 23.43 -49.58 -19.09
CA TRP B 750 22.35 -50.48 -18.78
C TRP B 750 21.51 -50.00 -17.60
N GLU B 751 22.09 -49.16 -16.76
CA GLU B 751 21.35 -48.60 -15.63
C GLU B 751 20.16 -47.75 -16.09
N PRO B 752 20.37 -46.70 -16.92
CA PRO B 752 19.33 -45.88 -17.50
C PRO B 752 18.42 -46.66 -18.45
N PHE B 753 18.93 -47.76 -19.00
CA PHE B 753 18.12 -48.58 -19.90
C PHE B 753 17.06 -49.36 -19.16
N PHE B 754 17.44 -50.02 -18.07
CA PHE B 754 16.52 -50.86 -17.34
C PHE B 754 15.53 -50.04 -16.53
N ASN B 755 15.87 -48.78 -16.30
CA ASN B 755 14.96 -47.88 -15.63
C ASN B 755 13.76 -47.57 -16.52
N GLN B 756 13.89 -47.88 -17.82
CA GLN B 756 12.80 -47.72 -18.77
C GLN B 756 12.08 -49.05 -18.99
N VAL B 757 12.57 -50.12 -18.38
CA VAL B 757 12.01 -51.44 -18.64
C VAL B 757 11.48 -52.10 -17.36
N LEU B 758 12.34 -52.23 -16.36
CA LEU B 758 11.96 -52.89 -15.12
C LEU B 758 11.07 -51.98 -14.28
N GLN B 759 11.39 -50.69 -14.27
CA GLN B 759 10.59 -49.73 -13.51
C GLN B 759 9.34 -49.38 -14.30
N ALA B 760 9.32 -49.81 -15.56
CA ALA B 760 8.19 -49.60 -16.45
C ALA B 760 7.20 -50.75 -16.33
N GLY B 761 7.49 -51.71 -15.45
CA GLY B 761 6.61 -52.85 -15.25
C GLY B 761 6.78 -53.96 -16.28
N ASN B 762 7.96 -54.05 -16.88
CA ASN B 762 8.20 -55.07 -17.89
C ASN B 762 9.47 -55.89 -17.60
N PRO B 763 9.51 -56.64 -16.49
CA PRO B 763 10.62 -57.47 -16.04
C PRO B 763 10.88 -58.61 -17.01
N ARG B 764 9.87 -58.94 -17.81
CA ARG B 764 10.00 -59.98 -18.82
C ARG B 764 10.70 -59.47 -20.06
N LEU B 765 10.68 -58.14 -20.26
CA LEU B 765 11.36 -57.53 -21.38
C LEU B 765 12.83 -57.32 -21.03
N ALA B 766 13.08 -57.01 -19.77
CA ALA B 766 14.45 -56.81 -19.29
C ALA B 766 15.23 -58.09 -19.43
N ALA B 767 14.53 -59.21 -19.37
CA ALA B 767 15.13 -60.53 -19.34
C ALA B 767 15.94 -60.80 -20.62
N THR B 768 15.63 -60.10 -21.70
CA THR B 768 16.34 -60.34 -22.95
C THR B 768 17.51 -59.38 -23.15
N PHE B 769 17.67 -58.42 -22.24
CA PHE B 769 18.78 -57.47 -22.32
C PHE B 769 19.81 -57.69 -21.23
N ILE B 770 19.38 -58.33 -20.15
CA ILE B 770 20.25 -58.57 -19.00
C ILE B 770 21.52 -59.35 -19.32
N PRO B 771 21.47 -60.48 -20.05
CA PRO B 771 22.58 -61.35 -20.32
C PRO B 771 23.58 -60.69 -21.27
N LYS B 772 23.18 -59.55 -21.85
CA LYS B 772 24.02 -58.84 -22.81
C LYS B 772 24.84 -57.76 -22.10
N CYS B 773 24.69 -57.66 -20.79
CA CYS B 773 25.33 -56.62 -20.00
C CYS B 773 26.82 -56.89 -19.78
N THR B 774 27.31 -58.00 -20.33
CA THR B 774 28.70 -58.37 -20.18
C THR B 774 29.61 -57.43 -20.95
N ASN B 775 29.02 -56.64 -21.85
CA ASN B 775 29.80 -55.70 -22.63
C ASN B 775 30.32 -54.55 -21.78
N LEU B 776 29.64 -54.26 -20.67
CA LEU B 776 30.10 -53.20 -19.77
C LEU B 776 30.52 -53.78 -18.41
N GLU B 777 29.70 -54.68 -17.89
CA GLU B 777 29.96 -55.30 -16.59
C GLU B 777 29.18 -56.61 -16.44
N PRO B 778 29.87 -57.76 -16.53
CA PRO B 778 29.32 -59.10 -16.45
C PRO B 778 28.58 -59.36 -15.15
N GLY B 779 28.92 -58.63 -14.09
CA GLY B 779 28.25 -58.82 -12.81
C GLY B 779 26.80 -58.34 -12.86
N GLN B 780 26.49 -57.52 -13.85
CA GLN B 780 25.15 -56.94 -13.97
C GLN B 780 24.18 -57.94 -14.59
N THR B 781 24.70 -59.04 -15.11
CA THR B 781 23.82 -60.02 -15.74
C THR B 781 23.14 -60.85 -14.66
N ILE B 782 23.68 -60.81 -13.44
CA ILE B 782 23.07 -61.53 -12.33
C ILE B 782 22.20 -60.60 -11.52
N THR B 783 22.72 -59.41 -11.24
CA THR B 783 22.01 -58.46 -10.39
C THR B 783 20.67 -58.05 -10.97
N MET B 784 20.64 -57.79 -12.28
CA MET B 784 19.39 -57.35 -12.88
C MET B 784 18.35 -58.46 -12.98
N TYR B 785 18.80 -59.71 -13.10
CA TYR B 785 17.86 -60.81 -13.13
C TYR B 785 17.20 -60.99 -11.78
N GLU B 786 17.98 -60.78 -10.72
CA GLU B 786 17.44 -60.87 -9.37
C GLU B 786 16.41 -59.78 -9.12
N LYS B 787 16.67 -58.57 -9.63
CA LYS B 787 15.75 -57.45 -9.47
C LYS B 787 14.46 -57.67 -10.25
N CYS B 788 14.55 -58.44 -11.33
CA CYS B 788 13.37 -58.74 -12.15
C CYS B 788 12.61 -59.93 -11.60
N GLY B 789 13.14 -60.56 -10.55
CA GLY B 789 12.52 -61.74 -9.96
C GLY B 789 12.95 -63.02 -10.66
N MET B 790 13.86 -62.89 -11.64
CA MET B 790 14.30 -64.02 -12.42
C MET B 790 15.46 -64.74 -11.74
N ARG B 791 15.16 -65.42 -10.64
CA ARG B 791 16.18 -66.06 -9.84
C ARG B 791 16.88 -67.19 -10.59
N VAL B 792 16.12 -67.91 -11.42
CA VAL B 792 16.68 -69.01 -12.17
C VAL B 792 17.60 -68.51 -13.27
N LYS B 793 17.18 -67.44 -13.94
CA LYS B 793 17.99 -66.87 -15.02
C LYS B 793 19.27 -66.28 -14.47
N ALA B 794 19.21 -65.71 -13.27
CA ALA B 794 20.39 -65.16 -12.64
C ALA B 794 21.40 -66.28 -12.38
N ALA B 795 20.89 -67.46 -12.01
CA ALA B 795 21.74 -68.61 -11.80
C ALA B 795 22.33 -69.08 -13.13
N GLU B 796 21.58 -68.94 -14.21
CA GLU B 796 22.07 -69.32 -15.53
C GLU B 796 23.25 -68.44 -15.94
N GLU B 797 23.17 -67.16 -15.62
CA GLU B 797 24.27 -66.24 -15.90
C GLU B 797 25.47 -66.56 -15.03
N ALA B 798 25.23 -66.99 -13.80
CA ALA B 798 26.30 -67.39 -12.93
C ALA B 798 27.06 -68.56 -13.56
N VAL B 799 26.32 -69.44 -14.25
CA VAL B 799 26.93 -70.57 -14.95
C VAL B 799 27.77 -70.10 -16.13
N ARG B 800 27.21 -69.20 -16.93
CA ARG B 800 27.89 -68.72 -18.13
C ARG B 800 29.16 -67.98 -17.79
N LEU B 801 29.16 -67.27 -16.67
CA LEU B 801 30.34 -66.51 -16.23
C LEU B 801 31.18 -67.29 -15.22
N LYS B 802 30.79 -68.52 -14.92
CA LYS B 802 31.49 -69.35 -13.93
C LYS B 802 31.63 -68.65 -12.59
N ASP B 803 30.58 -67.96 -12.17
CA ASP B 803 30.58 -67.25 -10.89
C ASP B 803 29.87 -68.08 -9.83
N THR B 804 30.66 -68.75 -8.98
CA THR B 804 30.08 -69.67 -8.00
C THR B 804 29.52 -68.92 -6.79
N GLU B 805 30.03 -67.71 -6.55
CA GLU B 805 29.52 -66.91 -5.45
C GLU B 805 28.14 -66.36 -5.79
N ALA B 806 27.98 -65.93 -7.04
CA ALA B 806 26.69 -65.40 -7.48
C ALA B 806 25.64 -66.49 -7.46
N TRP B 807 26.05 -67.70 -7.85
CA TRP B 807 25.14 -68.83 -7.83
C TRP B 807 24.66 -69.12 -6.42
N ASN B 808 25.59 -69.08 -5.46
CA ASN B 808 25.25 -69.39 -4.08
C ASN B 808 24.27 -68.38 -3.52
N ARG B 809 24.36 -67.13 -3.97
CA ARG B 809 23.43 -66.10 -3.51
C ARG B 809 22.01 -66.41 -3.98
N LEU B 810 21.89 -66.99 -5.17
CA LEU B 810 20.58 -67.36 -5.69
C LEU B 810 20.01 -68.55 -4.93
N LEU B 811 20.89 -69.43 -4.49
CA LEU B 811 20.46 -70.56 -3.67
C LEU B 811 19.95 -70.09 -2.32
N GLU B 812 20.62 -69.08 -1.75
CA GLU B 812 20.18 -68.52 -0.49
C GLU B 812 18.82 -67.87 -0.64
N ALA B 813 18.60 -67.21 -1.78
CA ALA B 813 17.32 -66.57 -2.05
C ALA B 813 16.21 -67.61 -2.18
N ALA B 814 16.54 -68.77 -2.75
CA ALA B 814 15.58 -69.86 -2.89
C ALA B 814 15.21 -70.41 -1.51
N GLY B 815 16.16 -70.37 -0.59
CA GLY B 815 15.93 -70.81 0.78
C GLY B 815 15.56 -72.28 0.84
N ARG B 816 14.45 -72.58 1.50
CA ARG B 816 14.00 -73.96 1.67
C ARG B 816 12.93 -74.33 0.65
N ASN B 817 12.66 -73.43 -0.29
CA ASN B 817 11.64 -73.69 -1.30
C ASN B 817 12.24 -74.45 -2.48
N THR B 818 11.92 -75.73 -2.57
CA THR B 818 12.50 -76.59 -3.58
C THR B 818 11.93 -76.30 -4.95
N ALA B 819 10.82 -75.56 -4.99
CA ALA B 819 10.22 -75.20 -6.27
C ALA B 819 11.20 -74.38 -7.08
N GLU B 820 12.04 -73.60 -6.40
CA GLU B 820 13.08 -72.83 -7.06
C GLU B 820 14.44 -73.51 -6.88
N GLY B 821 14.60 -74.19 -5.75
CA GLY B 821 15.88 -74.79 -5.39
C GLY B 821 16.32 -75.86 -6.39
N ARG B 822 15.36 -76.58 -6.97
CA ARG B 822 15.69 -77.62 -7.92
C ARG B 822 16.35 -77.04 -9.17
N GLU B 823 15.87 -75.87 -9.60
CA GLU B 823 16.43 -75.22 -10.79
C GLU B 823 17.81 -74.65 -10.49
N ILE B 824 17.99 -74.15 -9.27
CA ILE B 824 19.26 -73.58 -8.89
C ILE B 824 20.31 -74.69 -8.78
N GLU B 825 19.92 -75.84 -8.23
CA GLU B 825 20.83 -76.97 -8.13
C GLU B 825 21.17 -77.53 -9.52
N ARG B 826 20.19 -77.55 -10.41
CA ARG B 826 20.40 -78.04 -11.77
C ARG B 826 21.44 -77.20 -12.49
N LEU B 827 21.37 -75.88 -12.30
CA LEU B 827 22.32 -74.97 -12.91
C LEU B 827 23.64 -74.94 -12.14
N GLY B 828 23.57 -75.21 -10.84
CA GLY B 828 24.76 -75.23 -10.00
C GLY B 828 25.73 -76.31 -10.45
N ALA B 829 25.19 -77.38 -11.01
CA ALA B 829 26.01 -78.49 -11.47
C ALA B 829 26.98 -78.04 -12.54
N THR B 830 26.68 -76.94 -13.22
CA THR B 830 27.54 -76.44 -14.28
C THR B 830 28.32 -75.18 -13.89
N VAL B 831 28.22 -74.75 -12.63
CA VAL B 831 28.96 -73.56 -12.20
C VAL B 831 30.16 -73.92 -11.32
N PHE B 832 29.97 -74.86 -10.39
CA PHE B 832 31.03 -75.20 -9.46
C PHE B 832 31.67 -76.56 -9.76
N LYS B 833 31.24 -77.21 -10.82
CA LYS B 833 31.76 -78.52 -11.17
C LYS B 833 33.05 -78.47 -11.99
N LYS B 834 33.18 -77.43 -12.83
CA LYS B 834 34.32 -77.26 -13.73
C LYS B 834 34.16 -75.96 -14.52
N MET C 1 -65.10 -54.77 47.94
CA MET C 1 -65.11 -53.79 46.85
C MET C 1 -64.03 -52.71 47.04
N ALA C 2 -64.27 -51.76 47.96
CA ALA C 2 -63.37 -50.62 48.17
C ALA C 2 -61.98 -51.08 48.61
N LEU C 3 -61.92 -52.17 49.37
CA LEU C 3 -60.64 -52.68 49.83
C LEU C 3 -59.94 -53.44 48.72
N ASP C 4 -60.71 -53.98 47.79
CA ASP C 4 -60.16 -54.76 46.69
C ASP C 4 -59.64 -53.83 45.61
N LEU C 5 -60.30 -52.68 45.47
CA LEU C 5 -59.87 -51.68 44.49
C LEU C 5 -58.54 -51.08 44.91
N SER C 6 -58.36 -50.85 46.20
CA SER C 6 -57.11 -50.29 46.71
C SER C 6 -55.97 -51.29 46.55
N SER C 7 -56.24 -52.56 46.82
CA SER C 7 -55.22 -53.59 46.67
C SER C 7 -54.87 -53.82 45.21
N GLY C 8 -55.88 -53.73 44.34
CA GLY C 8 -55.65 -53.89 42.91
C GLY C 8 -54.78 -52.77 42.36
N PHE C 9 -54.95 -51.57 42.91
CA PHE C 9 -54.16 -50.43 42.50
C PHE C 9 -52.71 -50.59 42.96
N ALA C 10 -52.53 -51.01 44.20
CA ALA C 10 -51.19 -51.21 44.74
C ALA C 10 -50.46 -52.32 43.98
N ALA C 11 -51.21 -53.36 43.60
CA ALA C 11 -50.62 -54.46 42.85
C ALA C 11 -50.19 -54.00 41.46
N ALA C 12 -51.00 -53.14 40.85
CA ALA C 12 -50.70 -52.63 39.52
C ALA C 12 -49.45 -51.77 39.54
N ASP C 13 -49.25 -51.05 40.66
CA ASP C 13 -48.07 -50.22 40.81
C ASP C 13 -46.84 -51.09 41.01
N ALA C 14 -47.00 -52.18 41.77
CA ALA C 14 -45.91 -53.12 41.98
C ALA C 14 -45.52 -53.77 40.65
N ILE C 15 -46.50 -54.04 39.80
CA ILE C 15 -46.22 -54.65 38.52
C ILE C 15 -45.43 -53.71 37.63
N ALA C 16 -45.81 -52.43 37.61
CA ALA C 16 -45.09 -51.46 36.78
C ALA C 16 -43.65 -51.35 37.22
N ASN C 17 -43.41 -51.47 38.53
CA ASN C 17 -42.05 -51.38 39.06
C ASN C 17 -41.26 -52.66 38.79
N LEU C 18 -41.97 -53.80 38.74
CA LEU C 18 -41.32 -55.06 38.43
C LEU C 18 -40.94 -55.13 36.96
N GLN C 19 -41.75 -54.53 36.10
CA GLN C 19 -41.48 -54.57 34.68
C GLN C 19 -40.18 -53.84 34.34
N LEU C 20 -39.96 -52.70 34.97
CA LEU C 20 -38.74 -51.93 34.72
C LEU C 20 -37.56 -52.51 35.49
N ALA C 21 -37.82 -53.12 36.64
CA ALA C 21 -36.76 -53.71 37.44
C ALA C 21 -36.19 -54.96 36.76
N ASP C 22 -37.06 -55.73 36.10
CA ASP C 22 -36.65 -56.96 35.45
C ASP C 22 -36.08 -56.74 34.05
N ALA C 23 -36.58 -55.72 33.36
CA ALA C 23 -36.17 -55.45 31.99
C ALA C 23 -35.90 -53.97 31.77
N THR C 24 -36.78 -53.32 30.99
CA THR C 24 -36.63 -51.90 30.68
C THR C 24 -37.93 -51.17 30.99
N LEU C 25 -37.87 -49.85 30.99
CA LEU C 25 -39.07 -49.07 31.28
C LEU C 25 -40.16 -49.38 30.26
N PRO C 26 -41.39 -49.61 30.72
CA PRO C 26 -42.58 -49.91 29.93
C PRO C 26 -43.08 -48.69 29.17
N ILE C 27 -42.58 -47.51 29.54
CA ILE C 27 -43.04 -46.23 29.01
C ILE C 27 -44.44 -45.90 29.53
N PHE C 28 -45.39 -46.78 29.24
CA PHE C 28 -46.75 -46.59 29.71
C PHE C 28 -47.09 -47.56 30.85
N GLU C 29 -47.53 -47.02 31.96
CA GLU C 29 -47.93 -47.83 33.10
C GLU C 29 -49.43 -48.04 33.10
N VAL C 30 -49.88 -49.23 33.46
CA VAL C 30 -51.31 -49.52 33.46
C VAL C 30 -51.82 -49.80 34.88
N LEU C 31 -52.75 -48.98 35.33
CA LEU C 31 -53.35 -49.15 36.65
C LEU C 31 -54.87 -49.03 36.57
N PRO C 32 -55.61 -49.73 37.43
CA PRO C 32 -57.05 -49.70 37.58
C PRO C 32 -57.51 -48.38 38.18
N VAL C 33 -58.74 -47.99 37.87
CA VAL C 33 -59.34 -46.82 38.50
C VAL C 33 -60.18 -47.26 39.69
N GLN C 34 -59.96 -46.65 40.85
CA GLN C 34 -60.61 -47.09 42.07
C GLN C 34 -62.02 -46.51 42.21
N LEU C 35 -62.95 -47.06 41.43
CA LEU C 35 -64.33 -46.59 41.44
C LEU C 35 -65.20 -47.47 42.33
N GLN C 36 -65.72 -46.88 43.40
CA GLN C 36 -66.53 -47.62 44.36
C GLN C 36 -68.00 -47.65 43.97
N PHE C 37 -68.32 -48.46 42.96
CA PHE C 37 -69.69 -48.57 42.48
C PHE C 37 -70.36 -49.86 42.88
N SER C 38 -71.43 -49.75 43.68
CA SER C 38 -72.22 -50.91 44.06
C SER C 38 -73.27 -51.19 42.99
N VAL C 39 -72.81 -51.51 41.78
CA VAL C 39 -73.70 -51.71 40.64
C VAL C 39 -73.65 -53.15 40.15
N ALA C 40 -74.81 -53.81 40.15
CA ALA C 40 -74.91 -55.20 39.73
C ALA C 40 -74.72 -55.35 38.22
N ALA C 41 -75.15 -54.34 37.47
CA ALA C 41 -75.05 -54.38 36.02
C ALA C 41 -73.59 -54.31 35.56
N ASP C 42 -73.26 -55.07 34.53
CA ASP C 42 -71.93 -55.05 33.95
C ASP C 42 -71.72 -53.83 33.05
N PHE C 43 -70.46 -53.44 32.87
CA PHE C 43 -70.13 -52.35 31.96
C PHE C 43 -70.19 -52.87 30.53
N VAL C 44 -70.78 -52.09 29.63
CA VAL C 44 -70.84 -52.51 28.23
C VAL C 44 -70.10 -51.55 27.29
N ALA C 45 -69.93 -50.31 27.73
CA ALA C 45 -69.29 -49.28 26.92
C ALA C 45 -68.86 -48.12 27.80
N GLY C 46 -68.04 -47.21 27.27
CA GLY C 46 -67.68 -46.02 28.05
C GLY C 46 -66.84 -45.02 27.27
N GLN C 47 -66.57 -43.89 27.92
CA GLN C 47 -65.81 -42.77 27.36
C GLN C 47 -64.93 -42.11 28.41
N ALA C 48 -63.91 -41.41 27.96
CA ALA C 48 -63.06 -40.64 28.85
C ALA C 48 -62.54 -39.40 28.15
N ALA C 49 -63.20 -38.27 28.37
CA ALA C 49 -62.83 -37.04 27.68
C ALA C 49 -63.32 -35.82 28.46
N ASN C 50 -62.68 -34.68 28.23
CA ASN C 50 -63.09 -33.44 28.87
C ASN C 50 -63.15 -33.59 30.38
N ASN C 51 -62.17 -34.29 30.94
CA ASN C 51 -62.06 -34.49 32.39
C ASN C 51 -63.21 -35.30 33.00
N VAL C 52 -63.95 -36.04 32.18
CA VAL C 52 -65.03 -36.88 32.71
C VAL C 52 -65.03 -38.31 32.16
N LEU C 53 -65.12 -39.28 33.08
CA LEU C 53 -65.24 -40.69 32.74
C LEU C 53 -66.71 -41.05 32.59
N VAL C 54 -67.03 -41.82 31.57
CA VAL C 54 -68.42 -42.24 31.36
C VAL C 54 -68.54 -43.74 31.31
N ILE C 55 -69.41 -44.29 32.15
CA ILE C 55 -69.64 -45.73 32.15
C ILE C 55 -71.05 -46.07 31.69
N ALA C 56 -71.14 -46.89 30.65
CA ALA C 56 -72.43 -47.36 30.17
C ALA C 56 -72.71 -48.74 30.74
N LEU C 57 -73.87 -48.90 31.34
CA LEU C 57 -74.27 -50.17 31.94
C LEU C 57 -75.24 -50.90 31.02
N SER C 58 -75.29 -52.22 31.17
CA SER C 58 -76.18 -53.04 30.36
C SER C 58 -77.64 -52.74 30.61
N ASN C 59 -77.94 -52.13 31.76
CA ASN C 59 -79.31 -51.78 32.10
C ASN C 59 -79.65 -50.33 31.74
N GLY C 60 -78.73 -49.67 31.04
CA GLY C 60 -78.96 -48.31 30.56
C GLY C 60 -78.46 -47.24 31.53
N ARG C 61 -78.03 -47.65 32.71
CA ARG C 61 -77.54 -46.69 33.72
C ARG C 61 -76.30 -45.97 33.23
N ILE C 62 -76.22 -44.67 33.51
CA ILE C 62 -75.06 -43.88 33.10
C ILE C 62 -74.32 -43.31 34.32
N LEU C 63 -73.02 -43.54 34.36
CA LEU C 63 -72.21 -43.00 35.46
C LEU C 63 -71.22 -41.97 34.93
N ARG C 64 -71.21 -40.79 35.54
CA ARG C 64 -70.26 -39.74 35.16
C ARG C 64 -69.29 -39.45 36.30
N ILE C 65 -68.01 -39.69 36.08
CA ILE C 65 -67.01 -39.53 37.13
C ILE C 65 -65.92 -38.55 36.71
N ASP C 66 -65.62 -37.58 37.56
CA ASP C 66 -64.54 -36.64 37.24
C ASP C 66 -63.20 -37.38 37.14
N LEU C 67 -62.41 -37.06 36.12
CA LEU C 67 -61.13 -37.74 35.90
C LEU C 67 -60.00 -37.19 36.76
N ASN C 68 -60.18 -36.01 37.31
CA ASN C 68 -59.15 -35.40 38.14
C ASN C 68 -59.51 -35.56 39.60
N LYS C 69 -60.80 -35.69 39.87
CA LYS C 69 -61.31 -35.86 41.23
C LYS C 69 -62.32 -37.02 41.29
N PRO C 70 -61.82 -38.27 41.29
CA PRO C 70 -62.54 -39.51 41.04
C PRO C 70 -63.60 -39.78 42.09
N GLU C 71 -63.48 -39.11 43.23
CA GLU C 71 -64.45 -39.24 44.30
C GLU C 71 -65.75 -38.52 43.96
N ASP C 72 -65.71 -37.66 42.96
CA ASP C 72 -66.88 -36.89 42.53
C ASP C 72 -67.67 -37.67 41.49
N ILE C 73 -68.73 -38.33 41.94
CA ILE C 73 -69.50 -39.24 41.10
C ILE C 73 -70.95 -38.81 40.93
N ASP C 74 -71.38 -38.71 39.67
CA ASP C 74 -72.78 -38.45 39.34
C ASP C 74 -73.45 -39.69 38.76
N ASP C 75 -74.28 -40.34 39.57
CA ASP C 75 -74.96 -41.56 39.16
C ASP C 75 -76.37 -41.26 38.63
N ILE C 76 -76.57 -41.42 37.32
CA ILE C 76 -77.83 -41.04 36.70
C ILE C 76 -78.80 -42.21 36.55
N ASP C 77 -79.99 -42.05 37.17
CA ASP C 77 -81.05 -43.05 37.14
C ASP C 77 -81.97 -42.86 35.93
N LEU C 78 -82.00 -43.87 35.05
CA LEU C 78 -82.85 -43.82 33.87
C LEU C 78 -84.24 -44.38 34.17
N PRO C 79 -85.23 -44.07 33.33
CA PRO C 79 -86.57 -44.64 33.32
C PRO C 79 -86.52 -46.14 33.11
N LYS C 80 -87.47 -46.86 33.69
CA LYS C 80 -87.50 -48.31 33.59
C LYS C 80 -87.68 -48.75 32.14
N LYS C 81 -86.90 -49.74 31.73
CA LYS C 81 -86.98 -50.30 30.39
C LYS C 81 -87.11 -51.83 30.45
N PRO C 82 -87.74 -52.43 29.44
CA PRO C 82 -87.85 -53.86 29.21
C PRO C 82 -86.51 -54.43 28.77
N SER C 83 -86.33 -55.74 28.94
CA SER C 83 -85.10 -56.39 28.50
C SER C 83 -84.98 -56.36 26.99
N GLU C 84 -86.10 -56.11 26.33
CA GLU C 84 -86.17 -56.02 24.88
C GLU C 84 -85.43 -54.78 24.36
N VAL C 85 -85.16 -53.84 25.26
CA VAL C 85 -84.51 -52.57 24.90
C VAL C 85 -83.06 -52.79 24.51
N GLY C 86 -82.49 -53.93 24.93
CA GLY C 86 -81.11 -54.25 24.60
C GLY C 86 -80.13 -53.51 25.51
N VAL C 87 -78.89 -53.37 25.04
CA VAL C 87 -77.83 -52.77 25.84
C VAL C 87 -77.12 -51.66 25.05
N ILE C 88 -76.40 -50.81 25.78
CA ILE C 88 -75.60 -49.77 25.16
C ILE C 88 -74.37 -50.40 24.50
N ARG C 89 -74.11 -50.05 23.25
CA ARG C 89 -72.98 -50.63 22.54
C ARG C 89 -71.90 -49.61 22.20
N ARG C 90 -72.31 -48.38 21.97
CA ARG C 90 -71.37 -47.34 21.55
C ARG C 90 -71.60 -46.07 22.35
N MET C 91 -70.51 -45.38 22.66
CA MET C 91 -70.58 -44.15 23.43
C MET C 91 -69.72 -43.06 22.81
N PHE C 92 -70.19 -41.82 22.89
CA PHE C 92 -69.40 -40.67 22.48
C PHE C 92 -69.50 -39.51 23.46
N LEU C 93 -68.34 -39.07 23.95
CA LEU C 93 -68.32 -37.91 24.82
C LEU C 93 -67.60 -36.76 24.12
N ASP C 94 -68.28 -35.63 24.02
CA ASP C 94 -67.71 -34.49 23.32
C ASP C 94 -66.38 -34.09 23.96
N PRO C 95 -65.28 -34.16 23.22
CA PRO C 95 -63.92 -34.04 23.68
C PRO C 95 -63.63 -32.66 24.28
N THR C 96 -64.50 -31.69 23.99
CA THR C 96 -64.34 -30.34 24.52
C THR C 96 -65.56 -29.87 25.30
N ALA C 97 -66.46 -30.79 25.62
CA ALA C 97 -67.69 -30.41 26.32
C ALA C 97 -68.22 -31.57 27.16
N SER C 98 -69.11 -31.24 28.10
CA SER C 98 -69.67 -32.25 29.01
C SER C 98 -70.78 -33.07 28.37
N HIS C 99 -71.27 -32.64 27.21
CA HIS C 99 -72.39 -33.31 26.57
C HIS C 99 -72.04 -34.73 26.14
N LEU C 100 -72.92 -35.67 26.48
CA LEU C 100 -72.71 -37.09 26.21
C LEU C 100 -73.77 -37.68 25.28
N ILE C 101 -73.33 -38.52 24.35
CA ILE C 101 -74.25 -39.25 23.48
C ILE C 101 -74.22 -40.75 23.75
N ILE C 102 -75.40 -41.32 23.97
CA ILE C 102 -75.55 -42.75 24.25
C ILE C 102 -76.22 -43.48 23.09
N CYS C 103 -75.58 -44.55 22.59
CA CYS C 103 -76.15 -45.30 21.47
C CYS C 103 -76.31 -46.79 21.80
N THR C 104 -77.45 -47.36 21.45
CA THR C 104 -77.75 -48.75 21.79
C THR C 104 -77.82 -49.65 20.56
N SER C 105 -77.91 -50.96 20.81
CA SER C 105 -77.90 -51.97 19.76
C SER C 105 -79.17 -51.91 18.90
N LEU C 106 -80.19 -51.24 19.40
CA LEU C 106 -81.46 -51.13 18.70
C LEU C 106 -81.48 -49.92 17.77
N GLY C 107 -80.41 -49.14 17.79
CA GLY C 107 -80.32 -47.95 16.95
C GLY C 107 -80.87 -46.72 17.65
N GLU C 108 -81.28 -46.88 18.90
CA GLU C 108 -81.81 -45.79 19.70
C GLU C 108 -80.69 -44.85 20.12
N ASN C 109 -80.99 -43.56 20.14
CA ASN C 109 -80.00 -42.55 20.49
C ASN C 109 -80.54 -41.58 21.54
N TYR C 110 -79.78 -41.42 22.61
CA TYR C 110 -80.17 -40.54 23.70
C TYR C 110 -79.09 -39.48 23.95
N TYR C 111 -79.53 -38.27 24.26
CA TYR C 111 -78.60 -37.21 24.64
C TYR C 111 -78.64 -36.97 26.14
N LEU C 112 -77.48 -36.78 26.73
CA LEU C 112 -77.36 -36.57 28.16
C LEU C 112 -76.49 -35.34 28.49
N HIS C 113 -76.94 -34.56 29.46
CA HIS C 113 -76.17 -33.42 29.94
C HIS C 113 -76.43 -33.21 31.43
N SER C 114 -75.40 -32.80 32.16
CA SER C 114 -75.46 -32.67 33.62
C SER C 114 -76.52 -31.68 34.08
N GLN C 115 -76.95 -30.79 33.19
CA GLN C 115 -77.98 -29.81 33.53
C GLN C 115 -79.30 -30.49 33.86
N SER C 116 -79.59 -31.60 33.17
CA SER C 116 -80.83 -32.35 33.39
C SER C 116 -80.55 -33.76 33.89
N ARG C 117 -79.29 -34.20 33.75
CA ARG C 117 -78.81 -35.51 34.21
C ARG C 117 -79.41 -36.68 33.44
N GLN C 118 -80.73 -36.83 33.52
CA GLN C 118 -81.41 -37.95 32.87
C GLN C 118 -81.47 -37.74 31.36
N PRO C 119 -81.05 -38.74 30.56
CA PRO C 119 -80.98 -38.72 29.11
C PRO C 119 -82.35 -38.73 28.47
N ARG C 120 -82.44 -38.19 27.26
CA ARG C 120 -83.69 -38.21 26.50
C ARG C 120 -83.45 -38.67 25.06
N PRO C 121 -84.39 -39.44 24.50
CA PRO C 121 -84.39 -39.97 23.15
C PRO C 121 -84.63 -38.88 22.12
N LEU C 122 -84.12 -39.08 20.91
CA LEU C 122 -84.38 -38.15 19.82
C LEU C 122 -85.55 -38.62 18.97
N ALA C 123 -86.62 -37.84 18.95
CA ALA C 123 -87.84 -38.22 18.25
C ALA C 123 -87.61 -38.35 16.75
N ARG C 124 -86.68 -37.56 16.22
CA ARG C 124 -86.41 -37.53 14.78
C ARG C 124 -85.75 -38.82 14.31
N LEU C 125 -85.19 -39.58 15.25
CA LEU C 125 -84.51 -40.83 14.90
C LEU C 125 -85.34 -42.06 15.19
N ARG C 126 -86.61 -41.88 15.56
CA ARG C 126 -87.44 -43.02 15.92
C ARG C 126 -87.60 -43.99 14.75
N GLY C 127 -87.65 -43.46 13.54
CA GLY C 127 -87.80 -44.29 12.34
C GLY C 127 -86.45 -44.56 11.65
N VAL C 128 -85.36 -44.13 12.28
CA VAL C 128 -84.05 -44.23 11.66
C VAL C 128 -83.04 -44.93 12.58
N VAL C 129 -82.29 -45.87 12.02
CA VAL C 129 -81.29 -46.57 12.81
C VAL C 129 -79.92 -45.92 12.69
N ILE C 130 -79.41 -45.40 13.81
CA ILE C 130 -78.09 -44.78 13.83
C ILE C 130 -77.20 -45.53 14.81
N GLU C 131 -76.05 -46.03 14.33
CA GLU C 131 -75.15 -46.77 15.21
C GLU C 131 -74.39 -45.86 16.16
N SER C 132 -74.00 -44.68 15.67
CA SER C 132 -73.27 -43.73 16.51
C SER C 132 -73.45 -42.29 16.04
N ILE C 133 -73.47 -41.37 17.00
CA ILE C 133 -73.57 -39.93 16.74
C ILE C 133 -72.48 -39.17 17.47
N ALA C 134 -71.95 -38.12 16.85
CA ALA C 134 -70.84 -37.38 17.43
C ALA C 134 -70.91 -35.89 17.10
N TRP C 135 -70.26 -35.08 17.93
CA TRP C 135 -70.14 -33.64 17.69
C TRP C 135 -68.73 -33.28 17.21
N SER C 136 -68.65 -32.27 16.35
CA SER C 136 -67.37 -31.81 15.84
C SER C 136 -66.76 -30.71 16.72
N PRO C 137 -65.54 -30.91 17.23
CA PRO C 137 -64.77 -30.01 18.06
C PRO C 137 -64.12 -28.91 17.22
N ALA C 138 -64.37 -28.96 15.91
CA ALA C 138 -63.80 -27.97 15.00
C ALA C 138 -64.46 -26.62 15.23
N LEU C 139 -65.62 -26.63 15.88
CA LEU C 139 -66.34 -25.41 16.22
C LEU C 139 -66.20 -25.15 17.72
N PRO C 140 -66.10 -23.89 18.13
CA PRO C 140 -65.91 -23.44 19.50
C PRO C 140 -67.12 -23.76 20.37
N THR C 141 -66.87 -24.13 21.61
CA THR C 141 -67.94 -24.45 22.56
C THR C 141 -68.48 -23.18 23.19
N GLN C 142 -69.03 -22.30 22.34
CA GLN C 142 -69.56 -21.03 22.78
C GLN C 142 -70.96 -20.78 22.22
N SER C 143 -71.12 -21.03 20.92
CA SER C 143 -72.39 -20.78 20.25
C SER C 143 -72.79 -21.94 19.35
N THR C 144 -72.41 -21.86 18.08
CA THR C 144 -72.80 -22.86 17.10
C THR C 144 -71.90 -24.08 17.14
N ARG C 145 -72.51 -25.26 17.11
CA ARG C 145 -71.80 -26.52 17.04
C ARG C 145 -72.27 -27.32 15.83
N GLU C 146 -71.40 -28.17 15.30
CA GLU C 146 -71.79 -28.99 14.15
C GLU C 146 -71.96 -30.45 14.57
N ILE C 147 -73.09 -31.03 14.18
CA ILE C 147 -73.40 -32.41 14.54
C ILE C 147 -73.18 -33.36 13.38
N LEU C 148 -72.64 -34.54 13.69
CA LEU C 148 -72.38 -35.58 12.71
C LEU C 148 -73.21 -36.83 13.02
N ILE C 149 -74.07 -37.24 12.08
CA ILE C 149 -74.90 -38.42 12.28
C ILE C 149 -74.34 -39.65 11.56
N GLY C 150 -73.88 -40.63 12.34
CA GLY C 150 -73.30 -41.88 11.83
C GLY C 150 -74.36 -42.94 11.54
N ALA C 151 -75.14 -42.73 10.48
CA ALA C 151 -76.26 -43.61 10.19
C ALA C 151 -75.81 -45.03 9.83
N ALA C 152 -76.64 -46.01 10.24
CA ALA C 152 -76.38 -47.42 9.97
C ALA C 152 -76.48 -47.75 8.49
N ASP C 153 -77.20 -46.89 7.75
CA ASP C 153 -77.42 -47.13 6.34
C ASP C 153 -76.36 -46.44 5.47
N GLY C 154 -75.36 -45.85 6.11
CA GLY C 154 -74.26 -45.21 5.39
C GLY C 154 -74.57 -43.76 5.02
N ASN C 155 -75.73 -43.26 5.44
CA ASN C 155 -76.10 -41.88 5.12
C ASN C 155 -75.60 -40.90 6.18
N ILE C 156 -74.64 -40.07 5.82
CA ILE C 156 -74.09 -39.12 6.77
C ILE C 156 -74.83 -37.79 6.69
N TYR C 157 -75.42 -37.41 7.81
CA TYR C 157 -76.15 -36.15 7.88
C TYR C 157 -75.41 -35.18 8.77
N GLU C 158 -75.50 -33.89 8.42
CA GLU C 158 -74.82 -32.85 9.19
C GLU C 158 -75.72 -31.65 9.40
N ALA C 159 -75.54 -30.96 10.53
CA ALA C 159 -76.29 -29.73 10.81
C ALA C 159 -75.51 -28.78 11.69
N TYR C 160 -75.73 -27.48 11.49
CA TYR C 160 -75.23 -26.46 12.39
C TYR C 160 -76.29 -26.08 13.41
N ILE C 161 -76.00 -26.34 14.68
CA ILE C 161 -76.98 -26.15 15.74
C ILE C 161 -76.46 -25.21 16.83
N GLU C 162 -77.27 -24.21 17.17
CA GLU C 162 -76.90 -23.28 18.24
C GLU C 162 -77.03 -23.95 19.61
N THR C 163 -75.99 -23.82 20.43
CA THR C 163 -75.97 -24.47 21.73
C THR C 163 -77.13 -24.02 22.62
N SER C 164 -77.87 -25.00 23.12
CA SER C 164 -78.98 -24.78 24.04
C SER C 164 -78.91 -25.77 25.19
N THR C 165 -77.71 -26.30 25.42
CA THR C 165 -77.45 -27.33 26.43
C THR C 165 -78.02 -28.67 26.01
N GLU C 166 -79.34 -28.73 25.85
CA GLU C 166 -80.01 -29.94 25.39
C GLU C 166 -80.30 -29.87 23.89
N PHE C 167 -79.65 -30.76 23.13
CA PHE C 167 -79.71 -30.70 21.68
C PHE C 167 -80.74 -31.64 21.08
N TYR C 168 -81.55 -32.27 21.93
CA TYR C 168 -82.58 -33.18 21.46
C TYR C 168 -83.89 -32.43 21.28
N ARG C 169 -83.87 -31.14 21.60
CA ARG C 169 -85.05 -30.29 21.53
C ARG C 169 -85.12 -29.53 20.21
N ARG C 170 -84.17 -29.81 19.32
CA ARG C 170 -84.11 -29.14 18.03
C ARG C 170 -84.80 -29.96 16.95
N GLU C 171 -85.65 -29.30 16.15
CA GLU C 171 -86.39 -30.00 15.11
C GLU C 171 -85.60 -30.09 13.80
N ASP C 172 -84.52 -30.87 13.82
CA ASP C 172 -83.73 -31.14 12.63
C ASP C 172 -83.33 -29.86 11.90
N LYS C 173 -82.91 -28.85 12.64
CA LYS C 173 -82.62 -27.57 12.04
C LYS C 173 -81.37 -27.66 11.16
N TYR C 174 -81.54 -27.29 9.89
CA TYR C 174 -80.46 -27.30 8.91
C TYR C 174 -79.77 -28.66 8.80
N LEU C 175 -80.57 -29.73 8.91
CA LEU C 175 -80.05 -31.09 8.82
C LEU C 175 -80.25 -31.67 7.42
N LYS C 176 -79.15 -31.98 6.75
CA LYS C 176 -79.22 -32.52 5.39
C LYS C 176 -78.13 -33.56 5.14
N LEU C 177 -78.37 -34.44 4.17
CA LEU C 177 -77.38 -35.44 3.78
C LEU C 177 -76.17 -34.78 3.13
N VAL C 178 -74.98 -35.18 3.56
CA VAL C 178 -73.77 -34.64 2.97
C VAL C 178 -72.99 -35.71 2.19
N GLN C 179 -72.85 -36.90 2.78
CA GLN C 179 -72.14 -37.98 2.10
C GLN C 179 -72.87 -39.30 2.25
N LYS C 180 -72.69 -40.20 1.28
CA LYS C 180 -73.32 -41.52 1.33
C LYS C 180 -72.28 -42.63 1.22
N LEU C 181 -72.42 -43.66 2.08
CA LEU C 181 -71.51 -44.78 2.14
C LEU C 181 -72.23 -46.13 2.03
N PRO C 182 -72.55 -46.57 0.81
CA PRO C 182 -73.42 -47.69 0.48
C PRO C 182 -72.77 -49.02 0.81
N ASP C 183 -71.48 -48.99 1.15
CA ASP C 183 -70.68 -50.19 1.35
C ASP C 183 -70.89 -50.82 2.73
N GLY C 184 -71.35 -50.04 3.70
CA GLY C 184 -71.57 -50.59 5.03
C GLY C 184 -71.97 -49.53 6.06
N PRO C 185 -72.40 -49.97 7.24
CA PRO C 185 -72.85 -49.18 8.38
C PRO C 185 -71.71 -48.40 9.01
N ILE C 186 -72.03 -47.23 9.53
CA ILE C 186 -71.06 -46.36 10.18
C ILE C 186 -70.90 -46.69 11.66
N THR C 187 -69.65 -46.85 12.10
CA THR C 187 -69.37 -47.16 13.50
C THR C 187 -69.32 -45.86 14.31
N GLY C 188 -69.05 -44.76 13.61
CA GLY C 188 -69.15 -43.43 14.19
C GLY C 188 -68.37 -42.40 13.38
N LEU C 189 -68.59 -41.13 13.69
CA LEU C 189 -67.99 -40.01 12.97
C LEU C 189 -67.16 -39.15 13.92
N TRP C 190 -65.99 -38.72 13.45
CA TRP C 190 -65.12 -37.86 14.25
C TRP C 190 -64.53 -36.75 13.39
N ALA C 191 -64.21 -35.62 14.01
CA ALA C 191 -63.81 -34.44 13.27
C ALA C 191 -62.85 -33.55 14.05
N ASP C 192 -62.18 -32.67 13.32
CA ASP C 192 -61.32 -31.65 13.90
C ASP C 192 -61.12 -30.53 12.89
N SER C 193 -60.39 -29.49 13.27
CA SER C 193 -60.15 -28.35 12.39
C SER C 193 -58.96 -28.59 11.47
N LEU C 194 -58.83 -27.74 10.45
CA LEU C 194 -57.69 -27.76 9.54
C LEU C 194 -56.86 -26.48 9.71
N PRO C 195 -55.78 -26.54 10.49
CA PRO C 195 -54.94 -25.42 10.93
C PRO C 195 -54.47 -24.51 9.81
N GLY C 196 -54.44 -25.00 8.58
CA GLY C 196 -53.95 -24.19 7.47
C GLY C 196 -54.99 -23.17 6.99
N HIS C 197 -56.20 -23.23 7.55
CA HIS C 197 -57.25 -22.31 7.17
C HIS C 197 -58.18 -22.05 8.36
N LYS C 198 -58.61 -20.80 8.51
CA LYS C 198 -59.36 -20.38 9.69
C LYS C 198 -60.81 -20.86 9.68
N ASP C 199 -61.35 -21.14 8.49
CA ASP C 199 -62.77 -21.49 8.38
C ASP C 199 -62.98 -22.89 7.82
N THR C 200 -61.97 -23.76 7.92
CA THR C 200 -62.07 -25.10 7.33
C THR C 200 -61.88 -26.22 8.35
N ARG C 201 -62.60 -27.32 8.15
CA ARG C 201 -62.49 -28.51 9.01
C ARG C 201 -62.39 -29.80 8.21
N ARG C 202 -62.05 -30.89 8.90
CA ARG C 202 -61.95 -32.21 8.29
C ARG C 202 -62.79 -33.23 9.07
N VAL C 203 -63.52 -34.08 8.34
CA VAL C 203 -64.32 -35.11 8.99
C VAL C 203 -64.07 -36.49 8.38
N LEU C 204 -63.92 -37.49 9.24
CA LEU C 204 -63.71 -38.85 8.79
C LEU C 204 -64.89 -39.73 9.20
N VAL C 205 -65.19 -40.74 8.39
CA VAL C 205 -66.23 -41.70 8.74
C VAL C 205 -65.71 -43.12 8.76
N ALA C 206 -65.97 -43.82 9.87
CA ALA C 206 -65.60 -45.21 9.98
C ALA C 206 -66.80 -46.11 9.77
N THR C 207 -66.63 -47.11 8.92
CA THR C 207 -67.66 -48.12 8.69
C THR C 207 -67.04 -49.49 8.87
N SER C 208 -67.88 -50.52 8.91
CA SER C 208 -67.39 -51.89 9.06
C SER C 208 -66.63 -52.36 7.83
N SER C 209 -66.91 -51.74 6.68
CA SER C 209 -66.27 -52.16 5.43
C SER C 209 -65.42 -51.08 4.75
N ARG C 210 -65.58 -49.83 5.16
CA ARG C 210 -64.89 -48.72 4.47
C ARG C 210 -64.48 -47.56 5.37
N LEU C 211 -63.54 -46.77 4.88
CA LEU C 211 -63.20 -45.47 5.46
C LEU C 211 -63.32 -44.38 4.40
N PHE C 212 -64.03 -43.31 4.72
CA PHE C 212 -64.14 -42.17 3.81
C PHE C 212 -63.67 -40.88 4.49
N HIS C 213 -63.12 -39.96 3.71
CA HIS C 213 -62.73 -38.65 4.23
C HIS C 213 -63.26 -37.50 3.37
N TRP C 214 -63.82 -36.48 4.02
CA TRP C 214 -64.28 -35.29 3.32
C TRP C 214 -64.09 -34.05 4.18
N VAL C 215 -64.28 -32.87 3.57
CA VAL C 215 -64.02 -31.60 4.25
C VAL C 215 -65.25 -30.71 4.29
N GLY C 216 -65.16 -29.62 5.05
CA GLY C 216 -66.25 -28.65 5.15
C GLY C 216 -65.77 -27.37 5.82
N LYS C 217 -66.73 -26.51 6.20
CA LYS C 217 -66.39 -25.20 6.75
C LYS C 217 -66.84 -25.05 8.19
N ILE C 218 -66.16 -24.16 8.92
CA ILE C 218 -66.55 -23.84 10.29
C ILE C 218 -66.80 -22.35 10.49
N GLY C 219 -66.94 -21.62 9.38
CA GLY C 219 -67.17 -20.19 9.44
C GLY C 219 -68.58 -19.89 9.96
N ARG C 220 -68.77 -18.69 10.50
CA ARG C 220 -70.07 -18.30 11.06
C ARG C 220 -71.08 -18.03 9.96
N GLY C 221 -70.58 -17.85 8.74
CA GLY C 221 -71.44 -17.58 7.60
C GLY C 221 -72.15 -18.84 7.15
N HIS C 222 -71.78 -19.98 7.73
CA HIS C 222 -72.36 -21.26 7.37
C HIS C 222 -73.24 -21.83 8.47
N ASP C 223 -73.57 -21.00 9.46
CA ASP C 223 -74.38 -21.46 10.58
C ASP C 223 -75.83 -21.73 10.19
N SER C 224 -76.33 -21.01 9.19
CA SER C 224 -77.72 -21.17 8.76
C SER C 224 -77.81 -21.46 7.27
N GLY C 225 -78.18 -20.44 6.49
CA GLY C 225 -78.38 -20.61 5.07
C GLY C 225 -77.12 -21.09 4.36
N GLY C 226 -75.97 -20.62 4.82
CA GLY C 226 -74.70 -21.01 4.25
C GLY C 226 -74.36 -22.47 4.58
N GLY C 227 -75.02 -22.99 5.62
CA GLY C 227 -74.83 -24.38 6.02
C GLY C 227 -75.36 -25.30 4.94
N ALA C 228 -76.61 -25.04 4.54
CA ALA C 228 -77.23 -25.82 3.48
C ALA C 228 -76.42 -25.71 2.20
N SER C 229 -75.90 -24.52 1.92
CA SER C 229 -75.14 -24.28 0.69
C SER C 229 -73.87 -25.12 0.62
N ILE C 230 -73.07 -25.12 1.69
CA ILE C 230 -71.84 -25.89 1.69
C ILE C 230 -72.12 -27.39 1.67
N TYR C 231 -73.18 -27.82 2.34
CA TYR C 231 -73.52 -29.23 2.36
C TYR C 231 -73.85 -29.73 0.95
N ASP C 232 -74.60 -28.93 0.19
CA ASP C 232 -74.92 -29.28 -1.19
C ASP C 232 -73.66 -29.43 -2.05
N LYS C 233 -72.73 -28.49 -1.91
CA LYS C 233 -71.51 -28.52 -2.71
C LYS C 233 -70.69 -29.78 -2.43
N LEU C 234 -70.59 -30.12 -1.14
CA LEU C 234 -69.81 -31.29 -0.73
C LEU C 234 -70.44 -32.59 -1.22
N PHE C 235 -71.77 -32.65 -1.18
CA PHE C 235 -72.51 -33.80 -1.64
C PHE C 235 -72.36 -34.00 -3.14
N GLU C 236 -72.56 -32.93 -3.90
CA GLU C 236 -72.53 -32.99 -5.35
C GLU C 236 -71.13 -33.30 -5.89
N ALA C 237 -70.10 -32.80 -5.23
CA ALA C 237 -68.73 -33.00 -5.67
C ALA C 237 -68.40 -34.49 -5.75
N GLU C 238 -68.87 -35.27 -4.78
CA GLU C 238 -68.65 -36.71 -4.73
C GLU C 238 -67.17 -37.10 -4.93
N GLN C 239 -66.27 -36.48 -4.19
CA GLN C 239 -64.85 -36.82 -4.30
C GLN C 239 -64.14 -37.00 -2.96
N PRO C 240 -64.60 -37.92 -2.10
CA PRO C 240 -63.97 -38.38 -0.88
C PRO C 240 -62.83 -39.37 -1.19
N THR C 241 -61.90 -39.51 -0.26
CA THR C 241 -60.93 -40.59 -0.33
C THR C 241 -61.54 -41.85 0.24
N VAL C 242 -61.34 -42.99 -0.43
CA VAL C 242 -61.95 -44.23 0.00
C VAL C 242 -60.94 -45.34 0.26
N HIS C 243 -61.07 -45.99 1.42
CA HIS C 243 -60.26 -47.14 1.78
C HIS C 243 -61.14 -48.28 2.27
N ALA C 244 -60.67 -49.51 2.14
CA ALA C 244 -61.50 -50.66 2.50
C ALA C 244 -60.87 -51.53 3.58
N LEU C 245 -61.73 -52.15 4.38
CA LEU C 245 -61.33 -53.14 5.36
C LEU C 245 -62.05 -54.46 5.08
N SER C 246 -61.30 -55.55 5.00
CA SER C 246 -61.88 -56.85 4.70
C SER C 246 -62.83 -57.32 5.79
N GLY C 247 -63.93 -57.95 5.36
CA GLY C 247 -64.92 -58.52 6.29
C GLY C 247 -64.48 -59.90 6.74
N ALA C 248 -63.30 -59.97 7.34
CA ALA C 248 -62.68 -61.24 7.68
C ALA C 248 -63.20 -61.76 9.02
N SER C 249 -64.45 -62.23 8.99
CA SER C 249 -65.08 -62.84 10.16
C SER C 249 -64.98 -61.95 11.40
N ALA C 250 -65.33 -60.67 11.23
CA ALA C 250 -65.23 -59.72 12.34
C ALA C 250 -66.36 -58.70 12.26
N ALA C 251 -66.75 -58.16 13.41
CA ALA C 251 -67.74 -57.09 13.47
C ALA C 251 -67.16 -55.83 12.84
N ALA C 252 -65.83 -55.74 12.85
CA ALA C 252 -65.11 -54.63 12.24
C ALA C 252 -65.56 -53.28 12.77
N MET C 253 -65.81 -53.22 14.07
CA MET C 253 -66.13 -51.95 14.72
C MET C 253 -64.85 -51.18 14.95
N SER C 254 -64.88 -49.87 14.73
CA SER C 254 -63.66 -49.07 14.78
C SER C 254 -63.92 -47.63 15.22
N MET C 255 -62.84 -46.93 15.58
CA MET C 255 -62.93 -45.54 16.01
C MET C 255 -61.89 -44.65 15.34
N LEU C 256 -62.27 -43.39 15.14
CA LEU C 256 -61.40 -42.41 14.52
C LEU C 256 -60.77 -41.48 15.55
N VAL C 257 -59.47 -41.27 15.43
CA VAL C 257 -58.70 -40.51 16.40
C VAL C 257 -57.80 -39.46 15.77
N VAL C 258 -57.33 -38.52 16.59
CA VAL C 258 -56.51 -37.40 16.16
C VAL C 258 -55.17 -37.35 16.89
N SER C 259 -54.12 -36.97 16.16
CA SER C 259 -52.75 -36.88 16.71
C SER C 259 -52.19 -35.45 16.60
N PRO C 260 -52.41 -34.62 17.63
CA PRO C 260 -52.15 -33.19 17.68
C PRO C 260 -50.67 -32.87 17.92
N ASP C 261 -49.81 -33.30 17.00
CA ASP C 261 -48.37 -33.04 17.13
C ASP C 261 -47.66 -33.07 15.77
N ALA C 262 -46.90 -32.01 15.48
CA ALA C 262 -46.17 -31.93 14.22
C ALA C 262 -44.67 -31.69 14.47
N GLU C 263 -44.20 -32.02 15.67
CA GLU C 263 -42.80 -31.82 16.02
C GLU C 263 -41.90 -32.97 15.55
N GLN C 264 -42.42 -34.19 15.59
CA GLN C 264 -41.61 -35.36 15.30
C GLN C 264 -41.57 -35.64 13.79
N PRO C 265 -40.52 -36.33 13.32
CA PRO C 265 -40.37 -36.89 11.98
C PRO C 265 -41.51 -37.81 11.60
N SER C 266 -41.87 -37.79 10.33
CA SER C 266 -42.90 -38.65 9.78
C SER C 266 -42.60 -38.91 8.31
N PRO C 267 -41.87 -39.99 8.01
CA PRO C 267 -41.08 -40.24 6.80
C PRO C 267 -41.94 -40.54 5.57
N ARG C 268 -42.90 -39.65 5.30
CA ARG C 268 -43.72 -39.72 4.10
C ARG C 268 -43.87 -38.31 3.56
N PHE C 269 -43.74 -37.33 4.46
CA PHE C 269 -43.90 -35.93 4.12
C PHE C 269 -43.06 -35.03 5.00
N ARG C 270 -41.78 -35.37 5.15
CA ARG C 270 -40.88 -34.58 5.99
C ARG C 270 -40.44 -33.31 5.30
N GLU C 271 -41.39 -32.39 5.14
CA GLU C 271 -41.15 -31.11 4.50
C GLU C 271 -41.11 -29.99 5.53
N ASP C 272 -40.84 -28.78 5.08
CA ASP C 272 -40.79 -27.63 5.99
C ASP C 272 -42.13 -27.42 6.69
N GLU C 273 -43.21 -27.68 5.96
CA GLU C 273 -44.55 -27.54 6.52
C GLU C 273 -45.14 -28.89 6.90
N VAL C 274 -45.29 -29.11 8.19
CA VAL C 274 -45.82 -30.38 8.71
C VAL C 274 -47.15 -30.14 9.42
N PRO C 275 -48.23 -30.76 8.95
CA PRO C 275 -49.61 -30.56 9.40
C PRO C 275 -49.81 -31.05 10.82
N GLU C 276 -50.68 -30.36 11.55
CA GLU C 276 -51.03 -30.73 12.92
C GLU C 276 -52.38 -31.42 12.98
N ARG C 277 -52.63 -32.14 14.06
CA ARG C 277 -53.90 -32.80 14.29
C ARG C 277 -54.24 -33.76 13.16
N ALA C 278 -53.26 -34.59 12.79
CA ALA C 278 -53.44 -35.61 11.77
C ALA C 278 -54.42 -36.66 12.24
N PHE C 279 -55.15 -37.26 11.32
CA PHE C 279 -56.13 -38.28 11.68
C PHE C 279 -55.60 -39.69 11.44
N ALA C 280 -56.17 -40.64 12.17
CA ALA C 280 -55.85 -42.05 11.97
C ALA C 280 -57.10 -42.90 12.17
N TRP C 281 -57.21 -43.97 11.39
CA TRP C 281 -58.31 -44.91 11.55
C TRP C 281 -57.84 -46.19 12.20
N LEU C 282 -58.33 -46.46 13.40
CA LEU C 282 -57.90 -47.64 14.13
C LEU C 282 -59.04 -48.65 14.18
N SER C 283 -58.83 -49.81 13.55
CA SER C 283 -59.90 -50.76 13.34
C SER C 283 -59.46 -52.19 13.59
N SER C 284 -60.39 -53.13 13.38
CA SER C 284 -60.07 -54.54 13.45
C SER C 284 -59.15 -54.91 12.29
N HIS C 285 -58.34 -55.93 12.49
CA HIS C 285 -57.41 -56.38 11.45
C HIS C 285 -56.46 -55.28 10.99
N GLY C 286 -55.98 -54.48 11.92
CA GLY C 286 -54.95 -53.49 11.62
C GLY C 286 -55.43 -52.05 11.64
N VAL C 287 -54.49 -51.15 11.35
CA VAL C 287 -54.75 -49.71 11.40
C VAL C 287 -54.35 -49.03 10.09
N TYR C 288 -54.96 -47.88 9.80
CA TYR C 288 -54.66 -47.16 8.56
C TYR C 288 -54.03 -45.79 8.83
N HIS C 289 -52.92 -45.53 8.14
CA HIS C 289 -52.22 -44.26 8.26
C HIS C 289 -51.76 -43.75 6.91
N GLY C 290 -51.76 -42.43 6.73
CA GLY C 290 -51.38 -41.84 5.45
C GLY C 290 -51.07 -40.35 5.58
N LYS C 291 -51.00 -39.67 4.44
CA LYS C 291 -50.62 -38.26 4.40
C LYS C 291 -51.84 -37.34 4.47
N LEU C 292 -51.76 -36.30 5.29
CA LEU C 292 -52.84 -35.33 5.41
C LEU C 292 -52.37 -33.91 5.14
N LEU C 293 -51.49 -33.76 4.15
CA LEU C 293 -50.98 -32.45 3.79
C LEU C 293 -51.93 -31.72 2.85
N LEU C 294 -53.09 -31.35 3.38
CA LEU C 294 -54.04 -30.55 2.63
C LEU C 294 -53.73 -29.07 2.84
N LYS C 295 -52.83 -28.80 3.77
CA LYS C 295 -52.46 -27.44 4.12
C LYS C 295 -53.66 -26.66 4.60
N GLY C 296 -54.21 -25.80 3.74
CA GLY C 296 -55.34 -24.97 4.14
C GLY C 296 -56.48 -25.02 3.12
N PRO C 297 -56.55 -24.03 2.23
CA PRO C 297 -57.54 -23.86 1.19
C PRO C 297 -57.40 -24.90 0.10
N LEU C 298 -58.51 -25.27 -0.52
CA LEU C 298 -58.51 -26.21 -1.63
C LEU C 298 -59.81 -26.13 -2.42
N SER C 299 -59.81 -26.71 -3.61
CA SER C 299 -61.02 -26.76 -4.43
C SER C 299 -61.85 -27.98 -4.08
N GLU C 300 -63.14 -27.76 -3.82
CA GLU C 300 -64.07 -28.85 -3.48
C GLU C 300 -63.56 -29.68 -2.30
N LEU C 301 -63.16 -30.92 -2.57
CA LEU C 301 -62.72 -31.83 -1.52
C LEU C 301 -61.24 -32.16 -1.61
N GLY C 302 -60.61 -32.34 -0.45
CA GLY C 302 -59.21 -32.73 -0.39
C GLY C 302 -59.05 -34.21 -0.71
N ALA C 303 -59.31 -34.57 -1.95
CA ALA C 303 -59.35 -35.96 -2.39
C ALA C 303 -57.98 -36.63 -2.32
N LYS C 304 -56.93 -35.83 -2.12
CA LYS C 304 -55.58 -36.38 -2.04
C LYS C 304 -55.24 -36.86 -0.63
N VAL C 305 -56.13 -36.59 0.32
CA VAL C 305 -55.90 -37.00 1.71
C VAL C 305 -55.91 -38.51 1.82
N PHE C 306 -54.95 -39.06 2.55
CA PHE C 306 -54.84 -40.52 2.72
C PHE C 306 -54.72 -41.25 1.38
N ALA C 307 -54.38 -40.53 0.31
CA ALA C 307 -54.30 -41.13 -1.01
C ALA C 307 -53.31 -42.28 -1.04
N GLU C 308 -52.26 -42.18 -0.24
CA GLU C 308 -51.22 -43.20 -0.20
C GLU C 308 -51.21 -43.95 1.12
N ALA C 309 -52.35 -43.95 1.82
CA ALA C 309 -52.45 -44.60 3.12
C ALA C 309 -52.25 -46.11 3.01
N LYS C 310 -51.61 -46.68 4.02
CA LYS C 310 -51.35 -48.11 4.06
C LYS C 310 -51.94 -48.78 5.29
N LEU C 311 -52.23 -50.07 5.19
CA LEU C 311 -52.74 -50.84 6.31
C LEU C 311 -51.65 -51.66 7.00
N LEU C 312 -51.61 -51.57 8.33
CA LEU C 312 -50.72 -52.40 9.14
C LEU C 312 -51.56 -53.47 9.85
N PRO C 313 -51.50 -54.72 9.39
CA PRO C 313 -52.43 -55.81 9.67
C PRO C 313 -52.25 -56.46 11.04
N ARG C 314 -52.40 -55.65 12.09
CA ARG C 314 -52.46 -56.13 13.47
C ARG C 314 -51.34 -57.10 13.83
N ALA C 315 -50.11 -56.75 13.53
CA ALA C 315 -49.01 -57.63 13.89
C ALA C 315 -48.96 -57.81 15.40
N GLN C 316 -48.81 -59.05 15.84
CA GLN C 316 -48.69 -59.38 17.27
C GLN C 316 -49.79 -58.76 18.12
N LEU C 317 -51.04 -58.85 17.64
CA LEU C 317 -52.17 -58.30 18.39
C LEU C 317 -52.95 -59.37 19.14
N ALA C 318 -52.94 -60.60 18.59
CA ALA C 318 -53.71 -61.71 19.16
C ALA C 318 -53.08 -62.19 20.47
N ASN C 319 -53.92 -62.68 21.38
CA ASN C 319 -53.44 -63.24 22.64
C ASN C 319 -53.45 -64.77 22.59
N PRO C 320 -52.30 -65.42 22.45
CA PRO C 320 -52.16 -66.85 22.20
C PRO C 320 -52.34 -67.70 23.45
N GLU C 321 -53.51 -67.60 24.06
CA GLU C 321 -53.85 -68.42 25.23
C GLU C 321 -54.65 -69.66 24.82
N GLY C 322 -55.03 -69.71 23.55
CA GLY C 322 -55.80 -70.83 23.00
C GLY C 322 -56.21 -70.52 21.57
N ALA C 323 -56.79 -71.52 20.90
CA ALA C 323 -57.16 -71.35 19.50
C ALA C 323 -58.22 -70.28 19.31
N SER C 324 -59.14 -70.16 20.27
CA SER C 324 -60.23 -69.20 20.14
C SER C 324 -59.73 -67.76 20.29
N ARG C 325 -58.64 -67.59 21.04
CA ARG C 325 -58.08 -66.27 21.26
C ARG C 325 -57.16 -65.87 20.11
N ARG C 326 -56.61 -66.87 19.42
CA ARG C 326 -55.84 -66.60 18.20
C ARG C 326 -56.75 -66.29 17.02
N GLN C 327 -57.92 -66.93 16.98
CA GLN C 327 -58.87 -66.71 15.90
C GLN C 327 -59.48 -65.32 15.94
N LEU C 328 -59.73 -64.82 17.15
CA LEU C 328 -60.27 -63.48 17.34
C LEU C 328 -61.55 -63.27 16.56
N SER C 329 -62.41 -64.27 16.52
CA SER C 329 -63.66 -64.13 15.77
C SER C 329 -64.54 -63.05 16.36
N THR C 330 -65.16 -62.27 15.45
CA THR C 330 -66.16 -61.26 15.80
C THR C 330 -65.61 -60.05 16.56
N GLU C 331 -65.10 -60.29 17.77
CA GLU C 331 -64.68 -59.21 18.65
C GLU C 331 -63.18 -58.94 18.62
N TYR C 332 -62.83 -57.68 18.35
CA TYR C 332 -61.45 -57.23 18.34
C TYR C 332 -61.23 -56.07 19.30
N VAL C 333 -61.17 -54.86 18.75
CA VAL C 333 -60.92 -53.66 19.56
C VAL C 333 -62.18 -52.81 19.75
N ASP C 334 -62.99 -52.69 18.69
CA ASP C 334 -64.19 -51.85 18.67
C ASP C 334 -63.84 -50.37 18.68
N ALA C 335 -62.96 -49.96 19.58
CA ALA C 335 -62.38 -48.63 19.58
C ALA C 335 -60.96 -48.69 20.13
N VAL C 336 -60.07 -47.88 19.58
CA VAL C 336 -58.69 -47.86 20.03
C VAL C 336 -58.26 -46.48 20.50
N ALA C 337 -57.70 -46.44 21.69
CA ALA C 337 -57.22 -45.20 22.29
C ALA C 337 -55.95 -44.71 21.60
N LEU C 338 -55.88 -43.42 21.27
CA LEU C 338 -54.69 -42.85 20.66
C LEU C 338 -54.31 -41.47 21.20
N THR C 339 -53.02 -41.29 21.40
CA THR C 339 -52.41 -40.00 21.72
C THR C 339 -51.34 -39.77 20.67
N GLN C 340 -50.75 -38.59 20.65
CA GLN C 340 -49.77 -38.33 19.61
C GLN C 340 -48.69 -39.40 19.61
N TRP C 341 -48.44 -39.96 18.44
CA TRP C 341 -47.39 -40.96 18.19
C TRP C 341 -47.54 -42.29 18.92
N HIS C 342 -48.69 -42.53 19.56
CA HIS C 342 -48.88 -43.82 20.23
C HIS C 342 -50.29 -44.42 20.06
N ILE C 343 -50.33 -45.73 19.82
CA ILE C 343 -51.57 -46.50 19.71
C ILE C 343 -51.70 -47.51 20.84
N VAL C 344 -52.80 -47.43 21.60
CA VAL C 344 -53.01 -48.37 22.70
C VAL C 344 -54.26 -49.21 22.49
N SER C 345 -54.10 -50.53 22.47
CA SER C 345 -55.24 -51.41 22.28
C SER C 345 -55.12 -52.71 23.07
N LEU C 346 -56.27 -53.32 23.37
CA LEU C 346 -56.31 -54.63 24.01
C LEU C 346 -57.16 -55.59 23.20
N VAL C 347 -56.58 -56.71 22.80
CA VAL C 347 -57.32 -57.73 22.09
C VAL C 347 -57.16 -59.10 22.74
N ALA C 348 -58.28 -59.72 23.09
CA ALA C 348 -58.29 -61.06 23.65
C ALA C 348 -57.43 -61.17 24.90
N GLY C 349 -57.32 -60.08 25.66
CA GLY C 349 -56.57 -60.06 26.90
C GLY C 349 -55.13 -59.58 26.75
N ARG C 350 -54.67 -59.36 25.52
CA ARG C 350 -53.30 -58.89 25.29
C ARG C 350 -53.26 -57.39 25.03
N VAL C 351 -52.36 -56.69 25.72
CA VAL C 351 -52.21 -55.25 25.55
C VAL C 351 -50.92 -54.91 24.80
N VAL C 352 -51.07 -54.26 23.66
CA VAL C 352 -49.91 -53.84 22.89
C VAL C 352 -49.96 -52.35 22.59
N ILE C 353 -48.84 -51.68 22.80
CA ILE C 353 -48.75 -50.27 22.46
C ILE C 353 -47.72 -50.07 21.37
N ALA C 354 -48.12 -49.42 20.29
CA ALA C 354 -47.22 -49.19 19.17
C ALA C 354 -46.80 -47.73 19.09
N ASN C 355 -45.57 -47.49 18.66
CA ASN C 355 -45.07 -46.15 18.42
C ASN C 355 -45.23 -45.82 16.94
N ARG C 356 -46.06 -44.84 16.63
CA ARG C 356 -46.42 -44.56 15.24
C ARG C 356 -45.24 -44.03 14.43
N LEU C 357 -44.18 -43.63 15.12
CA LEU C 357 -42.99 -43.09 14.47
C LEU C 357 -42.17 -44.17 13.80
N THR C 358 -42.27 -45.41 14.31
CA THR C 358 -41.55 -46.53 13.71
C THR C 358 -42.48 -47.64 13.26
N GLY C 359 -43.67 -47.69 13.85
CA GLY C 359 -44.61 -48.76 13.55
C GLY C 359 -44.37 -49.99 14.42
N SER C 360 -43.36 -49.92 15.28
CA SER C 360 -43.00 -51.04 16.15
C SER C 360 -43.81 -51.06 17.43
N ILE C 361 -43.81 -52.20 18.11
CA ILE C 361 -44.49 -52.35 19.39
C ILE C 361 -43.53 -52.13 20.54
N ILE C 362 -43.87 -51.18 21.41
CA ILE C 362 -43.01 -50.80 22.53
C ILE C 362 -43.42 -51.51 23.83
N TYR C 363 -44.72 -51.69 24.01
CA TYR C 363 -45.25 -52.34 25.21
C TYR C 363 -46.00 -53.60 24.82
N ASP C 364 -45.70 -54.71 25.49
CA ASP C 364 -46.38 -55.96 25.21
C ASP C 364 -46.62 -56.76 26.50
N GLN C 365 -47.81 -56.63 27.06
CA GLN C 365 -48.17 -57.26 28.33
C GLN C 365 -49.62 -57.75 28.31
N THR C 366 -49.92 -58.71 29.17
CA THR C 366 -51.29 -59.21 29.30
C THR C 366 -52.14 -58.31 30.18
N ILE C 367 -53.46 -58.52 30.13
CA ILE C 367 -54.40 -57.78 30.95
C ILE C 367 -54.20 -58.08 32.43
N LEU C 368 -54.35 -57.05 33.27
CA LEU C 368 -54.14 -57.20 34.71
C LEU C 368 -55.14 -58.20 35.31
N ASN C 369 -56.36 -58.21 34.77
CA ASN C 369 -57.39 -59.15 35.20
C ASN C 369 -57.72 -60.13 34.06
N PRO C 370 -57.20 -61.36 34.11
CA PRO C 370 -57.26 -62.39 33.08
C PRO C 370 -58.69 -62.77 32.70
N GLY C 371 -59.65 -62.49 33.59
CA GLY C 371 -61.03 -62.84 33.33
C GLY C 371 -61.79 -61.73 32.61
N GLN C 372 -61.08 -60.64 32.32
CA GLN C 372 -61.71 -59.48 31.68
C GLN C 372 -61.29 -59.30 30.23
N LYS C 373 -62.15 -58.66 29.46
CA LYS C 373 -61.86 -58.27 28.09
C LYS C 373 -62.30 -56.83 27.85
N ALA C 374 -61.61 -56.14 26.95
CA ALA C 374 -61.95 -54.75 26.65
C ALA C 374 -63.27 -54.67 25.89
N VAL C 375 -64.02 -53.59 26.15
CA VAL C 375 -65.22 -53.27 25.39
C VAL C 375 -64.96 -52.03 24.56
N GLY C 376 -63.69 -51.63 24.52
CA GLY C 376 -63.25 -50.47 23.77
C GLY C 376 -62.31 -49.59 24.59
N LEU C 377 -61.47 -48.84 23.88
CA LEU C 377 -60.52 -47.92 24.50
C LEU C 377 -60.70 -46.51 23.94
N CYS C 378 -60.37 -45.49 24.74
CA CYS C 378 -60.50 -44.11 24.31
C CYS C 378 -59.50 -43.19 25.00
N VAL C 379 -59.42 -41.93 24.54
CA VAL C 379 -58.48 -40.96 25.08
C VAL C 379 -59.09 -39.61 25.41
N ASP C 380 -58.69 -39.06 26.56
CA ASP C 380 -58.98 -37.67 26.87
C ASP C 380 -57.83 -36.81 26.34
N GLN C 381 -58.11 -36.05 25.29
CA GLN C 381 -57.06 -35.30 24.61
C GLN C 381 -56.58 -34.12 25.44
N GLN C 382 -57.31 -33.82 26.51
CA GLN C 382 -56.92 -32.74 27.41
C GLN C 382 -56.00 -33.27 28.51
N LYS C 383 -55.94 -34.60 28.63
CA LYS C 383 -55.10 -35.26 29.63
C LYS C 383 -54.07 -36.16 28.95
N SER C 384 -54.19 -36.33 27.64
CA SER C 384 -53.29 -37.18 26.87
C SER C 384 -53.12 -38.53 27.53
N THR C 385 -54.24 -39.10 27.98
CA THR C 385 -54.23 -40.36 28.70
C THR C 385 -55.25 -41.32 28.10
N PHE C 386 -54.96 -42.62 28.17
CA PHE C 386 -55.85 -43.61 27.57
C PHE C 386 -56.65 -44.32 28.65
N TRP C 387 -57.92 -44.57 28.37
CA TRP C 387 -58.75 -45.37 29.26
C TRP C 387 -59.17 -46.68 28.60
N LEU C 388 -59.12 -47.75 29.38
CA LEU C 388 -59.47 -49.08 28.92
C LEU C 388 -60.68 -49.59 29.69
N PHE C 389 -61.75 -49.91 28.98
CA PHE C 389 -62.97 -50.33 29.65
C PHE C 389 -63.19 -51.83 29.53
N THR C 390 -63.53 -52.46 30.64
CA THR C 390 -63.91 -53.88 30.69
C THR C 390 -65.22 -53.98 31.47
N PRO C 391 -65.94 -55.11 31.39
CA PRO C 391 -67.20 -55.38 32.07
C PRO C 391 -67.14 -55.14 33.59
N GLN C 392 -66.00 -55.42 34.21
CA GLN C 392 -65.90 -55.22 35.66
C GLN C 392 -64.98 -54.08 36.08
N GLU C 393 -63.98 -53.76 35.26
CA GLU C 393 -62.97 -52.79 35.67
C GLU C 393 -62.59 -51.79 34.58
N ILE C 394 -62.14 -50.61 35.00
CA ILE C 394 -61.63 -49.60 34.09
C ILE C 394 -60.18 -49.27 34.44
N PHE C 395 -59.32 -49.23 33.43
CA PHE C 395 -57.89 -49.01 33.65
C PHE C 395 -57.38 -47.78 32.93
N GLU C 396 -56.37 -47.14 33.50
CA GLU C 396 -55.71 -45.99 32.89
C GLU C 396 -54.31 -46.31 32.43
N ILE C 397 -53.96 -45.82 31.25
CA ILE C 397 -52.62 -45.99 30.71
C ILE C 397 -51.90 -44.63 30.66
N VAL C 398 -50.83 -44.51 31.43
CA VAL C 398 -50.16 -43.23 31.58
C VAL C 398 -48.65 -43.31 31.28
N PRO C 399 -48.12 -42.46 30.40
CA PRO C 399 -46.71 -42.34 30.06
C PRO C 399 -45.91 -41.80 31.23
N ARG C 400 -44.67 -42.25 31.37
CA ARG C 400 -43.81 -41.73 32.43
C ARG C 400 -43.12 -40.43 32.04
N ASP C 401 -42.78 -40.28 30.78
CA ASP C 401 -42.43 -38.96 30.28
C ASP C 401 -42.87 -38.87 28.85
N GLU C 402 -44.02 -38.27 28.62
CA GLU C 402 -44.57 -38.30 27.28
C GLU C 402 -43.57 -37.73 26.28
N ASP C 403 -42.98 -36.59 26.61
CA ASP C 403 -42.10 -35.95 25.64
C ASP C 403 -40.84 -36.76 25.37
N ARG C 404 -40.19 -37.23 26.44
CA ARG C 404 -38.93 -37.98 26.31
C ARG C 404 -39.14 -39.38 25.72
N ASP C 405 -40.29 -39.99 26.03
CA ASP C 405 -40.58 -41.32 25.54
C ASP C 405 -40.87 -41.27 24.05
N ILE C 406 -41.48 -40.17 23.61
CA ILE C 406 -41.67 -39.93 22.18
C ILE C 406 -40.36 -39.65 21.48
N TRP C 407 -39.55 -38.76 22.04
CA TRP C 407 -38.29 -38.37 21.43
C TRP C 407 -37.30 -39.52 21.26
N LYS C 408 -37.11 -40.31 22.30
CA LYS C 408 -36.05 -41.32 22.34
C LYS C 408 -36.06 -42.27 21.14
N ILE C 409 -37.23 -42.65 20.65
CA ILE C 409 -37.29 -43.64 19.59
C ILE C 409 -36.65 -43.11 18.31
N MET C 410 -36.67 -41.78 18.14
CA MET C 410 -36.05 -41.15 16.98
C MET C 410 -34.64 -40.69 17.27
N LEU C 411 -34.39 -40.23 18.50
CA LEU C 411 -33.09 -39.66 18.84
C LEU C 411 -31.96 -40.66 18.71
N GLN C 412 -32.25 -41.93 19.03
CA GLN C 412 -31.22 -42.96 18.99
C GLN C 412 -31.25 -43.73 17.68
N LEU C 413 -32.11 -43.30 16.75
CA LEU C 413 -32.28 -44.02 15.49
C LEU C 413 -31.97 -43.14 14.28
N GLN C 414 -32.54 -41.94 14.26
CA GLN C 414 -32.41 -41.05 13.12
C GLN C 414 -31.90 -39.66 13.51
N GLN C 415 -32.50 -39.08 14.55
CA GLN C 415 -32.21 -37.70 14.93
C GLN C 415 -31.03 -37.61 15.87
N PHE C 416 -29.87 -37.96 15.35
CA PHE C 416 -28.64 -38.06 16.12
C PHE C 416 -28.11 -36.70 16.57
N ASP C 417 -28.38 -35.66 15.79
CA ASP C 417 -27.92 -34.32 16.13
C ASP C 417 -28.77 -33.72 17.24
N ALA C 418 -30.09 -33.82 17.10
CA ALA C 418 -31.01 -33.32 18.10
C ALA C 418 -30.76 -34.00 19.44
N ALA C 419 -30.38 -35.28 19.38
CA ALA C 419 -30.13 -36.08 20.56
C ALA C 419 -29.06 -35.47 21.45
N LEU C 420 -28.19 -34.66 20.88
CA LEU C 420 -27.09 -34.09 21.64
C LEU C 420 -27.59 -33.00 22.57
N GLN C 421 -28.83 -32.56 22.36
CA GLN C 421 -29.43 -31.55 23.22
C GLN C 421 -30.52 -32.14 24.12
N TYR C 422 -31.25 -33.14 23.62
CA TYR C 422 -32.36 -33.72 24.35
C TYR C 422 -31.94 -34.80 25.35
N ALA C 423 -30.88 -35.52 25.03
CA ALA C 423 -30.40 -36.62 25.87
C ALA C 423 -29.95 -36.15 27.24
N HIS C 424 -30.32 -36.94 28.26
CA HIS C 424 -29.93 -36.64 29.63
C HIS C 424 -28.63 -37.36 29.98
N THR C 425 -28.23 -38.28 29.10
CA THR C 425 -27.06 -39.11 29.34
C THR C 425 -25.94 -38.79 28.34
N PRO C 426 -24.77 -38.34 28.82
CA PRO C 426 -23.57 -38.03 28.06
C PRO C 426 -23.13 -39.20 27.19
N ALA C 427 -23.30 -40.42 27.70
CA ALA C 427 -22.90 -41.61 26.95
C ALA C 427 -23.71 -41.74 25.67
N GLU C 428 -24.99 -41.41 25.76
CA GLU C 428 -25.88 -41.47 24.61
C GLU C 428 -25.49 -40.41 23.59
N LYS C 429 -25.12 -39.24 24.10
CA LYS C 429 -24.76 -38.12 23.24
C LYS C 429 -23.57 -38.46 22.35
N ASP C 430 -22.57 -39.10 22.91
CA ASP C 430 -21.40 -39.44 22.13
C ASP C 430 -21.70 -40.56 21.14
N ALA C 431 -22.51 -41.52 21.58
CA ALA C 431 -22.88 -42.65 20.73
C ALA C 431 -23.58 -42.21 19.45
N VAL C 432 -24.48 -41.23 19.57
CA VAL C 432 -25.21 -40.75 18.42
C VAL C 432 -24.36 -39.82 17.53
N ALA C 433 -23.49 -39.03 18.15
CA ALA C 433 -22.60 -38.17 17.36
C ALA C 433 -21.69 -38.99 16.46
N ILE C 434 -21.23 -40.13 16.95
CA ILE C 434 -20.39 -41.00 16.13
C ILE C 434 -21.16 -41.59 14.96
N ALA C 435 -22.36 -42.10 15.23
CA ALA C 435 -23.16 -42.68 14.16
C ALA C 435 -23.41 -41.65 13.07
N SER C 436 -23.72 -40.42 13.47
CA SER C 436 -23.95 -39.34 12.52
C SER C 436 -22.67 -38.98 11.78
N GLY C 437 -21.61 -38.78 12.55
CA GLY C 437 -20.33 -38.37 11.99
C GLY C 437 -19.81 -39.37 10.97
N ASP C 438 -19.78 -40.65 11.32
CA ASP C 438 -19.23 -41.64 10.40
C ASP C 438 -19.99 -41.65 9.07
N HIS C 439 -21.31 -41.53 9.14
CA HIS C 439 -22.14 -41.46 7.94
C HIS C 439 -21.79 -40.24 7.10
N LEU C 440 -21.73 -39.08 7.75
CA LEU C 440 -21.52 -37.81 7.07
C LEU C 440 -20.15 -37.72 6.37
N VAL C 441 -19.10 -38.20 7.03
CA VAL C 441 -17.76 -38.15 6.46
C VAL C 441 -17.61 -39.17 5.34
N SER C 442 -18.31 -40.30 5.46
CA SER C 442 -18.30 -41.31 4.42
C SER C 442 -18.93 -40.82 3.13
N LYS C 443 -20.06 -40.12 3.25
CA LYS C 443 -20.73 -39.53 2.08
C LYS C 443 -19.96 -38.32 1.55
N GLY C 444 -19.32 -37.59 2.46
CA GLY C 444 -18.53 -36.42 2.08
C GLY C 444 -18.96 -35.12 2.76
N GLN C 445 -19.93 -35.21 3.66
CA GLN C 445 -20.38 -34.05 4.42
C GLN C 445 -19.52 -33.86 5.66
N PHE C 446 -18.27 -33.47 5.46
CA PHE C 446 -17.31 -33.37 6.55
C PHE C 446 -17.63 -32.19 7.46
N LEU C 447 -18.21 -31.16 6.85
CA LEU C 447 -18.62 -29.93 7.55
C LEU C 447 -19.70 -30.23 8.58
N GLU C 448 -20.70 -30.99 8.15
CA GLU C 448 -21.79 -31.36 9.04
C GLU C 448 -21.26 -32.27 10.15
N ALA C 449 -20.30 -33.11 9.81
CA ALA C 449 -19.69 -34.00 10.80
C ALA C 449 -18.97 -33.17 11.86
N ALA C 450 -18.34 -32.09 11.42
CA ALA C 450 -17.65 -31.22 12.36
C ALA C 450 -18.63 -30.67 13.38
N ALA C 451 -19.83 -30.31 12.94
CA ALA C 451 -20.82 -29.73 13.82
C ALA C 451 -21.32 -30.74 14.87
N VAL C 452 -21.59 -31.97 14.44
CA VAL C 452 -22.12 -32.97 15.35
C VAL C 452 -21.06 -33.41 16.35
N TYR C 453 -19.80 -33.42 15.91
CA TYR C 453 -18.70 -33.78 16.78
C TYR C 453 -18.46 -32.70 17.82
N GLY C 454 -18.53 -31.45 17.38
CA GLY C 454 -18.28 -30.31 18.25
C GLY C 454 -19.28 -30.29 19.41
N LYS C 455 -20.53 -30.59 19.12
CA LYS C 455 -21.57 -30.61 20.14
C LYS C 455 -21.36 -31.76 21.12
N SER C 456 -20.80 -32.87 20.63
CA SER C 456 -20.55 -34.04 21.47
C SER C 456 -19.36 -33.82 22.41
N SER C 457 -19.09 -34.81 23.25
CA SER C 457 -17.98 -34.74 24.20
C SER C 457 -16.74 -35.46 23.68
N LYS C 458 -16.79 -35.94 22.44
CA LYS C 458 -15.67 -36.67 21.85
C LYS C 458 -14.40 -35.82 21.97
N PRO C 459 -13.26 -36.42 22.35
CA PRO C 459 -11.94 -35.82 22.46
C PRO C 459 -11.50 -35.03 21.24
N PHE C 460 -10.88 -33.90 21.51
CA PHE C 460 -10.40 -32.90 20.55
C PHE C 460 -9.49 -33.45 19.43
N GLU C 461 -8.46 -34.17 19.80
CA GLU C 461 -7.47 -34.64 18.84
C GLU C 461 -8.01 -35.68 17.85
N GLU C 462 -8.92 -36.55 18.31
CA GLU C 462 -9.41 -37.63 17.45
C GLU C 462 -10.10 -37.12 16.19
N VAL C 463 -10.91 -36.06 16.34
CA VAL C 463 -11.59 -35.48 15.19
C VAL C 463 -10.67 -34.59 14.37
N ALA C 464 -9.75 -33.92 15.03
CA ALA C 464 -8.83 -33.08 14.31
C ALA C 464 -7.99 -33.94 13.36
N LEU C 465 -7.56 -35.10 13.83
CA LEU C 465 -6.78 -36.00 12.99
C LEU C 465 -7.55 -36.48 11.76
N THR C 466 -8.83 -36.81 11.94
CA THR C 466 -9.66 -37.25 10.81
C THR C 466 -9.82 -36.17 9.74
N PHE C 467 -10.12 -34.94 10.16
CA PHE C 467 -10.39 -33.88 9.19
C PHE C 467 -9.12 -33.49 8.44
N ILE C 468 -7.99 -33.58 9.13
CA ILE C 468 -6.70 -33.30 8.51
C ILE C 468 -6.32 -34.32 7.44
N ASP C 469 -6.46 -35.59 7.75
CA ASP C 469 -6.11 -36.64 6.79
C ASP C 469 -7.02 -36.58 5.57
N ASN C 470 -8.26 -36.16 5.78
CA ASN C 470 -9.25 -36.03 4.73
C ASN C 470 -9.12 -34.69 3.99
N GLU C 471 -8.17 -33.87 4.45
CA GLU C 471 -7.90 -32.53 3.90
C GLU C 471 -9.14 -31.66 3.85
N GLN C 472 -9.76 -31.44 5.02
CA GLN C 472 -10.95 -30.60 5.08
C GLN C 472 -10.78 -29.47 6.12
N PRO C 473 -10.09 -28.39 5.73
CA PRO C 473 -9.77 -27.23 6.54
C PRO C 473 -11.01 -26.61 7.17
N ASP C 474 -12.12 -26.67 6.45
CA ASP C 474 -13.36 -26.06 6.93
C ASP C 474 -13.99 -26.87 8.05
N ALA C 475 -13.97 -28.19 7.90
CA ALA C 475 -14.49 -29.09 8.93
C ALA C 475 -13.58 -29.06 10.15
N LEU C 476 -12.28 -28.91 9.90
CA LEU C 476 -11.29 -28.86 10.96
C LEU C 476 -11.53 -27.66 11.87
N ARG C 477 -11.70 -26.49 11.28
CA ARG C 477 -11.99 -25.26 12.03
C ARG C 477 -13.35 -25.27 12.72
N LYS C 478 -14.35 -25.83 12.04
CA LYS C 478 -15.73 -25.71 12.51
C LYS C 478 -16.04 -26.46 13.80
N TYR C 479 -15.47 -27.65 13.98
CA TYR C 479 -15.92 -28.49 15.09
C TYR C 479 -15.62 -27.87 16.46
N LEU C 480 -14.54 -27.10 16.56
CA LEU C 480 -14.26 -26.41 17.82
C LEU C 480 -15.18 -25.21 18.02
N LEU C 481 -15.42 -24.43 16.97
CA LEU C 481 -16.31 -23.28 17.10
C LEU C 481 -17.71 -23.69 17.53
N THR C 482 -18.16 -24.83 17.06
CA THR C 482 -19.47 -25.33 17.48
C THR C 482 -19.42 -25.67 18.96
N LYS C 483 -18.37 -26.37 19.37
CA LYS C 483 -18.15 -26.72 20.76
C LYS C 483 -18.11 -25.47 21.64
N LEU C 484 -17.41 -24.44 21.17
CA LEU C 484 -17.25 -23.19 21.91
C LEU C 484 -18.55 -22.41 22.06
N GLY C 485 -19.48 -22.59 21.13
CA GLY C 485 -20.77 -21.94 21.32
C GLY C 485 -21.55 -22.62 22.46
N THR C 486 -21.32 -23.91 22.64
CA THR C 486 -22.03 -24.73 23.63
C THR C 486 -21.39 -24.71 25.03
N TYR C 487 -20.06 -24.59 25.08
CA TYR C 487 -19.29 -24.76 26.31
C TYR C 487 -19.53 -23.68 27.39
N LYS C 488 -20.09 -22.55 26.98
CA LYS C 488 -20.36 -21.40 27.86
C LYS C 488 -19.15 -20.76 28.55
N LYS C 489 -19.22 -20.57 29.87
CA LYS C 489 -18.20 -19.78 30.57
C LYS C 489 -17.26 -20.57 31.49
N SER C 490 -17.76 -21.59 32.16
CA SER C 490 -16.96 -22.31 33.16
C SER C 490 -15.91 -23.14 32.45
N ALA C 491 -16.17 -23.38 31.19
CA ALA C 491 -15.35 -24.17 30.28
C ALA C 491 -14.31 -23.30 29.55
N VAL C 492 -14.31 -22.00 29.83
CA VAL C 492 -13.48 -21.04 29.09
C VAL C 492 -12.00 -21.35 29.24
N MET C 493 -11.61 -22.03 30.31
CA MET C 493 -10.20 -22.33 30.48
C MET C 493 -9.73 -23.24 29.35
N GLN C 494 -10.65 -24.04 28.82
CA GLN C 494 -10.36 -24.90 27.68
C GLN C 494 -10.08 -24.05 26.44
N ARG C 495 -10.77 -22.91 26.32
CA ARG C 495 -10.57 -22.02 25.17
C ARG C 495 -9.22 -21.33 25.26
N VAL C 496 -8.76 -21.09 26.47
CA VAL C 496 -7.47 -20.43 26.64
C VAL C 496 -6.33 -21.37 26.23
N MET C 497 -6.39 -22.60 26.73
CA MET C 497 -5.33 -23.58 26.46
C MET C 497 -5.24 -23.97 24.98
N ILE C 498 -6.40 -24.00 24.32
CA ILE C 498 -6.51 -24.37 22.90
C ILE C 498 -6.49 -23.13 22.01
N ALA C 499 -6.25 -21.97 22.61
CA ALA C 499 -6.33 -20.69 21.90
C ALA C 499 -5.30 -20.63 20.78
N THR C 500 -4.13 -21.21 20.98
CA THR C 500 -3.12 -21.14 19.93
C THR C 500 -3.66 -21.84 18.69
N TRP C 501 -4.35 -22.96 18.89
CA TRP C 501 -4.87 -23.73 17.78
C TRP C 501 -5.87 -22.96 16.93
N LEU C 502 -6.86 -22.38 17.59
CA LEU C 502 -7.95 -21.74 16.86
C LEU C 502 -7.43 -20.56 16.05
N ILE C 503 -6.55 -19.77 16.65
CA ILE C 503 -5.99 -18.61 15.98
C ILE C 503 -5.07 -19.01 14.83
N GLU C 504 -4.34 -20.11 14.97
CA GLU C 504 -3.46 -20.56 13.88
C GLU C 504 -4.25 -21.10 12.69
N VAL C 505 -5.29 -21.88 12.95
CA VAL C 505 -6.13 -22.42 11.89
C VAL C 505 -6.91 -21.28 11.24
N PHE C 506 -7.44 -20.42 12.11
CA PHE C 506 -8.19 -19.24 11.72
C PHE C 506 -7.40 -18.36 10.76
N MET C 507 -6.18 -18.02 11.14
CA MET C 507 -5.32 -17.21 10.29
C MET C 507 -4.95 -17.92 9.01
N ALA C 508 -4.67 -19.21 9.08
CA ALA C 508 -4.25 -19.95 7.90
C ALA C 508 -5.28 -19.88 6.77
N LYS C 509 -6.56 -19.97 7.12
CA LYS C 509 -7.60 -19.91 6.10
C LYS C 509 -7.62 -18.54 5.44
N LEU C 510 -7.57 -17.51 6.28
CA LEU C 510 -7.60 -16.14 5.83
C LEU C 510 -6.37 -15.76 5.02
N ASN C 511 -5.21 -16.25 5.43
CA ASN C 511 -3.99 -15.92 4.71
C ASN C 511 -4.17 -16.35 3.26
N SER C 512 -4.79 -17.50 3.06
CA SER C 512 -5.02 -17.97 1.71
C SER C 512 -5.96 -17.07 0.95
N LEU C 513 -7.06 -16.71 1.61
CA LEU C 513 -8.10 -15.92 0.97
C LEU C 513 -7.60 -14.51 0.64
N ASP C 514 -6.75 -13.95 1.52
CA ASP C 514 -6.18 -12.62 1.32
C ASP C 514 -5.06 -12.59 0.29
N ASP C 515 -4.22 -13.64 0.30
CA ASP C 515 -3.11 -13.76 -0.63
C ASP C 515 -3.62 -13.99 -2.03
N THR C 516 -4.71 -14.74 -2.13
CA THR C 516 -5.34 -15.00 -3.41
C THR C 516 -5.73 -13.71 -4.11
N ILE C 517 -6.22 -12.75 -3.34
CA ILE C 517 -6.64 -11.47 -3.88
C ILE C 517 -5.50 -10.67 -4.51
N ILE C 518 -4.35 -10.64 -3.84
CA ILE C 518 -3.23 -9.85 -4.33
C ILE C 518 -2.38 -10.59 -5.37
N THR C 519 -2.08 -11.86 -5.10
CA THR C 519 -1.14 -12.63 -5.93
C THR C 519 -1.01 -12.11 -7.37
N GLY C 520 -2.12 -12.10 -8.11
CA GLY C 520 -2.07 -11.67 -9.50
C GLY C 520 -3.40 -11.85 -10.21
N ALA C 521 -3.50 -11.24 -11.39
CA ALA C 521 -4.73 -11.26 -12.19
C ALA C 521 -5.12 -12.68 -12.59
N GLU C 522 -4.13 -13.52 -12.87
CA GLU C 522 -4.40 -14.86 -13.36
C GLU C 522 -5.10 -15.70 -12.30
N LEU C 523 -4.66 -15.57 -11.06
CA LEU C 523 -5.25 -16.32 -9.96
C LEU C 523 -6.62 -15.75 -9.59
N SER C 524 -6.73 -14.43 -9.66
CA SER C 524 -7.99 -13.75 -9.35
C SER C 524 -9.10 -14.17 -10.30
N GLU C 525 -8.79 -14.26 -11.58
CA GLU C 525 -9.77 -14.70 -12.56
C GLU C 525 -10.14 -16.16 -12.32
N THR C 526 -9.16 -16.97 -11.95
CA THR C 526 -9.37 -18.39 -11.70
C THR C 526 -10.27 -18.62 -10.49
N LEU C 527 -9.97 -17.92 -9.39
CA LEU C 527 -10.72 -18.08 -8.15
C LEU C 527 -11.61 -16.87 -7.90
N ASN C 528 -12.92 -17.09 -8.03
CA ASN C 528 -13.90 -16.01 -7.93
C ASN C 528 -13.65 -15.10 -6.73
N PRO C 529 -13.32 -13.82 -7.00
CA PRO C 529 -12.91 -12.82 -6.03
C PRO C 529 -14.06 -12.41 -5.11
N ASN C 530 -15.29 -12.63 -5.57
CA ASN C 530 -16.46 -12.24 -4.78
C ASN C 530 -16.74 -13.29 -3.72
N GLN C 531 -16.53 -14.55 -4.09
CA GLN C 531 -16.66 -15.66 -3.14
C GLN C 531 -15.58 -15.57 -2.08
N THR C 532 -14.40 -15.11 -2.49
CA THR C 532 -13.28 -14.93 -1.58
C THR C 532 -13.62 -13.88 -0.52
N LYS C 533 -14.18 -12.76 -0.97
CA LYS C 533 -14.57 -11.70 -0.05
C LYS C 533 -15.58 -12.18 0.99
N GLU C 534 -16.57 -12.98 0.55
CA GLU C 534 -17.59 -13.47 1.45
C GLU C 534 -16.98 -14.33 2.55
N GLN C 535 -16.01 -15.16 2.18
CA GLN C 535 -15.34 -16.03 3.13
C GLN C 535 -14.50 -15.21 4.09
N LEU C 536 -13.83 -14.17 3.57
CA LEU C 536 -13.00 -13.32 4.41
C LEU C 536 -13.80 -12.66 5.51
N GLU C 537 -14.95 -12.08 5.17
CA GLU C 537 -15.71 -11.38 6.18
C GLU C 537 -16.37 -12.35 7.17
N ALA C 538 -16.89 -13.45 6.67
CA ALA C 538 -17.55 -14.42 7.54
C ALA C 538 -16.58 -15.02 8.55
N VAL C 539 -15.39 -15.41 8.09
CA VAL C 539 -14.40 -16.00 8.99
C VAL C 539 -13.82 -15.01 9.99
N ARG C 540 -13.45 -13.82 9.52
CA ARG C 540 -12.89 -12.83 10.43
C ARG C 540 -13.89 -12.51 11.53
N ALA C 541 -15.13 -12.30 11.14
CA ALA C 541 -16.16 -11.87 12.08
C ALA C 541 -16.38 -12.89 13.18
N GLU C 542 -16.41 -14.17 12.84
CA GLU C 542 -16.66 -15.17 13.85
C GLU C 542 -15.56 -15.17 14.92
N PHE C 543 -14.31 -15.12 14.48
CA PHE C 543 -13.17 -15.15 15.39
C PHE C 543 -13.08 -13.90 16.24
N GLN C 544 -13.14 -12.74 15.57
CA GLN C 544 -12.94 -11.46 16.22
C GLN C 544 -14.02 -11.17 17.25
N ASP C 545 -15.25 -11.58 16.95
CA ASP C 545 -16.34 -11.38 17.90
C ASP C 545 -16.16 -12.23 19.15
N PHE C 546 -15.69 -13.46 18.97
CA PHE C 546 -15.54 -14.40 20.08
C PHE C 546 -14.42 -13.98 21.03
N ILE C 547 -13.28 -13.60 20.48
CA ILE C 547 -12.11 -13.26 21.28
C ILE C 547 -12.36 -11.97 22.06
N ASN C 548 -13.24 -11.13 21.55
CA ASN C 548 -13.66 -9.93 22.25
C ASN C 548 -14.52 -10.26 23.46
N LYS C 549 -15.48 -11.15 23.28
CA LYS C 549 -16.37 -11.55 24.36
C LYS C 549 -15.63 -12.26 25.49
N HIS C 550 -14.59 -13.01 25.17
CA HIS C 550 -13.83 -13.72 26.19
C HIS C 550 -12.44 -13.13 26.32
N LYS C 551 -12.30 -11.86 25.94
CA LYS C 551 -11.00 -11.19 25.93
C LYS C 551 -10.32 -11.14 27.28
N GLY C 552 -11.10 -11.17 28.35
CA GLY C 552 -10.55 -11.11 29.70
C GLY C 552 -9.96 -12.45 30.16
N ASP C 553 -10.32 -13.52 29.46
CA ASP C 553 -9.85 -14.85 29.82
C ASP C 553 -8.64 -15.28 28.98
N LEU C 554 -8.57 -14.79 27.75
CA LEU C 554 -7.51 -15.20 26.82
C LEU C 554 -6.14 -14.64 27.20
N ASP C 555 -5.10 -15.39 26.82
CA ASP C 555 -3.72 -14.96 27.06
C ASP C 555 -3.28 -13.98 25.98
N ARG C 556 -3.02 -12.74 26.38
CA ARG C 556 -2.70 -11.69 25.44
C ARG C 556 -1.40 -11.94 24.68
N LYS C 557 -0.39 -12.44 25.39
CA LYS C 557 0.91 -12.70 24.78
C LYS C 557 0.79 -13.72 23.65
N THR C 558 0.05 -14.80 23.90
CA THR C 558 -0.14 -15.84 22.90
C THR C 558 -0.59 -15.22 21.59
N VAL C 559 -1.57 -14.33 21.67
CA VAL C 559 -2.09 -13.67 20.48
C VAL C 559 -1.01 -12.82 19.81
N TYR C 560 -0.28 -12.04 20.61
CA TYR C 560 0.75 -11.17 20.04
C TYR C 560 1.82 -11.97 19.32
N ASP C 561 2.22 -13.09 19.92
CA ASP C 561 3.29 -13.90 19.35
C ASP C 561 2.85 -14.56 18.06
N VAL C 562 1.63 -15.09 18.05
CA VAL C 562 1.12 -15.78 16.88
C VAL C 562 1.00 -14.83 15.68
N ILE C 563 0.47 -13.64 15.91
CA ILE C 563 0.32 -12.66 14.84
C ILE C 563 1.64 -12.27 14.20
N GLY C 564 2.65 -12.03 15.03
CA GLY C 564 3.95 -11.63 14.54
C GLY C 564 4.55 -12.61 13.56
N SER C 565 4.30 -13.90 13.75
CA SER C 565 4.87 -14.88 12.85
C SER C 565 4.29 -14.83 11.44
N HIS C 566 3.04 -14.38 11.30
CA HIS C 566 2.41 -14.33 9.99
C HIS C 566 2.25 -12.90 9.46
N GLY C 567 2.24 -11.92 10.37
CA GLY C 567 2.14 -10.51 9.96
C GLY C 567 0.72 -9.93 9.84
N ARG C 568 -0.30 -10.58 10.39
CA ARG C 568 -1.65 -10.03 10.28
C ARG C 568 -1.93 -8.96 11.33
N GLU C 569 -1.27 -7.83 11.17
CA GLU C 569 -1.33 -6.74 12.14
C GLU C 569 -2.72 -6.08 12.26
N GLU C 570 -3.45 -5.99 11.16
CA GLU C 570 -4.73 -5.29 11.15
C GLU C 570 -5.80 -5.92 12.04
N GLU C 571 -5.78 -7.24 12.18
CA GLU C 571 -6.72 -7.92 13.06
C GLU C 571 -6.27 -7.84 14.50
N LEU C 572 -4.96 -7.84 14.71
CA LEU C 572 -4.38 -7.67 16.03
C LEU C 572 -4.72 -6.29 16.58
N LEU C 573 -4.66 -5.27 15.73
CA LEU C 573 -4.96 -3.92 16.17
C LEU C 573 -6.40 -3.83 16.66
N TYR C 574 -7.33 -4.43 15.92
CA TYR C 574 -8.72 -4.44 16.35
C TYR C 574 -8.88 -5.08 17.73
N TYR C 575 -8.26 -6.25 17.90
CA TYR C 575 -8.29 -6.94 19.19
C TYR C 575 -7.62 -6.09 20.26
N ALA C 576 -6.47 -5.53 19.91
CA ALA C 576 -5.68 -4.73 20.84
C ALA C 576 -6.50 -3.57 21.39
N ASN C 577 -7.39 -3.03 20.55
CA ASN C 577 -8.27 -1.96 20.98
C ASN C 577 -9.35 -2.48 21.91
N ALA C 578 -9.79 -3.72 21.70
CA ALA C 578 -10.81 -4.31 22.57
C ALA C 578 -10.28 -4.55 23.98
N ILE C 579 -9.02 -4.98 24.08
CA ILE C 579 -8.38 -5.18 25.38
C ILE C 579 -7.69 -3.90 25.84
N ASN C 580 -7.68 -2.90 24.98
CA ASN C 580 -7.11 -1.58 25.26
C ASN C 580 -5.65 -1.64 25.71
N ASP C 581 -4.83 -2.37 24.97
CA ASP C 581 -3.40 -2.41 25.23
C ASP C 581 -2.71 -1.16 24.64
N TYR C 582 -2.85 -0.04 25.34
CA TYR C 582 -2.45 1.25 24.83
C TYR C 582 -1.00 1.25 24.32
N ASN C 583 -0.12 0.57 25.04
CA ASN C 583 1.31 0.57 24.73
C ASN C 583 1.54 -0.09 23.38
N TYR C 584 0.76 -1.13 23.10
CA TYR C 584 0.92 -1.88 21.87
C TYR C 584 0.31 -1.12 20.70
N VAL C 585 -0.83 -0.49 20.94
CA VAL C 585 -1.51 0.26 19.89
C VAL C 585 -0.62 1.36 19.35
N LEU C 586 0.06 2.07 20.24
CA LEU C 586 0.95 3.14 19.82
C LEU C 586 2.23 2.63 19.18
N SER C 587 2.77 1.52 19.69
CA SER C 587 3.99 0.97 19.12
C SER C 587 3.77 0.59 17.65
N TYR C 588 2.66 -0.09 17.39
CA TYR C 588 2.29 -0.47 16.04
C TYR C 588 2.01 0.72 15.13
N TRP C 589 1.43 1.78 15.68
CA TRP C 589 1.20 2.98 14.88
C TRP C 589 2.50 3.56 14.36
N VAL C 590 3.51 3.65 15.22
CA VAL C 590 4.76 4.26 14.81
C VAL C 590 5.35 3.51 13.63
N GLN C 591 5.24 2.18 13.64
CA GLN C 591 5.78 1.42 12.53
C GLN C 591 5.08 1.81 11.23
N ARG C 592 3.77 2.03 11.28
CA ARG C 592 2.98 2.34 10.08
C ARG C 592 2.77 3.85 9.83
N GLU C 593 2.86 4.65 10.88
CA GLU C 593 2.60 6.10 10.80
C GLU C 593 1.28 6.43 10.12
N ARG C 594 0.21 5.75 10.53
CA ARG C 594 -1.12 5.98 10.00
C ARG C 594 -1.74 7.22 10.66
N TRP C 595 -1.38 8.41 10.16
CA TRP C 595 -1.75 9.66 10.82
C TRP C 595 -3.18 9.68 11.35
N THR C 596 -4.14 9.24 10.54
CA THR C 596 -5.54 9.33 10.94
C THR C 596 -5.81 8.59 12.24
N GLU C 597 -5.19 7.42 12.39
CA GLU C 597 -5.46 6.55 13.53
C GLU C 597 -4.92 7.17 14.81
N ALA C 598 -3.72 7.74 14.74
CA ALA C 598 -3.09 8.29 15.93
C ALA C 598 -3.95 9.38 16.55
N LEU C 599 -4.54 10.21 15.71
CA LEU C 599 -5.33 11.32 16.21
C LEU C 599 -6.61 10.82 16.86
N LYS C 600 -7.23 9.79 16.28
CA LYS C 600 -8.43 9.22 16.87
C LYS C 600 -8.14 8.69 18.27
N VAL C 601 -7.00 8.03 18.44
CA VAL C 601 -6.61 7.46 19.73
C VAL C 601 -6.33 8.56 20.75
N LEU C 602 -5.63 9.61 20.33
CA LEU C 602 -5.29 10.70 21.21
C LEU C 602 -6.52 11.50 21.62
N LYS C 603 -7.48 11.62 20.70
CA LYS C 603 -8.73 12.31 21.03
C LYS C 603 -9.54 11.55 22.07
N LYS C 604 -9.51 10.22 22.00
CA LYS C 604 -10.32 9.39 22.90
C LYS C 604 -9.68 9.20 24.29
N GLN C 605 -8.40 8.85 24.33
CA GLN C 605 -7.77 8.57 25.61
C GLN C 605 -6.67 9.56 25.99
N THR C 606 -5.95 10.06 24.98
CA THR C 606 -4.88 11.04 25.17
C THR C 606 -3.67 10.48 25.92
N ASP C 607 -3.89 10.15 27.20
CA ASP C 607 -2.83 9.66 28.07
C ASP C 607 -1.60 10.57 28.05
N PRO C 608 -1.70 11.76 28.68
CA PRO C 608 -0.73 12.84 28.68
C PRO C 608 0.68 12.38 29.05
N GLU C 609 0.77 11.33 29.86
CA GLU C 609 2.07 10.81 30.30
C GLU C 609 2.83 10.15 29.16
N VAL C 610 2.11 9.70 28.14
CA VAL C 610 2.71 9.05 26.97
C VAL C 610 2.59 9.95 25.74
N PHE C 611 1.60 10.85 25.79
CA PHE C 611 1.33 11.76 24.69
C PHE C 611 2.61 12.42 24.17
N TYR C 612 3.46 12.90 25.08
CA TYR C 612 4.65 13.64 24.67
C TYR C 612 5.61 12.79 23.84
N ARG C 613 5.97 11.61 24.35
CA ARG C 613 6.89 10.76 23.61
C ARG C 613 6.27 10.29 22.30
N TYR C 614 4.97 10.06 22.31
CA TYR C 614 4.28 9.63 21.09
C TYR C 614 4.27 10.76 20.06
N SER C 615 4.02 11.97 20.54
CA SER C 615 3.97 13.14 19.70
C SER C 615 5.28 13.36 18.95
N SER C 616 6.39 12.95 19.56
CA SER C 616 7.69 13.13 18.93
C SER C 616 7.71 12.69 17.46
N VAL C 617 6.95 11.64 17.13
CA VAL C 617 6.89 11.20 15.74
C VAL C 617 5.89 12.05 14.95
N LEU C 618 4.72 12.26 15.56
CA LEU C 618 3.62 13.00 14.96
C LEU C 618 3.97 14.45 14.63
N MET C 619 4.85 15.05 15.44
CA MET C 619 5.26 16.44 15.27
C MET C 619 5.80 16.74 13.89
N THR C 620 6.40 15.76 13.22
CA THR C 620 6.99 16.00 11.91
C THR C 620 5.91 16.26 10.86
N HIS C 621 4.83 15.50 10.89
CA HIS C 621 3.78 15.64 9.87
C HIS C 621 2.96 16.91 10.03
N ALA C 622 2.39 17.13 11.22
CA ALA C 622 1.51 18.27 11.43
C ALA C 622 1.32 18.57 12.91
N ALA C 623 2.26 19.32 13.47
CA ALA C 623 2.28 19.60 14.89
C ALA C 623 1.06 20.39 15.36
N THR C 624 0.55 21.27 14.52
CA THR C 624 -0.57 22.13 14.88
C THR C 624 -1.79 21.34 15.33
N GLU C 625 -2.09 20.26 14.61
CA GLU C 625 -3.27 19.46 14.90
C GLU C 625 -3.18 18.83 16.29
N LEU C 626 -1.98 18.48 16.70
CA LEU C 626 -1.75 17.86 18.01
C LEU C 626 -2.12 18.82 19.13
N VAL C 627 -1.86 20.10 18.90
CA VAL C 627 -2.16 21.13 19.88
C VAL C 627 -3.65 21.22 20.11
N GLU C 628 -4.42 21.25 19.02
CA GLU C 628 -5.86 21.39 19.12
C GLU C 628 -6.49 20.24 19.90
N ILE C 629 -5.94 19.04 19.73
CA ILE C 629 -6.46 17.87 20.41
C ILE C 629 -6.18 17.89 21.91
N LEU C 630 -4.93 18.19 22.29
CA LEU C 630 -4.55 18.15 23.69
C LEU C 630 -5.00 19.39 24.46
N MET C 631 -5.09 20.53 23.78
CA MET C 631 -5.41 21.79 24.43
C MET C 631 -6.77 21.76 25.12
N ARG C 632 -7.66 20.87 24.67
CA ARG C 632 -9.01 20.81 25.21
C ARG C 632 -9.22 19.66 26.19
N GLN C 633 -8.13 18.96 26.53
CA GLN C 633 -8.26 17.80 27.41
C GLN C 633 -8.26 18.20 28.88
N SER C 634 -9.35 18.81 29.31
CA SER C 634 -9.53 19.20 30.71
C SER C 634 -8.38 20.07 31.22
N ASN C 635 -7.85 19.71 32.38
CA ASN C 635 -6.76 20.46 32.99
C ASN C 635 -5.42 20.01 32.43
N LEU C 636 -4.87 20.82 31.54
CA LEU C 636 -3.64 20.46 30.83
C LEU C 636 -2.41 21.17 31.38
N ASN C 637 -1.36 20.38 31.62
CA ASN C 637 -0.06 20.94 32.01
C ASN C 637 0.64 21.50 30.75
N PRO C 638 0.89 22.81 30.71
CA PRO C 638 1.30 23.58 29.55
C PRO C 638 2.65 23.12 29.01
N ARG C 639 3.41 22.41 29.84
CA ARG C 639 4.76 21.99 29.45
C ARG C 639 4.71 20.76 28.54
N ASN C 640 3.51 20.21 28.34
CA ASN C 640 3.36 19.05 27.48
C ASN C 640 3.37 19.41 25.99
N LEU C 641 3.12 20.67 25.68
CA LEU C 641 3.07 21.11 24.29
C LEU C 641 4.27 21.95 23.86
N ILE C 642 4.79 22.75 24.78
CA ILE C 642 5.85 23.69 24.42
C ILE C 642 7.14 23.02 23.90
N PRO C 643 7.77 22.13 24.68
CA PRO C 643 9.13 21.63 24.49
C PRO C 643 9.21 20.68 23.30
N ALA C 644 8.07 20.27 22.79
CA ALA C 644 8.02 19.35 21.65
C ALA C 644 8.74 19.95 20.45
N MET C 645 8.75 21.28 20.37
CA MET C 645 9.39 21.98 19.27
C MET C 645 10.90 21.88 19.32
N LEU C 646 11.45 21.62 20.50
CA LEU C 646 12.90 21.50 20.61
C LEU C 646 13.42 20.34 19.75
N GLU C 647 12.66 19.25 19.75
CA GLU C 647 12.98 18.07 18.94
C GLU C 647 12.76 18.27 17.44
N TYR C 648 11.68 18.96 17.07
CA TYR C 648 11.42 19.26 15.65
C TYR C 648 12.50 20.10 14.98
N ASP C 649 12.95 21.18 15.62
CA ASP C 649 13.95 22.06 15.01
C ASP C 649 15.30 21.39 14.82
N ARG C 650 15.55 20.28 15.49
CA ARG C 650 16.81 19.57 15.30
C ARG C 650 16.88 18.88 13.93
N ASN C 651 15.73 18.52 13.40
CA ASN C 651 15.63 17.82 12.11
C ASN C 651 15.60 18.74 10.88
N TYR C 652 15.04 19.93 11.03
CA TYR C 652 14.92 20.85 9.89
C TYR C 652 15.85 22.06 10.00
N LYS C 653 16.30 22.55 8.85
CA LYS C 653 17.16 23.72 8.79
C LYS C 653 16.48 24.92 8.10
N GLY C 654 15.66 24.64 7.10
CA GLY C 654 15.10 25.68 6.23
C GLY C 654 14.09 26.63 6.91
N PRO C 655 13.86 27.78 6.28
CA PRO C 655 12.99 28.88 6.67
C PRO C 655 11.51 28.51 6.72
N LEU C 656 11.11 27.50 5.97
CA LEU C 656 9.70 27.11 5.96
C LEU C 656 9.37 26.32 7.22
N ALA C 657 10.35 25.55 7.68
CA ALA C 657 10.24 24.77 8.90
C ALA C 657 10.24 25.70 10.10
N GLN C 658 11.07 26.74 10.01
CA GLN C 658 11.18 27.75 11.06
C GLN C 658 9.91 28.60 11.19
N ASN C 659 9.27 28.92 10.07
CA ASN C 659 8.02 29.68 10.14
C ASN C 659 6.92 28.82 10.76
N GLN C 660 6.92 27.53 10.45
CA GLN C 660 5.97 26.58 11.02
C GLN C 660 6.20 26.44 12.52
N ALA C 661 7.47 26.43 12.89
CA ALA C 661 7.89 26.31 14.27
C ALA C 661 7.41 27.49 15.12
N VAL C 662 7.48 28.69 14.56
CA VAL C 662 7.00 29.89 15.25
C VAL C 662 5.49 29.84 15.46
N ARG C 663 4.77 29.48 14.40
CA ARG C 663 3.32 29.36 14.45
C ARG C 663 2.84 28.33 15.47
N TYR C 664 3.54 27.20 15.57
CA TYR C 664 3.18 26.21 16.57
C TYR C 664 3.24 26.79 17.97
N LEU C 665 4.37 27.39 18.31
CA LEU C 665 4.57 27.89 19.67
C LEU C 665 3.65 29.03 20.01
N LEU C 666 3.40 29.92 19.04
CA LEU C 666 2.52 31.05 19.30
C LEU C 666 1.11 30.58 19.60
N TYR C 667 0.63 29.60 18.84
CA TYR C 667 -0.70 29.05 19.09
C TYR C 667 -0.79 28.43 20.47
N VAL C 668 0.22 27.65 20.84
CA VAL C 668 0.19 26.93 22.11
C VAL C 668 0.16 27.88 23.30
N VAL C 669 1.03 28.88 23.30
CA VAL C 669 1.11 29.79 24.43
C VAL C 669 -0.09 30.74 24.50
N ASN C 670 -0.58 31.15 23.33
CA ASN C 670 -1.72 32.07 23.30
C ASN C 670 -2.98 31.40 23.80
N GLN C 671 -3.12 30.10 23.50
CA GLN C 671 -4.28 29.33 23.94
C GLN C 671 -4.19 28.96 25.42
N LEU C 672 -2.99 28.68 25.89
CA LEU C 672 -2.78 28.31 27.29
C LEU C 672 -2.94 29.51 28.22
N GLY C 673 -2.29 30.62 27.88
CA GLY C 673 -2.32 31.82 28.73
C GLY C 673 -1.46 31.61 29.97
N SER C 674 -0.49 30.71 29.88
CA SER C 674 0.35 30.35 31.01
C SER C 674 1.33 31.46 31.38
N THR C 675 1.58 31.59 32.69
CA THR C 675 2.55 32.54 33.21
C THR C 675 3.77 31.80 33.76
N ASP C 676 3.81 30.50 33.51
CA ASP C 676 4.89 29.63 33.97
C ASP C 676 6.25 30.04 33.40
N SER C 677 7.26 30.11 34.26
CA SER C 677 8.59 30.52 33.84
C SER C 677 9.24 29.52 32.90
N ALA C 678 8.96 28.23 33.08
CA ALA C 678 9.55 27.22 32.21
C ALA C 678 8.99 27.35 30.79
N VAL C 679 7.69 27.63 30.70
CA VAL C 679 7.06 27.87 29.41
C VAL C 679 7.66 29.06 28.70
N HIS C 680 7.81 30.17 29.42
CA HIS C 680 8.34 31.38 28.82
C HIS C 680 9.81 31.21 28.44
N ASN C 681 10.58 30.52 29.27
CA ASN C 681 12.01 30.35 29.03
C ASN C 681 12.27 29.57 27.75
N THR C 682 11.49 28.51 27.55
CA THR C 682 11.64 27.70 26.36
C THR C 682 11.17 28.45 25.12
N LEU C 683 10.07 29.21 25.25
CA LEU C 683 9.59 29.98 24.12
C LEU C 683 10.65 30.97 23.62
N VAL C 684 11.25 31.69 24.57
CA VAL C 684 12.28 32.66 24.22
C VAL C 684 13.50 32.03 23.58
N SER C 685 13.93 30.89 24.12
CA SER C 685 15.09 30.19 23.56
C SER C 685 14.89 29.77 22.11
N ILE C 686 13.73 29.17 21.82
CA ILE C 686 13.50 28.71 20.46
C ILE C 686 13.34 29.86 19.49
N TYR C 687 12.61 30.88 19.90
CA TYR C 687 12.40 32.04 19.07
C TYR C 687 13.72 32.72 18.70
N ALA C 688 14.62 32.84 19.66
CA ALA C 688 15.88 33.50 19.37
C ALA C 688 16.77 32.57 18.55
N SER C 689 16.69 31.27 18.83
CA SER C 689 17.51 30.27 18.15
C SER C 689 17.11 30.12 16.69
N HIS C 690 15.80 30.13 16.43
CA HIS C 690 15.27 29.89 15.09
C HIS C 690 14.18 30.92 14.73
N PRO C 691 14.58 32.16 14.50
CA PRO C 691 13.76 33.35 14.23
C PRO C 691 13.23 33.47 12.81
N SER C 692 13.62 32.54 11.94
CA SER C 692 13.31 32.64 10.50
C SER C 692 13.90 33.89 9.86
N LYS C 693 13.05 34.65 9.17
CA LYS C 693 13.50 35.86 8.51
C LYS C 693 13.05 37.13 9.24
N ASP C 694 11.78 37.18 9.62
CA ASP C 694 11.25 38.38 10.27
C ASP C 694 11.53 38.34 11.77
N GLU C 695 12.80 38.52 12.12
CA GLU C 695 13.22 38.49 13.51
C GLU C 695 12.54 39.59 14.31
N SER C 696 12.37 40.75 13.70
CA SER C 696 11.80 41.90 14.40
C SER C 696 10.37 41.63 14.86
N ALA C 697 9.53 41.09 13.98
CA ALA C 697 8.14 40.82 14.34
C ALA C 697 8.06 39.81 15.47
N LEU C 698 8.97 38.84 15.45
CA LEU C 698 8.99 37.81 16.48
C LEU C 698 9.44 38.39 17.82
N LEU C 699 10.42 39.29 17.80
CA LEU C 699 10.89 39.96 19.02
C LEU C 699 9.80 40.85 19.58
N GLU C 700 9.04 41.47 18.68
CA GLU C 700 7.94 42.35 19.06
C GLU C 700 6.90 41.59 19.89
N TYR C 701 6.64 40.34 19.51
CA TYR C 701 5.72 39.51 20.28
C TYR C 701 6.20 39.34 21.71
N LEU C 702 7.47 38.99 21.90
CA LEU C 702 7.99 38.82 23.26
C LEU C 702 8.00 40.16 23.98
N GLU C 703 8.32 41.23 23.25
CA GLU C 703 8.36 42.56 23.85
C GLU C 703 6.99 42.95 24.39
N SER C 704 5.95 42.60 23.63
CA SER C 704 4.58 42.90 24.01
C SER C 704 4.21 42.18 25.31
N GLN C 705 4.64 40.93 25.45
CA GLN C 705 4.34 40.16 26.65
C GLN C 705 4.94 40.83 27.89
N GLY C 706 6.15 41.38 27.74
CA GLY C 706 6.79 42.10 28.82
C GLY C 706 8.23 41.67 29.03
N GLU C 707 8.84 42.14 30.12
CA GLU C 707 10.23 41.85 30.44
C GLU C 707 10.37 40.50 31.14
N GLU C 708 9.37 40.14 31.94
CA GLU C 708 9.44 38.97 32.80
C GLU C 708 9.66 37.67 32.03
N PRO C 709 8.98 37.44 30.90
CA PRO C 709 9.03 36.22 30.10
C PRO C 709 10.46 35.84 29.71
N ASN C 710 11.34 36.83 29.63
CA ASN C 710 12.73 36.55 29.26
C ASN C 710 13.58 36.16 30.48
N TYR C 711 13.30 36.80 31.62
CA TYR C 711 13.93 36.48 32.91
C TYR C 711 15.43 36.74 32.98
N ASP C 712 16.20 36.08 32.11
CA ASP C 712 17.66 36.17 32.11
C ASP C 712 18.17 37.00 30.92
N PRO C 713 18.61 38.24 31.18
CA PRO C 713 19.08 39.21 30.20
C PRO C 713 20.15 38.63 29.30
N ASP C 714 21.15 37.99 29.91
CA ASP C 714 22.30 37.51 29.15
C ASP C 714 21.93 36.35 28.26
N PHE C 715 21.02 35.51 28.74
CA PHE C 715 20.58 34.36 27.95
C PHE C 715 19.93 34.79 26.65
N ALA C 716 18.94 35.67 26.76
CA ALA C 716 18.22 36.12 25.59
C ALA C 716 19.15 36.87 24.64
N LEU C 717 20.07 37.63 25.21
CA LEU C 717 21.01 38.39 24.38
C LEU C 717 21.97 37.49 23.62
N ARG C 718 22.51 36.48 24.26
CA ARG C 718 23.49 35.66 23.56
C ARG C 718 22.89 35.06 22.30
N LEU C 719 21.68 34.54 22.42
CA LEU C 719 21.02 33.90 21.29
C LEU C 719 20.67 34.88 20.17
N CYS C 720 20.18 36.06 20.53
CA CYS C 720 19.82 37.08 19.54
C CYS C 720 21.04 37.68 18.84
N ILE C 721 22.10 37.90 19.61
CA ILE C 721 23.32 38.53 19.11
C ILE C 721 24.09 37.62 18.15
N GLN C 722 24.21 36.35 18.49
CA GLN C 722 24.96 35.44 17.65
C GLN C 722 24.33 35.36 16.26
N HIS C 723 23.00 35.42 16.19
CA HIS C 723 22.32 35.37 14.89
C HIS C 723 22.58 36.61 14.06
N ARG C 724 22.27 37.78 14.62
CA ARG C 724 22.53 39.04 13.95
C ARG C 724 23.05 40.10 14.92
N ARG C 725 24.07 40.84 14.50
CA ARG C 725 24.67 41.86 15.35
C ARG C 725 24.26 43.27 14.91
N VAL C 726 24.31 44.20 15.86
CA VAL C 726 24.00 45.62 15.65
C VAL C 726 22.54 45.86 15.31
N LEU C 727 22.10 45.38 14.15
CA LEU C 727 20.75 45.65 13.68
C LEU C 727 19.70 45.04 14.59
N SER C 728 19.98 43.84 15.09
CA SER C 728 19.05 43.16 15.99
C SER C 728 19.42 43.41 17.46
N CYS C 729 20.67 43.78 17.70
CA CYS C 729 21.14 44.05 19.06
C CYS C 729 20.36 45.20 19.68
N ALA C 730 20.20 46.27 18.92
CA ALA C 730 19.52 47.45 19.44
C ALA C 730 18.13 47.10 19.93
N HIS C 731 17.45 46.21 19.23
CA HIS C 731 16.08 45.85 19.59
C HIS C 731 16.03 45.00 20.86
N ILE C 732 16.83 43.94 20.91
CA ILE C 732 16.80 43.05 22.06
C ILE C 732 17.31 43.74 23.33
N TYR C 733 18.26 44.66 23.19
CA TYR C 733 18.74 45.43 24.33
C TYR C 733 17.71 46.44 24.82
N THR C 734 16.89 46.96 23.90
CA THR C 734 15.84 47.89 24.31
C THR C 734 14.71 47.13 24.99
N SER C 735 14.39 45.94 24.47
CA SER C 735 13.28 45.14 24.99
C SER C 735 13.43 44.82 26.47
N MET C 736 14.61 44.32 26.89
CA MET C 736 14.83 44.04 28.31
C MET C 736 16.33 44.03 28.62
#